data_3F64
# 
_entry.id   3F64 
# 
_audit_conform.dict_name       mmcif_pdbx.dic 
_audit_conform.dict_version    5.399 
_audit_conform.dict_location   http://mmcif.pdb.org/dictionaries/ascii/mmcif_pdbx.dic 
# 
loop_
_database_2.database_id 
_database_2.database_code 
_database_2.pdbx_database_accession 
_database_2.pdbx_DOI 
PDB   3F64         pdb_00003f64 10.2210/pdb3f64/pdb 
RCSB  RCSB050193   ?            ?                   
WWPDB D_1000050193 ?            ?                   
# 
loop_
_pdbx_audit_revision_history.ordinal 
_pdbx_audit_revision_history.data_content_type 
_pdbx_audit_revision_history.major_revision 
_pdbx_audit_revision_history.minor_revision 
_pdbx_audit_revision_history.revision_date 
1 'Structure model' 1 0 2009-11-10 
2 'Structure model' 1 1 2011-07-13 
3 'Structure model' 1 2 2013-08-28 
4 'Structure model' 1 3 2017-10-25 
5 'Structure model' 1 4 2020-01-01 
6 'Structure model' 1 5 2020-07-29 
7 'Structure model' 1 6 2023-11-01 
8 'Structure model' 1 7 2024-11-20 
# 
loop_
_pdbx_audit_revision_details.ordinal 
_pdbx_audit_revision_details.revision_ordinal 
_pdbx_audit_revision_details.data_content_type 
_pdbx_audit_revision_details.provider 
_pdbx_audit_revision_details.type 
_pdbx_audit_revision_details.description 
_pdbx_audit_revision_details.details 
1 1 'Structure model' repository 'Initial release' ?                          ? 
2 6 'Structure model' repository Remediation       'Carbohydrate remediation' ? 
# 
loop_
_pdbx_audit_revision_group.ordinal 
_pdbx_audit_revision_group.revision_ordinal 
_pdbx_audit_revision_group.data_content_type 
_pdbx_audit_revision_group.group 
1  2 'Structure model' 'Version format compliance' 
2  3 'Structure model' 'Database references'       
3  4 'Structure model' 'Refinement description'    
4  5 'Structure model' 'Data collection'           
5  5 'Structure model' 'Database references'       
6  6 'Structure model' 'Derived calculations'      
7  6 'Structure model' 'Structure summary'         
8  7 'Structure model' 'Data collection'           
9  7 'Structure model' 'Database references'       
10 7 'Structure model' 'Refinement description'    
11 7 'Structure model' 'Structure summary'         
12 8 'Structure model' 'Structure summary'         
# 
loop_
_pdbx_audit_revision_category.ordinal 
_pdbx_audit_revision_category.revision_ordinal 
_pdbx_audit_revision_category.data_content_type 
_pdbx_audit_revision_category.category 
1  4 'Structure model' software                      
2  5 'Structure model' citation                      
3  5 'Structure model' citation_author               
4  5 'Structure model' diffrn_source                 
5  6 'Structure model' chem_comp                     
6  6 'Structure model' entity                        
7  6 'Structure model' pdbx_entity_nonpoly           
8  6 'Structure model' struct_site                   
9  6 'Structure model' struct_site_gen               
10 7 'Structure model' chem_comp                     
11 7 'Structure model' chem_comp_atom                
12 7 'Structure model' chem_comp_bond                
13 7 'Structure model' database_2                    
14 7 'Structure model' pdbx_initial_refinement_model 
15 8 'Structure model' pdbx_entry_details            
16 8 'Structure model' pdbx_modification_feature     
# 
loop_
_pdbx_audit_revision_item.ordinal 
_pdbx_audit_revision_item.revision_ordinal 
_pdbx_audit_revision_item.data_content_type 
_pdbx_audit_revision_item.item 
1  4 'Structure model' '_software.name'                       
2  5 'Structure model' '_citation.journal_abbrev'             
3  5 'Structure model' '_citation.journal_id_CSD'             
4  5 'Structure model' '_citation.pdbx_database_id_PubMed'    
5  5 'Structure model' '_citation.title'                      
6  5 'Structure model' '_citation_author.name'                
7  5 'Structure model' '_diffrn_source.pdbx_synchrotron_site' 
8  6 'Structure model' '_chem_comp.mon_nstd_flag'             
9  6 'Structure model' '_chem_comp.name'                      
10 6 'Structure model' '_chem_comp.type'                      
11 6 'Structure model' '_entity.pdbx_description'             
12 6 'Structure model' '_pdbx_entity_nonpoly.name'            
13 7 'Structure model' '_chem_comp.pdbx_synonyms'             
14 7 'Structure model' '_database_2.pdbx_DOI'                 
15 7 'Structure model' '_database_2.pdbx_database_accession'  
# 
_pdbx_database_status.status_code                     REL 
_pdbx_database_status.entry_id                        3F64 
_pdbx_database_status.recvd_initial_deposition_date   2008-11-05 
_pdbx_database_status.deposit_site                    RCSB 
_pdbx_database_status.process_site                    PDBJ 
_pdbx_database_status.status_code_sf                  REL 
_pdbx_database_status.status_code_mr                  ? 
_pdbx_database_status.SG_entry                        ? 
_pdbx_database_status.status_code_cs                  ? 
_pdbx_database_status.pdb_format_compatible           Y 
_pdbx_database_status.methods_development_category    ? 
_pdbx_database_status.status_code_nmr_data            ? 
# 
_pdbx_database_related.db_name        PDB 
_pdbx_database_related.db_id          1O9Z 
_pdbx_database_related.details        'F17G apoprotein' 
_pdbx_database_related.content_type   unspecified 
# 
loop_
_audit_author.name 
_audit_author.pdbx_ordinal 
'Buts, L.'       1  
'De Boer, A.'    2  
'Olsson, J.D.M.' 3  
'Jonckheere, W.' 4  
'De Kerpel, M.'  5  
'De Genst, E.'   6  
'Guerardel, Y.'  7  
'Willaert, R.'   8  
'Wyns, L.'       9  
'Wuhrer, M.'     10 
'Oscarson, S.'   11 
'De Greve, H.'   12 
'Bouckaert, J.'  13 
# 
_citation.id                        primary 
_citation.title                     
;Structural Sampling of Glycan Interaction Profiles Reveals Mucosal Receptors for Fimbrial Adhesins of Enterotoxigenic Escherichia coli.
;
_citation.journal_abbrev            'Biology (Basel)' 
_citation.journal_volume            2 
_citation.page_first                894 
_citation.page_last                 917 
_citation.year                      2013 
_citation.journal_id_ASTM           ? 
_citation.country                   CH 
_citation.journal_id_ISSN           2079-7737 
_citation.journal_id_CSD            ? 
_citation.book_publisher            ? 
_citation.pdbx_database_id_PubMed   24833052 
_citation.pdbx_database_id_DOI      10.3390/biology2030894 
# 
loop_
_citation_author.citation_id 
_citation_author.name 
_citation_author.ordinal 
_citation_author.identifier_ORCID 
primary 'Lonardi, E.'   1  ? 
primary 'Moonens, K.'   2  ? 
primary 'Buts, L.'      3  ? 
primary 'de Boer, A.R.' 4  ? 
primary 'Olsson, J.D.'  5  ? 
primary 'Weiss, M.S.'   6  ? 
primary 'Fabre, E.'     7  ? 
primary 'Guerardel, Y.' 8  ? 
primary 'Deelder, A.M.' 9  ? 
primary 'Oscarson, S.'  10 ? 
primary 'Wuhrer, M.'    11 ? 
primary 'Bouckaert, J.' 12 ? 
# 
loop_
_entity.id 
_entity.type 
_entity.src_method 
_entity.pdbx_description 
_entity.formula_weight 
_entity.pdbx_number_of_molecules 
_entity.pdbx_ec 
_entity.pdbx_mutation 
_entity.pdbx_fragment 
_entity.details 
1 polymer     man F17a-G                                                     19048.227 1   ? ? 
'Carbohydrate-binding domain, UNP residues 23-199' ? 
2 non-polymer syn '4-nitrophenyl 2-acetamido-2-deoxy-beta-D-glucopyranoside' 342.301   1   ? ? ? ? 
3 water       nat water                                                      18.015    181 ? ? ? ? 
# 
_entity_poly.entity_id                      1 
_entity_poly.type                           'polypeptide(L)' 
_entity_poly.nstd_linkage                   no 
_entity_poly.nstd_monomer                   no 
_entity_poly.pdbx_seq_one_letter_code       
;AVSFIGSTENDVGPSLGSYSRTHAMDNLPFVYDTRNKIGYQNANVWHISKGFCVGLDGKVDLPVVGSLDGQSIYGLTEEV
GLLIWMGDTKYSRGTAMSGNSWENVFSGWCVGANTASTQGLSVRVTPVILKRNSSARYSVQKTSIGSIRMRPYNGSSAGS
VQTTVNFSLNPFTLNDT
;
_entity_poly.pdbx_seq_one_letter_code_can   
;AVSFIGSTENDVGPSLGSYSRTHAMDNLPFVYDTRNKIGYQNANVWHISKGFCVGLDGKVDLPVVGSLDGQSIYGLTEEV
GLLIWMGDTKYSRGTAMSGNSWENVFSGWCVGANTASTQGLSVRVTPVILKRNSSARYSVQKTSIGSIRMRPYNGSSAGS
VQTTVNFSLNPFTLNDT
;
_entity_poly.pdbx_strand_id                 A 
_entity_poly.pdbx_target_identifier         ? 
# 
loop_
_pdbx_entity_nonpoly.entity_id 
_pdbx_entity_nonpoly.name 
_pdbx_entity_nonpoly.comp_id 
2 '4-nitrophenyl 2-acetamido-2-deoxy-beta-D-glucopyranoside' LEC 
3 water                                                      HOH 
# 
loop_
_entity_poly_seq.entity_id 
_entity_poly_seq.num 
_entity_poly_seq.mon_id 
_entity_poly_seq.hetero 
1 1   ALA n 
1 2   VAL n 
1 3   SER n 
1 4   PHE n 
1 5   ILE n 
1 6   GLY n 
1 7   SER n 
1 8   THR n 
1 9   GLU n 
1 10  ASN n 
1 11  ASP n 
1 12  VAL n 
1 13  GLY n 
1 14  PRO n 
1 15  SER n 
1 16  LEU n 
1 17  GLY n 
1 18  SER n 
1 19  TYR n 
1 20  SER n 
1 21  ARG n 
1 22  THR n 
1 23  HIS n 
1 24  ALA n 
1 25  MET n 
1 26  ASP n 
1 27  ASN n 
1 28  LEU n 
1 29  PRO n 
1 30  PHE n 
1 31  VAL n 
1 32  TYR n 
1 33  ASP n 
1 34  THR n 
1 35  ARG n 
1 36  ASN n 
1 37  LYS n 
1 38  ILE n 
1 39  GLY n 
1 40  TYR n 
1 41  GLN n 
1 42  ASN n 
1 43  ALA n 
1 44  ASN n 
1 45  VAL n 
1 46  TRP n 
1 47  HIS n 
1 48  ILE n 
1 49  SER n 
1 50  LYS n 
1 51  GLY n 
1 52  PHE n 
1 53  CYS n 
1 54  VAL n 
1 55  GLY n 
1 56  LEU n 
1 57  ASP n 
1 58  GLY n 
1 59  LYS n 
1 60  VAL n 
1 61  ASP n 
1 62  LEU n 
1 63  PRO n 
1 64  VAL n 
1 65  VAL n 
1 66  GLY n 
1 67  SER n 
1 68  LEU n 
1 69  ASP n 
1 70  GLY n 
1 71  GLN n 
1 72  SER n 
1 73  ILE n 
1 74  TYR n 
1 75  GLY n 
1 76  LEU n 
1 77  THR n 
1 78  GLU n 
1 79  GLU n 
1 80  VAL n 
1 81  GLY n 
1 82  LEU n 
1 83  LEU n 
1 84  ILE n 
1 85  TRP n 
1 86  MET n 
1 87  GLY n 
1 88  ASP n 
1 89  THR n 
1 90  LYS n 
1 91  TYR n 
1 92  SER n 
1 93  ARG n 
1 94  GLY n 
1 95  THR n 
1 96  ALA n 
1 97  MET n 
1 98  SER n 
1 99  GLY n 
1 100 ASN n 
1 101 SER n 
1 102 TRP n 
1 103 GLU n 
1 104 ASN n 
1 105 VAL n 
1 106 PHE n 
1 107 SER n 
1 108 GLY n 
1 109 TRP n 
1 110 CYS n 
1 111 VAL n 
1 112 GLY n 
1 113 ALA n 
1 114 ASN n 
1 115 THR n 
1 116 ALA n 
1 117 SER n 
1 118 THR n 
1 119 GLN n 
1 120 GLY n 
1 121 LEU n 
1 122 SER n 
1 123 VAL n 
1 124 ARG n 
1 125 VAL n 
1 126 THR n 
1 127 PRO n 
1 128 VAL n 
1 129 ILE n 
1 130 LEU n 
1 131 LYS n 
1 132 ARG n 
1 133 ASN n 
1 134 SER n 
1 135 SER n 
1 136 ALA n 
1 137 ARG n 
1 138 TYR n 
1 139 SER n 
1 140 VAL n 
1 141 GLN n 
1 142 LYS n 
1 143 THR n 
1 144 SER n 
1 145 ILE n 
1 146 GLY n 
1 147 SER n 
1 148 ILE n 
1 149 ARG n 
1 150 MET n 
1 151 ARG n 
1 152 PRO n 
1 153 TYR n 
1 154 ASN n 
1 155 GLY n 
1 156 SER n 
1 157 SER n 
1 158 ALA n 
1 159 GLY n 
1 160 SER n 
1 161 VAL n 
1 162 GLN n 
1 163 THR n 
1 164 THR n 
1 165 VAL n 
1 166 ASN n 
1 167 PHE n 
1 168 SER n 
1 169 LEU n 
1 170 ASN n 
1 171 PRO n 
1 172 PHE n 
1 173 THR n 
1 174 LEU n 
1 175 ASN n 
1 176 ASP n 
1 177 THR n 
# 
_entity_src_gen.entity_id                          1 
_entity_src_gen.pdbx_src_id                        1 
_entity_src_gen.pdbx_alt_source_flag               sample 
_entity_src_gen.pdbx_seq_type                      ? 
_entity_src_gen.pdbx_beg_seq_num                   ? 
_entity_src_gen.pdbx_end_seq_num                   ? 
_entity_src_gen.gene_src_common_name               ? 
_entity_src_gen.gene_src_genus                     ? 
_entity_src_gen.pdbx_gene_src_gene                 ? 
_entity_src_gen.gene_src_species                   ? 
_entity_src_gen.gene_src_strain                    ? 
_entity_src_gen.gene_src_tissue                    ? 
_entity_src_gen.gene_src_tissue_fraction           ? 
_entity_src_gen.gene_src_details                   ? 
_entity_src_gen.pdbx_gene_src_fragment             ? 
_entity_src_gen.pdbx_gene_src_scientific_name      'Escherichia coli' 
_entity_src_gen.pdbx_gene_src_ncbi_taxonomy_id     562 
_entity_src_gen.pdbx_gene_src_variant              ? 
_entity_src_gen.pdbx_gene_src_cell_line            ? 
_entity_src_gen.pdbx_gene_src_atcc                 ? 
_entity_src_gen.pdbx_gene_src_organ                ? 
_entity_src_gen.pdbx_gene_src_organelle            ? 
_entity_src_gen.pdbx_gene_src_cell                 ? 
_entity_src_gen.pdbx_gene_src_cellular_location    ? 
_entity_src_gen.host_org_common_name               ? 
_entity_src_gen.pdbx_host_org_scientific_name      'Escherichia coli' 
_entity_src_gen.pdbx_host_org_ncbi_taxonomy_id     562 
_entity_src_gen.host_org_genus                     ? 
_entity_src_gen.pdbx_host_org_gene                 ? 
_entity_src_gen.pdbx_host_org_organ                ? 
_entity_src_gen.host_org_species                   ? 
_entity_src_gen.pdbx_host_org_tissue               ? 
_entity_src_gen.pdbx_host_org_tissue_fraction      ? 
_entity_src_gen.pdbx_host_org_strain               BL21-AI 
_entity_src_gen.pdbx_host_org_variant              ? 
_entity_src_gen.pdbx_host_org_cell_line            ? 
_entity_src_gen.pdbx_host_org_atcc                 ? 
_entity_src_gen.pdbx_host_org_culture_collection   ? 
_entity_src_gen.pdbx_host_org_cell                 ? 
_entity_src_gen.pdbx_host_org_organelle            ? 
_entity_src_gen.pdbx_host_org_cellular_location    ? 
_entity_src_gen.pdbx_host_org_vector_type          plasmid 
_entity_src_gen.pdbx_host_org_vector               ? 
_entity_src_gen.host_org_details                   ? 
_entity_src_gen.expression_system_id               ? 
_entity_src_gen.plasmid_name                       pHD52 
_entity_src_gen.plasmid_details                    ? 
_entity_src_gen.pdbx_description                   ? 
# 
loop_
_chem_comp.id 
_chem_comp.type 
_chem_comp.mon_nstd_flag 
_chem_comp.name 
_chem_comp.pdbx_synonyms 
_chem_comp.formula 
_chem_comp.formula_weight 
ALA 'L-peptide linking' y ALANINE                                                    ? 'C3 H7 N O2'     89.093  
ARG 'L-peptide linking' y ARGININE                                                   ? 'C6 H15 N4 O2 1' 175.209 
ASN 'L-peptide linking' y ASPARAGINE                                                 ? 'C4 H8 N2 O3'    132.118 
ASP 'L-peptide linking' y 'ASPARTIC ACID'                                            ? 'C4 H7 N O4'     133.103 
CYS 'L-peptide linking' y CYSTEINE                                                   ? 'C3 H7 N O2 S'   121.158 
GLN 'L-peptide linking' y GLUTAMINE                                                  ? 'C5 H10 N2 O3'   146.144 
GLU 'L-peptide linking' y 'GLUTAMIC ACID'                                            ? 'C5 H9 N O4'     147.129 
GLY 'peptide linking'   y GLYCINE                                                    ? 'C2 H5 N O2'     75.067  
HIS 'L-peptide linking' y HISTIDINE                                                  ? 'C6 H10 N3 O2 1' 156.162 
HOH non-polymer         . WATER                                                      ? 'H2 O'           18.015  
ILE 'L-peptide linking' y ISOLEUCINE                                                 ? 'C6 H13 N O2'    131.173 
LEC D-saccharide        n '4-nitrophenyl 2-acetamido-2-deoxy-beta-D-glucopyranoside' 
;N-[(2S,3R,4R,5S,6R)-4,5-dihydroxy-6-(hydroxymethyl)-2-(4-nitrophenoxy)oxan-3-yl]ethanamide; 4-nitrophenyl 2-acetamido-2-deoxy-beta-D-glucoside; 4-nitrophenyl 2-acetamido-2-deoxy-D-glucoside; 4-nitrophenyl 2-acetamido-2-deoxy-glucoside
;
'C14 H18 N2 O8'  342.301 
LEU 'L-peptide linking' y LEUCINE                                                    ? 'C6 H13 N O2'    131.173 
LYS 'L-peptide linking' y LYSINE                                                     ? 'C6 H15 N2 O2 1' 147.195 
MET 'L-peptide linking' y METHIONINE                                                 ? 'C5 H11 N O2 S'  149.211 
PHE 'L-peptide linking' y PHENYLALANINE                                              ? 'C9 H11 N O2'    165.189 
PRO 'L-peptide linking' y PROLINE                                                    ? 'C5 H9 N O2'     115.130 
SER 'L-peptide linking' y SERINE                                                     ? 'C3 H7 N O3'     105.093 
THR 'L-peptide linking' y THREONINE                                                  ? 'C4 H9 N O3'     119.119 
TRP 'L-peptide linking' y TRYPTOPHAN                                                 ? 'C11 H12 N2 O2'  204.225 
TYR 'L-peptide linking' y TYROSINE                                                   ? 'C9 H11 N O3'    181.189 
VAL 'L-peptide linking' y VALINE                                                     ? 'C5 H11 N O2'    117.146 
# 
loop_
_pdbx_poly_seq_scheme.asym_id 
_pdbx_poly_seq_scheme.entity_id 
_pdbx_poly_seq_scheme.seq_id 
_pdbx_poly_seq_scheme.mon_id 
_pdbx_poly_seq_scheme.ndb_seq_num 
_pdbx_poly_seq_scheme.pdb_seq_num 
_pdbx_poly_seq_scheme.auth_seq_num 
_pdbx_poly_seq_scheme.pdb_mon_id 
_pdbx_poly_seq_scheme.auth_mon_id 
_pdbx_poly_seq_scheme.pdb_strand_id 
_pdbx_poly_seq_scheme.pdb_ins_code 
_pdbx_poly_seq_scheme.hetero 
A 1 1   ALA 1   1   1   ALA ALA A . n 
A 1 2   VAL 2   2   2   VAL VAL A . n 
A 1 3   SER 3   3   3   SER SER A . n 
A 1 4   PHE 4   4   4   PHE PHE A . n 
A 1 5   ILE 5   5   5   ILE ILE A . n 
A 1 6   GLY 6   6   6   GLY GLY A . n 
A 1 7   SER 7   7   7   SER SER A . n 
A 1 8   THR 8   8   8   THR THR A . n 
A 1 9   GLU 9   9   9   GLU GLU A . n 
A 1 10  ASN 10  10  10  ASN ASN A . n 
A 1 11  ASP 11  11  11  ASP ASP A . n 
A 1 12  VAL 12  12  12  VAL VAL A . n 
A 1 13  GLY 13  13  13  GLY GLY A . n 
A 1 14  PRO 14  14  14  PRO PRO A . n 
A 1 15  SER 15  15  15  SER SER A . n 
A 1 16  LEU 16  16  16  LEU LEU A . n 
A 1 17  GLY 17  17  17  GLY GLY A . n 
A 1 18  SER 18  18  18  SER SER A . n 
A 1 19  TYR 19  19  19  TYR TYR A . n 
A 1 20  SER 20  20  20  SER SER A . n 
A 1 21  ARG 21  21  21  ARG ARG A . n 
A 1 22  THR 22  22  ?   ?   ?   A . n 
A 1 23  HIS 23  23  ?   ?   ?   A . n 
A 1 24  ALA 24  24  ?   ?   ?   A . n 
A 1 25  MET 25  25  ?   ?   ?   A . n 
A 1 26  ASP 26  26  ?   ?   ?   A . n 
A 1 27  ASN 27  27  ?   ?   ?   A . n 
A 1 28  LEU 28  28  ?   ?   ?   A . n 
A 1 29  PRO 29  29  29  PRO PRO A . n 
A 1 30  PHE 30  30  30  PHE PHE A . n 
A 1 31  VAL 31  31  31  VAL VAL A . n 
A 1 32  TYR 32  32  32  TYR TYR A . n 
A 1 33  ASP 33  33  33  ASP ASP A . n 
A 1 34  THR 34  34  34  THR THR A . n 
A 1 35  ARG 35  35  35  ARG ARG A . n 
A 1 36  ASN 36  36  36  ASN ASN A . n 
A 1 37  LYS 37  37  37  LYS LYS A . n 
A 1 38  ILE 38  38  38  ILE ILE A . n 
A 1 39  GLY 39  39  39  GLY GLY A . n 
A 1 40  TYR 40  40  40  TYR TYR A . n 
A 1 41  GLN 41  41  41  GLN GLN A . n 
A 1 42  ASN 42  42  42  ASN ASN A . n 
A 1 43  ALA 43  43  43  ALA ALA A . n 
A 1 44  ASN 44  44  44  ASN ASN A . n 
A 1 45  VAL 45  45  45  VAL VAL A . n 
A 1 46  TRP 46  46  46  TRP TRP A . n 
A 1 47  HIS 47  47  47  HIS HIS A . n 
A 1 48  ILE 48  48  48  ILE ILE A . n 
A 1 49  SER 49  49  49  SER SER A . n 
A 1 50  LYS 50  50  50  LYS LYS A . n 
A 1 51  GLY 51  51  51  GLY GLY A . n 
A 1 52  PHE 52  52  52  PHE PHE A . n 
A 1 53  CYS 53  53  53  CYS CYS A . n 
A 1 54  VAL 54  54  54  VAL VAL A . n 
A 1 55  GLY 55  55  55  GLY GLY A . n 
A 1 56  LEU 56  56  56  LEU LEU A . n 
A 1 57  ASP 57  57  57  ASP ASP A . n 
A 1 58  GLY 58  58  58  GLY GLY A . n 
A 1 59  LYS 59  59  59  LYS LYS A . n 
A 1 60  VAL 60  60  60  VAL VAL A . n 
A 1 61  ASP 61  61  61  ASP ASP A . n 
A 1 62  LEU 62  62  62  LEU LEU A . n 
A 1 63  PRO 63  63  63  PRO PRO A . n 
A 1 64  VAL 64  64  64  VAL VAL A . n 
A 1 65  VAL 65  65  65  VAL VAL A . n 
A 1 66  GLY 66  66  66  GLY GLY A . n 
A 1 67  SER 67  67  67  SER SER A . n 
A 1 68  LEU 68  68  68  LEU LEU A . n 
A 1 69  ASP 69  69  69  ASP ASP A . n 
A 1 70  GLY 70  70  70  GLY GLY A . n 
A 1 71  GLN 71  71  71  GLN GLN A . n 
A 1 72  SER 72  72  72  SER SER A . n 
A 1 73  ILE 73  73  73  ILE ILE A . n 
A 1 74  TYR 74  74  74  TYR TYR A . n 
A 1 75  GLY 75  75  75  GLY GLY A . n 
A 1 76  LEU 76  76  76  LEU LEU A . n 
A 1 77  THR 77  77  77  THR THR A . n 
A 1 78  GLU 78  78  78  GLU GLU A . n 
A 1 79  GLU 79  79  79  GLU GLU A . n 
A 1 80  VAL 80  80  80  VAL VAL A . n 
A 1 81  GLY 81  81  81  GLY GLY A . n 
A 1 82  LEU 82  82  82  LEU LEU A . n 
A 1 83  LEU 83  83  83  LEU LEU A . n 
A 1 84  ILE 84  84  84  ILE ILE A . n 
A 1 85  TRP 85  85  85  TRP TRP A . n 
A 1 86  MET 86  86  86  MET MET A . n 
A 1 87  GLY 87  87  87  GLY GLY A . n 
A 1 88  ASP 88  88  88  ASP ASP A . n 
A 1 89  THR 89  89  89  THR THR A . n 
A 1 90  LYS 90  90  90  LYS LYS A . n 
A 1 91  TYR 91  91  91  TYR TYR A . n 
A 1 92  SER 92  92  92  SER SER A . n 
A 1 93  ARG 93  93  93  ARG ARG A . n 
A 1 94  GLY 94  94  94  GLY GLY A . n 
A 1 95  THR 95  95  95  THR THR A . n 
A 1 96  ALA 96  96  96  ALA ALA A . n 
A 1 97  MET 97  97  97  MET MET A . n 
A 1 98  SER 98  98  98  SER SER A . n 
A 1 99  GLY 99  99  99  GLY GLY A . n 
A 1 100 ASN 100 100 100 ASN ASN A . n 
A 1 101 SER 101 101 101 SER SER A . n 
A 1 102 TRP 102 102 102 TRP TRP A . n 
A 1 103 GLU 103 103 103 GLU GLU A . n 
A 1 104 ASN 104 104 104 ASN ASN A . n 
A 1 105 VAL 105 105 105 VAL VAL A . n 
A 1 106 PHE 106 106 106 PHE PHE A . n 
A 1 107 SER 107 107 107 SER SER A . n 
A 1 108 GLY 108 108 108 GLY GLY A . n 
A 1 109 TRP 109 109 109 TRP TRP A . n 
A 1 110 CYS 110 110 110 CYS CYS A . n 
A 1 111 VAL 111 111 111 VAL VAL A . n 
A 1 112 GLY 112 112 112 GLY GLY A . n 
A 1 113 ALA 113 113 113 ALA ALA A . n 
A 1 114 ASN 114 114 114 ASN ASN A . n 
A 1 115 THR 115 115 115 THR THR A . n 
A 1 116 ALA 116 116 116 ALA ALA A . n 
A 1 117 SER 117 117 117 SER SER A . n 
A 1 118 THR 118 118 118 THR THR A . n 
A 1 119 GLN 119 119 119 GLN GLN A . n 
A 1 120 GLY 120 120 120 GLY GLY A . n 
A 1 121 LEU 121 121 121 LEU LEU A . n 
A 1 122 SER 122 122 122 SER SER A . n 
A 1 123 VAL 123 123 123 VAL VAL A . n 
A 1 124 ARG 124 124 124 ARG ARG A . n 
A 1 125 VAL 125 125 125 VAL VAL A . n 
A 1 126 THR 126 126 126 THR THR A . n 
A 1 127 PRO 127 127 127 PRO PRO A . n 
A 1 128 VAL 128 128 128 VAL VAL A . n 
A 1 129 ILE 129 129 129 ILE ILE A . n 
A 1 130 LEU 130 130 130 LEU LEU A . n 
A 1 131 LYS 131 131 131 LYS LYS A . n 
A 1 132 ARG 132 132 132 ARG ARG A . n 
A 1 133 ASN 133 133 133 ASN ASN A . n 
A 1 134 SER 134 134 134 SER SER A . n 
A 1 135 SER 135 135 135 SER SER A . n 
A 1 136 ALA 136 136 136 ALA ALA A . n 
A 1 137 ARG 137 137 137 ARG ARG A . n 
A 1 138 TYR 138 138 138 TYR TYR A . n 
A 1 139 SER 139 139 139 SER SER A . n 
A 1 140 VAL 140 140 140 VAL VAL A . n 
A 1 141 GLN 141 141 141 GLN GLN A . n 
A 1 142 LYS 142 142 142 LYS LYS A . n 
A 1 143 THR 143 143 143 THR THR A . n 
A 1 144 SER 144 144 144 SER SER A . n 
A 1 145 ILE 145 145 145 ILE ILE A . n 
A 1 146 GLY 146 146 146 GLY GLY A . n 
A 1 147 SER 147 147 147 SER SER A . n 
A 1 148 ILE 148 148 148 ILE ILE A . n 
A 1 149 ARG 149 149 149 ARG ARG A . n 
A 1 150 MET 150 150 150 MET MET A . n 
A 1 151 ARG 151 151 151 ARG ARG A . n 
A 1 152 PRO 152 152 152 PRO PRO A . n 
A 1 153 TYR 153 153 153 TYR TYR A . n 
A 1 154 ASN 154 154 154 ASN ASN A . n 
A 1 155 GLY 155 155 155 GLY GLY A . n 
A 1 156 SER 156 156 156 SER SER A . n 
A 1 157 SER 157 157 157 SER SER A . n 
A 1 158 ALA 158 158 158 ALA ALA A . n 
A 1 159 GLY 159 159 159 GLY GLY A . n 
A 1 160 SER 160 160 160 SER SER A . n 
A 1 161 VAL 161 161 161 VAL VAL A . n 
A 1 162 GLN 162 162 162 GLN GLN A . n 
A 1 163 THR 163 163 163 THR THR A . n 
A 1 164 THR 164 164 164 THR THR A . n 
A 1 165 VAL 165 165 165 VAL VAL A . n 
A 1 166 ASN 166 166 166 ASN ASN A . n 
A 1 167 PHE 167 167 167 PHE PHE A . n 
A 1 168 SER 168 168 168 SER SER A . n 
A 1 169 LEU 169 169 169 LEU LEU A . n 
A 1 170 ASN 170 170 170 ASN ASN A . n 
A 1 171 PRO 171 171 171 PRO PRO A . n 
A 1 172 PHE 172 172 172 PHE PHE A . n 
A 1 173 THR 173 173 173 THR THR A . n 
A 1 174 LEU 174 174 174 LEU LEU A . n 
A 1 175 ASN 175 175 175 ASN ASN A . n 
A 1 176 ASP 176 176 ?   ?   ?   A . n 
A 1 177 THR 177 177 ?   ?   ?   A . n 
# 
loop_
_pdbx_nonpoly_scheme.asym_id 
_pdbx_nonpoly_scheme.entity_id 
_pdbx_nonpoly_scheme.mon_id 
_pdbx_nonpoly_scheme.ndb_seq_num 
_pdbx_nonpoly_scheme.pdb_seq_num 
_pdbx_nonpoly_scheme.auth_seq_num 
_pdbx_nonpoly_scheme.pdb_mon_id 
_pdbx_nonpoly_scheme.auth_mon_id 
_pdbx_nonpoly_scheme.pdb_strand_id 
_pdbx_nonpoly_scheme.pdb_ins_code 
B 2 LEC 1   178 1   LEC LIG A . 
C 3 HOH 1   179 179 HOH HOH A . 
C 3 HOH 2   180 180 HOH HOH A . 
C 3 HOH 3   181 181 HOH HOH A . 
C 3 HOH 4   182 182 HOH HOH A . 
C 3 HOH 5   183 183 HOH HOH A . 
C 3 HOH 6   184 184 HOH HOH A . 
C 3 HOH 7   185 185 HOH HOH A . 
C 3 HOH 8   186 186 HOH HOH A . 
C 3 HOH 9   187 187 HOH HOH A . 
C 3 HOH 10  188 188 HOH HOH A . 
C 3 HOH 11  189 189 HOH HOH A . 
C 3 HOH 12  190 190 HOH HOH A . 
C 3 HOH 13  191 191 HOH HOH A . 
C 3 HOH 14  192 192 HOH HOH A . 
C 3 HOH 15  193 1   HOH HOH A . 
C 3 HOH 16  194 194 HOH HOH A . 
C 3 HOH 17  195 195 HOH HOH A . 
C 3 HOH 18  196 196 HOH HOH A . 
C 3 HOH 19  197 197 HOH HOH A . 
C 3 HOH 20  198 2   HOH HOH A . 
C 3 HOH 21  199 3   HOH HOH A . 
C 3 HOH 22  200 200 HOH HOH A . 
C 3 HOH 23  201 201 HOH HOH A . 
C 3 HOH 24  202 202 HOH HOH A . 
C 3 HOH 25  203 4   HOH HOH A . 
C 3 HOH 26  204 204 HOH HOH A . 
C 3 HOH 27  205 205 HOH HOH A . 
C 3 HOH 28  206 206 HOH HOH A . 
C 3 HOH 29  207 207 HOH HOH A . 
C 3 HOH 30  208 5   HOH HOH A . 
C 3 HOH 31  209 6   HOH HOH A . 
C 3 HOH 32  210 7   HOH HOH A . 
C 3 HOH 33  211 8   HOH HOH A . 
C 3 HOH 34  212 9   HOH HOH A . 
C 3 HOH 35  213 10  HOH HOH A . 
C 3 HOH 36  214 11  HOH HOH A . 
C 3 HOH 37  215 12  HOH HOH A . 
C 3 HOH 38  216 13  HOH HOH A . 
C 3 HOH 39  217 14  HOH HOH A . 
C 3 HOH 40  218 15  HOH HOH A . 
C 3 HOH 41  219 16  HOH HOH A . 
C 3 HOH 42  220 17  HOH HOH A . 
C 3 HOH 43  221 18  HOH HOH A . 
C 3 HOH 44  222 19  HOH HOH A . 
C 3 HOH 45  223 20  HOH HOH A . 
C 3 HOH 46  224 21  HOH HOH A . 
C 3 HOH 47  225 22  HOH HOH A . 
C 3 HOH 48  226 23  HOH HOH A . 
C 3 HOH 49  227 24  HOH HOH A . 
C 3 HOH 50  228 25  HOH HOH A . 
C 3 HOH 51  229 26  HOH HOH A . 
C 3 HOH 52  230 27  HOH HOH A . 
C 3 HOH 53  231 28  HOH HOH A . 
C 3 HOH 54  232 29  HOH HOH A . 
C 3 HOH 55  233 30  HOH HOH A . 
C 3 HOH 56  234 32  HOH HOH A . 
C 3 HOH 57  235 33  HOH HOH A . 
C 3 HOH 58  236 34  HOH HOH A . 
C 3 HOH 59  237 35  HOH HOH A . 
C 3 HOH 60  238 36  HOH HOH A . 
C 3 HOH 61  239 37  HOH HOH A . 
C 3 HOH 62  240 38  HOH HOH A . 
C 3 HOH 63  241 39  HOH HOH A . 
C 3 HOH 64  242 40  HOH HOH A . 
C 3 HOH 65  243 41  HOH HOH A . 
C 3 HOH 66  244 42  HOH HOH A . 
C 3 HOH 67  245 43  HOH HOH A . 
C 3 HOH 68  246 44  HOH HOH A . 
C 3 HOH 69  247 45  HOH HOH A . 
C 3 HOH 70  248 46  HOH HOH A . 
C 3 HOH 71  249 47  HOH HOH A . 
C 3 HOH 72  250 48  HOH HOH A . 
C 3 HOH 73  251 49  HOH HOH A . 
C 3 HOH 74  252 50  HOH HOH A . 
C 3 HOH 75  253 51  HOH HOH A . 
C 3 HOH 76  254 52  HOH HOH A . 
C 3 HOH 77  255 54  HOH HOH A . 
C 3 HOH 78  256 55  HOH HOH A . 
C 3 HOH 79  257 56  HOH HOH A . 
C 3 HOH 80  258 57  HOH HOH A . 
C 3 HOH 81  259 58  HOH HOH A . 
C 3 HOH 82  260 59  HOH HOH A . 
C 3 HOH 83  261 60  HOH HOH A . 
C 3 HOH 84  262 61  HOH HOH A . 
C 3 HOH 85  263 62  HOH HOH A . 
C 3 HOH 86  264 63  HOH HOH A . 
C 3 HOH 87  265 64  HOH HOH A . 
C 3 HOH 88  266 65  HOH HOH A . 
C 3 HOH 89  267 66  HOH HOH A . 
C 3 HOH 90  268 67  HOH HOH A . 
C 3 HOH 91  269 68  HOH HOH A . 
C 3 HOH 92  270 69  HOH HOH A . 
C 3 HOH 93  271 70  HOH HOH A . 
C 3 HOH 94  272 71  HOH HOH A . 
C 3 HOH 95  273 72  HOH HOH A . 
C 3 HOH 96  274 73  HOH HOH A . 
C 3 HOH 97  275 74  HOH HOH A . 
C 3 HOH 98  276 75  HOH HOH A . 
C 3 HOH 99  277 76  HOH HOH A . 
C 3 HOH 100 278 77  HOH HOH A . 
C 3 HOH 101 279 78  HOH HOH A . 
C 3 HOH 102 280 79  HOH HOH A . 
C 3 HOH 103 281 80  HOH HOH A . 
C 3 HOH 104 282 82  HOH HOH A . 
C 3 HOH 105 283 83  HOH HOH A . 
C 3 HOH 106 284 84  HOH HOH A . 
C 3 HOH 107 285 86  HOH HOH A . 
C 3 HOH 108 286 87  HOH HOH A . 
C 3 HOH 109 287 88  HOH HOH A . 
C 3 HOH 110 288 90  HOH HOH A . 
C 3 HOH 111 289 91  HOH HOH A . 
C 3 HOH 112 290 92  HOH HOH A . 
C 3 HOH 113 291 93  HOH HOH A . 
C 3 HOH 114 292 94  HOH HOH A . 
C 3 HOH 115 293 95  HOH HOH A . 
C 3 HOH 116 294 101 HOH HOH A . 
C 3 HOH 117 295 102 HOH HOH A . 
C 3 HOH 118 296 103 HOH HOH A . 
C 3 HOH 119 297 105 HOH HOH A . 
C 3 HOH 120 298 106 HOH HOH A . 
C 3 HOH 121 299 107 HOH HOH A . 
C 3 HOH 122 300 108 HOH HOH A . 
C 3 HOH 123 301 109 HOH HOH A . 
C 3 HOH 124 302 110 HOH HOH A . 
C 3 HOH 125 303 111 HOH HOH A . 
C 3 HOH 126 304 113 HOH HOH A . 
C 3 HOH 127 305 114 HOH HOH A . 
C 3 HOH 128 306 115 HOH HOH A . 
C 3 HOH 129 307 116 HOH HOH A . 
C 3 HOH 130 308 117 HOH HOH A . 
C 3 HOH 131 309 118 HOH HOH A . 
C 3 HOH 132 310 119 HOH HOH A . 
C 3 HOH 133 311 120 HOH HOH A . 
C 3 HOH 134 312 121 HOH HOH A . 
C 3 HOH 135 313 122 HOH HOH A . 
C 3 HOH 136 314 123 HOH HOH A . 
C 3 HOH 137 315 124 HOH HOH A . 
C 3 HOH 138 316 126 HOH HOH A . 
C 3 HOH 139 317 128 HOH HOH A . 
C 3 HOH 140 318 129 HOH HOH A . 
C 3 HOH 141 319 130 HOH HOH A . 
C 3 HOH 142 320 131 HOH HOH A . 
C 3 HOH 143 321 132 HOH HOH A . 
C 3 HOH 144 322 134 HOH HOH A . 
C 3 HOH 145 323 136 HOH HOH A . 
C 3 HOH 146 324 138 HOH HOH A . 
C 3 HOH 147 325 139 HOH HOH A . 
C 3 HOH 148 326 140 HOH HOH A . 
C 3 HOH 149 327 141 HOH HOH A . 
C 3 HOH 150 328 142 HOH HOH A . 
C 3 HOH 151 329 143 HOH HOH A . 
C 3 HOH 152 330 144 HOH HOH A . 
C 3 HOH 153 331 145 HOH HOH A . 
C 3 HOH 154 332 146 HOH HOH A . 
C 3 HOH 155 333 147 HOH HOH A . 
C 3 HOH 156 334 148 HOH HOH A . 
C 3 HOH 157 335 149 HOH HOH A . 
C 3 HOH 158 336 151 HOH HOH A . 
C 3 HOH 159 337 152 HOH HOH A . 
C 3 HOH 160 338 153 HOH HOH A . 
C 3 HOH 161 339 154 HOH HOH A . 
C 3 HOH 162 340 155 HOH HOH A . 
C 3 HOH 163 341 156 HOH HOH A . 
C 3 HOH 164 342 158 HOH HOH A . 
C 3 HOH 165 343 159 HOH HOH A . 
C 3 HOH 166 344 163 HOH HOH A . 
C 3 HOH 167 345 164 HOH HOH A . 
C 3 HOH 168 346 165 HOH HOH A . 
C 3 HOH 169 347 166 HOH HOH A . 
C 3 HOH 170 348 167 HOH HOH A . 
C 3 HOH 171 349 168 HOH HOH A . 
C 3 HOH 172 350 169 HOH HOH A . 
C 3 HOH 173 351 170 HOH HOH A . 
C 3 HOH 174 352 171 HOH HOH A . 
C 3 HOH 175 353 172 HOH HOH A . 
C 3 HOH 176 354 173 HOH HOH A . 
C 3 HOH 177 355 174 HOH HOH A . 
C 3 HOH 178 356 175 HOH HOH A . 
C 3 HOH 179 357 176 HOH HOH A . 
C 3 HOH 180 358 177 HOH HOH A . 
C 3 HOH 181 359 178 HOH HOH A . 
# 
loop_
_pdbx_unobs_or_zero_occ_atoms.id 
_pdbx_unobs_or_zero_occ_atoms.PDB_model_num 
_pdbx_unobs_or_zero_occ_atoms.polymer_flag 
_pdbx_unobs_or_zero_occ_atoms.occupancy_flag 
_pdbx_unobs_or_zero_occ_atoms.auth_asym_id 
_pdbx_unobs_or_zero_occ_atoms.auth_comp_id 
_pdbx_unobs_or_zero_occ_atoms.auth_seq_id 
_pdbx_unobs_or_zero_occ_atoms.PDB_ins_code 
_pdbx_unobs_or_zero_occ_atoms.auth_atom_id 
_pdbx_unobs_or_zero_occ_atoms.label_alt_id 
_pdbx_unobs_or_zero_occ_atoms.label_asym_id 
_pdbx_unobs_or_zero_occ_atoms.label_comp_id 
_pdbx_unobs_or_zero_occ_atoms.label_seq_id 
_pdbx_unobs_or_zero_occ_atoms.label_atom_id 
1  1 Y 1 A ARG 21  ? CG  ? A ARG 21  CG  
2  1 Y 1 A ARG 21  ? CD  ? A ARG 21  CD  
3  1 Y 1 A ARG 21  ? NE  ? A ARG 21  NE  
4  1 Y 1 A ARG 21  ? CZ  ? A ARG 21  CZ  
5  1 Y 1 A ARG 21  ? NH1 ? A ARG 21  NH1 
6  1 Y 1 A ARG 21  ? NH2 ? A ARG 21  NH2 
7  1 Y 1 A ARG 35  ? CG  ? A ARG 35  CG  
8  1 Y 1 A ARG 35  ? CD  ? A ARG 35  CD  
9  1 Y 1 A ARG 35  ? NE  ? A ARG 35  NE  
10 1 Y 1 A ARG 35  ? CZ  ? A ARG 35  CZ  
11 1 Y 1 A ARG 35  ? NH1 ? A ARG 35  NH1 
12 1 Y 1 A ARG 35  ? NH2 ? A ARG 35  NH2 
13 1 Y 1 A LYS 50  ? NZ  ? A LYS 50  NZ  
14 1 Y 1 A GLU 78  ? CD  ? A GLU 78  CD  
15 1 Y 1 A GLU 78  ? OE1 ? A GLU 78  OE1 
16 1 Y 1 A GLU 78  ? OE2 ? A GLU 78  OE2 
17 1 Y 1 A LYS 131 ? CG  ? A LYS 131 CG  
18 1 Y 1 A LYS 131 ? CD  ? A LYS 131 CD  
19 1 Y 1 A LYS 131 ? CE  ? A LYS 131 CE  
20 1 Y 1 A LYS 131 ? NZ  ? A LYS 131 NZ  
21 1 Y 1 A ARG 132 ? CG  ? A ARG 132 CG  
22 1 Y 1 A ARG 132 ? CD  ? A ARG 132 CD  
23 1 Y 1 A ARG 132 ? NE  ? A ARG 132 NE  
24 1 Y 1 A ARG 132 ? CZ  ? A ARG 132 CZ  
25 1 Y 1 A ARG 132 ? NH1 ? A ARG 132 NH1 
26 1 Y 1 A ARG 132 ? NH2 ? A ARG 132 NH2 
27 1 Y 1 A SER 135 ? OG  ? A SER 135 OG  
28 1 Y 1 A ARG 137 ? CZ  ? A ARG 137 CZ  
29 1 Y 1 A ARG 137 ? NH1 ? A ARG 137 NH1 
30 1 Y 1 A ARG 137 ? NH2 ? A ARG 137 NH2 
# 
loop_
_software.name 
_software.classification 
_software.version 
_software.citation_id 
_software.pdbx_ordinal 
MAR345    'data collection' .        ? 1 
CNS       refinement        .        ? 2 
REFMAC    refinement        5.4.0077 ? 3 
DENZO     'data reduction'  .        ? 4 
SCALEPACK 'data scaling'    .        ? 5 
CNS       phasing           .        ? 6 
# 
_cell.entry_id           3F64 
_cell.length_a           43.025 
_cell.length_b           43.025 
_cell.length_c           288.450 
_cell.angle_alpha        90.00 
_cell.angle_beta         90.00 
_cell.angle_gamma        120.00 
_cell.Z_PDB              12 
_cell.pdbx_unique_axis   ? 
_cell.length_a_esd       ? 
_cell.length_b_esd       ? 
_cell.length_c_esd       ? 
_cell.angle_alpha_esd    ? 
_cell.angle_beta_esd     ? 
_cell.angle_gamma_esd    ? 
# 
_symmetry.entry_id                         3F64 
_symmetry.space_group_name_H-M             'P 61 2 2' 
_symmetry.pdbx_full_space_group_name_H-M   ? 
_symmetry.cell_setting                     ? 
_symmetry.Int_Tables_number                178 
_symmetry.space_group_name_Hall            ? 
# 
_exptl.entry_id          3F64 
_exptl.method            'X-RAY DIFFRACTION' 
_exptl.crystals_number   1 
# 
_exptl_crystal.id                    1 
_exptl_crystal.density_meas          ? 
_exptl_crystal.density_Matthews      2.02 
_exptl_crystal.density_percent_sol   39.20 
_exptl_crystal.description           ? 
_exptl_crystal.F_000                 ? 
_exptl_crystal.preparation           ? 
# 
_exptl_crystal_grow.crystal_id      1 
_exptl_crystal_grow.method          'VAPOR DIFFUSION, HANGING DROP' 
_exptl_crystal_grow.temp            293 
_exptl_crystal_grow.temp_details    ? 
_exptl_crystal_grow.pH              7.5 
_exptl_crystal_grow.pdbx_details    
'10% 2-propanol, 20% PEG 4000, 100mM HEPES, pH7.5, VAPOR DIFFUSION, HANGING DROP, temperature 293K' 
_exptl_crystal_grow.pdbx_pH_range   . 
# 
_diffrn.id                     1 
_diffrn.ambient_temp           100 
_diffrn.ambient_temp_details   ? 
_diffrn.crystal_id             1 
# 
_diffrn_detector.diffrn_id              1 
_diffrn_detector.detector               CCD 
_diffrn_detector.type                   'MAR CCD 165 mm' 
_diffrn_detector.pdbx_collection_date   2005-10-01 
_diffrn_detector.details                MIRRORS 
# 
_diffrn_radiation.diffrn_id                        1 
_diffrn_radiation.wavelength_id                    1 
_diffrn_radiation.pdbx_monochromatic_or_laue_m_l   M 
_diffrn_radiation.monochromator                    GRAPHITE 
_diffrn_radiation.pdbx_diffrn_protocol             'SINGLE WAVELENGTH' 
_diffrn_radiation.pdbx_scattering_type             x-ray 
# 
_diffrn_radiation_wavelength.id           1 
_diffrn_radiation_wavelength.wavelength   0.9183 
_diffrn_radiation_wavelength.wt           1.0 
# 
_diffrn_source.diffrn_id                   1 
_diffrn_source.source                      SYNCHROTRON 
_diffrn_source.type                        'EMBL/DESY, HAMBURG BEAMLINE BW7A' 
_diffrn_source.pdbx_synchrotron_site       'EMBL/DESY, HAMBURG' 
_diffrn_source.pdbx_synchrotron_beamline   BW7A 
_diffrn_source.pdbx_wavelength             ? 
_diffrn_source.pdbx_wavelength_list        0.9183 
# 
_reflns.entry_id                     3F64 
_reflns.observed_criterion_sigma_I   ? 
_reflns.observed_criterion_sigma_F   ? 
_reflns.d_resolution_low             50.0 
_reflns.d_resolution_high            1.95 
_reflns.number_obs                   12042 
_reflns.number_all                   12042 
_reflns.percent_possible_obs         94.4 
_reflns.pdbx_Rmerge_I_obs            0.075 
_reflns.pdbx_Rsym_value              ? 
_reflns.pdbx_netI_over_sigmaI        22.2 
_reflns.B_iso_Wilson_estimate        19.008 
_reflns.pdbx_redundancy              14.7 
_reflns.R_free_details               ? 
_reflns.limit_h_max                  ? 
_reflns.limit_h_min                  ? 
_reflns.limit_k_max                  ? 
_reflns.limit_k_min                  ? 
_reflns.limit_l_max                  ? 
_reflns.limit_l_min                  ? 
_reflns.observed_criterion_F_max     ? 
_reflns.observed_criterion_F_min     ? 
_reflns.pdbx_chi_squared             ? 
_reflns.pdbx_scaling_rejects         ? 
_reflns.pdbx_ordinal                 1 
_reflns.pdbx_diffrn_id               1 
# 
_reflns_shell.d_res_high             1.95 
_reflns_shell.d_res_low              2.02 
_reflns_shell.percent_possible_all   91.6 
_reflns_shell.Rmerge_I_obs           0.297 
_reflns_shell.pdbx_Rsym_value        ? 
_reflns_shell.meanI_over_sigI_obs    10.2 
_reflns_shell.pdbx_redundancy        9.7 
_reflns_shell.percent_possible_obs   ? 
_reflns_shell.number_unique_all      1105 
_reflns_shell.number_measured_all    ? 
_reflns_shell.number_measured_obs    ? 
_reflns_shell.number_unique_obs      ? 
_reflns_shell.pdbx_chi_squared       ? 
_reflns_shell.pdbx_ordinal           1 
_reflns_shell.pdbx_diffrn_id         1 
# 
_refine.entry_id                                 3F64 
_refine.ls_number_reflns_obs                     11328 
_refine.ls_number_reflns_all                     ? 
_refine.pdbx_ls_sigma_I                          ? 
_refine.pdbx_ls_sigma_F                          ? 
_refine.pdbx_data_cutoff_high_absF               ? 
_refine.pdbx_data_cutoff_low_absF                ? 
_refine.pdbx_data_cutoff_high_rms_absF           ? 
_refine.ls_d_res_low                             48.06 
_refine.ls_d_res_high                            1.95 
_refine.ls_percent_reflns_obs                    94.32 
_refine.ls_R_factor_obs                          0.20587 
_refine.ls_R_factor_all                          ? 
_refine.ls_R_factor_R_work                       0.20361 
_refine.ls_R_factor_R_free                       0.24845 
_refine.ls_R_factor_R_free_error                 ? 
_refine.ls_R_factor_R_free_error_details         ? 
_refine.ls_percent_reflns_R_free                 4.9 
_refine.ls_number_reflns_R_free                  584 
_refine.ls_number_parameters                     ? 
_refine.ls_number_restraints                     ? 
_refine.occupancy_min                            ? 
_refine.occupancy_max                            ? 
_refine.correlation_coeff_Fo_to_Fc               0.936 
_refine.correlation_coeff_Fo_to_Fc_free          0.910 
_refine.B_iso_mean                               17.376 
_refine.aniso_B[1][1]                            0.12 
_refine.aniso_B[2][2]                            0.12 
_refine.aniso_B[3][3]                            -0.17 
_refine.aniso_B[1][2]                            0.06 
_refine.aniso_B[1][3]                            0.00 
_refine.aniso_B[2][3]                            0.00 
_refine.solvent_model_details                    MASK 
_refine.solvent_model_param_ksol                 ? 
_refine.solvent_model_param_bsol                 ? 
_refine.pdbx_solvent_vdw_probe_radii             1.40 
_refine.pdbx_solvent_ion_probe_radii             0.80 
_refine.pdbx_solvent_shrinkage_radii             0.80 
_refine.pdbx_ls_cross_valid_method               THROUGHOUT 
_refine.details                                  'HYDROGENS HAVE BEEN ADDED IN THE RIDING POSITIONS' 
_refine.pdbx_starting_model                      'PDB ENTRY 1O9V' 
_refine.pdbx_method_to_determine_struct          'MOLECULAR REPLACEMENT' 
_refine.pdbx_isotropic_thermal_model             Isotropic 
_refine.pdbx_stereochemistry_target_values       'MAXIMUM LIKELIHOOD' 
_refine.pdbx_stereochem_target_val_spec_case     ? 
_refine.pdbx_R_Free_selection_details            RANDOM 
_refine.pdbx_overall_ESU_R                       0.214 
_refine.pdbx_overall_ESU_R_Free                  0.181 
_refine.overall_SU_ML                            0.115 
_refine.overall_SU_B                             3.965 
_refine.ls_redundancy_reflns_obs                 ? 
_refine.B_iso_min                                ? 
_refine.B_iso_max                                ? 
_refine.overall_SU_R_Cruickshank_DPI             ? 
_refine.overall_SU_R_free                        ? 
_refine.ls_wR_factor_R_free                      ? 
_refine.ls_wR_factor_R_work                      ? 
_refine.overall_FOM_free_R_set                   ? 
_refine.overall_FOM_work_R_set                   ? 
_refine.pdbx_refine_id                           'X-RAY DIFFRACTION' 
_refine.pdbx_overall_phase_error                 ? 
_refine.pdbx_diffrn_id                           1 
_refine.pdbx_TLS_residual_ADP_flag               ? 
_refine.pdbx_overall_SU_R_free_Cruickshank_DPI   ? 
_refine.pdbx_overall_SU_R_Blow_DPI               ? 
_refine.pdbx_overall_SU_R_free_Blow_DPI          ? 
# 
_refine_hist.pdbx_refine_id                   'X-RAY DIFFRACTION' 
_refine_hist.cycle_id                         LAST 
_refine_hist.pdbx_number_atoms_protein        1239 
_refine_hist.pdbx_number_atoms_nucleic_acid   0 
_refine_hist.pdbx_number_atoms_ligand         24 
_refine_hist.number_atoms_solvent             181 
_refine_hist.number_atoms_total               1444 
_refine_hist.d_res_high                       1.95 
_refine_hist.d_res_low                        48.06 
# 
loop_
_refine_ls_restr.type 
_refine_ls_restr.dev_ideal 
_refine_ls_restr.dev_ideal_target 
_refine_ls_restr.weight 
_refine_ls_restr.number 
_refine_ls_restr.pdbx_refine_id 
_refine_ls_restr.pdbx_restraint_function 
r_bond_refined_d             0.011  0.022  ? 1315 'X-RAY DIFFRACTION' ? 
r_bond_other_d               ?      ?      ? ?    'X-RAY DIFFRACTION' ? 
r_angle_refined_deg          1.301  1.954  ? 1796 'X-RAY DIFFRACTION' ? 
r_angle_other_deg            ?      ?      ? ?    'X-RAY DIFFRACTION' ? 
r_dihedral_angle_1_deg       6.279  5.000  ? 174  'X-RAY DIFFRACTION' ? 
r_dihedral_angle_2_deg       36.645 24.000 ? 50   'X-RAY DIFFRACTION' ? 
r_dihedral_angle_3_deg       12.546 15.000 ? 193  'X-RAY DIFFRACTION' ? 
r_dihedral_angle_4_deg       25.027 15.000 ? 6    'X-RAY DIFFRACTION' ? 
r_chiral_restr               0.084  0.200  ? 205  'X-RAY DIFFRACTION' ? 
r_gen_planes_refined         0.005  0.021  ? 995  'X-RAY DIFFRACTION' ? 
r_gen_planes_other           ?      ?      ? ?    'X-RAY DIFFRACTION' ? 
r_nbd_refined                ?      ?      ? ?    'X-RAY DIFFRACTION' ? 
r_nbd_other                  ?      ?      ? ?    'X-RAY DIFFRACTION' ? 
r_nbtor_refined              ?      ?      ? ?    'X-RAY DIFFRACTION' ? 
r_nbtor_other                ?      ?      ? ?    'X-RAY DIFFRACTION' ? 
r_xyhbond_nbd_refined        ?      ?      ? ?    'X-RAY DIFFRACTION' ? 
r_xyhbond_nbd_other          ?      ?      ? ?    'X-RAY DIFFRACTION' ? 
r_metal_ion_refined          ?      ?      ? ?    'X-RAY DIFFRACTION' ? 
r_metal_ion_other            ?      ?      ? ?    'X-RAY DIFFRACTION' ? 
r_symmetry_vdw_refined       ?      ?      ? ?    'X-RAY DIFFRACTION' ? 
r_symmetry_vdw_other         ?      ?      ? ?    'X-RAY DIFFRACTION' ? 
r_symmetry_hbond_refined     ?      ?      ? ?    'X-RAY DIFFRACTION' ? 
r_symmetry_hbond_other       ?      ?      ? ?    'X-RAY DIFFRACTION' ? 
r_symmetry_metal_ion_refined ?      ?      ? ?    'X-RAY DIFFRACTION' ? 
r_symmetry_metal_ion_other   ?      ?      ? ?    'X-RAY DIFFRACTION' ? 
r_mcbond_it                  0.600  1.500  ? 836  'X-RAY DIFFRACTION' ? 
r_mcbond_other               ?      ?      ? ?    'X-RAY DIFFRACTION' ? 
r_mcangle_it                 1.044  2.000  ? 1344 'X-RAY DIFFRACTION' ? 
r_scbond_it                  1.542  3.000  ? 479  'X-RAY DIFFRACTION' ? 
r_scangle_it                 2.422  4.500  ? 448  'X-RAY DIFFRACTION' ? 
r_rigid_bond_restr           ?      ?      ? ?    'X-RAY DIFFRACTION' ? 
r_sphericity_free            ?      ?      ? ?    'X-RAY DIFFRACTION' ? 
r_sphericity_bonded          ?      ?      ? ?    'X-RAY DIFFRACTION' ? 
# 
_refine_ls_shell.pdbx_total_number_of_bins_used   20 
_refine_ls_shell.d_res_high                       1.950 
_refine_ls_shell.d_res_low                        2.001 
_refine_ls_shell.number_reflns_R_work             753 
_refine_ls_shell.R_factor_R_work                  0.217 
_refine_ls_shell.percent_reflns_obs               91.14 
_refine_ls_shell.R_factor_R_free                  0.297 
_refine_ls_shell.R_factor_R_free_error            ? 
_refine_ls_shell.percent_reflns_R_free            ? 
_refine_ls_shell.number_reflns_R_free             49 
_refine_ls_shell.number_reflns_all                ? 
_refine_ls_shell.R_factor_all                     ? 
_refine_ls_shell.number_reflns_obs                ? 
_refine_ls_shell.redundancy_reflns_obs            ? 
_refine_ls_shell.pdbx_refine_id                   'X-RAY DIFFRACTION' 
# 
_struct.entry_id                  3F64 
_struct.title                     'F17a-G lectin domain with bound GlcNAc(beta1-O)paranitrophenyl ligand' 
_struct.pdbx_model_details        ? 
_struct.pdbx_CASP_flag            N 
_struct.pdbx_model_type_details   ? 
# 
_struct_keywords.entry_id        3F64 
_struct_keywords.pdbx_keywords   'SUGAR BINDING PROTEIN' 
_struct_keywords.text            
;Bacterial adhesin, lectin, bacterial attachment, pathogenesis, immunoglobulin fold, Cell projection, Fimbrium, SUGAR BINDING PROTEIN
;
# 
loop_
_struct_asym.id 
_struct_asym.pdbx_blank_PDB_chainid_flag 
_struct_asym.pdbx_modified 
_struct_asym.entity_id 
_struct_asym.details 
A N N 1 ? 
B N N 2 ? 
C N N 3 ? 
# 
_struct_ref.id                         1 
_struct_ref.db_name                    UNP 
_struct_ref.db_code                    Q99003_ECOLX 
_struct_ref.pdbx_db_accession          Q99003 
_struct_ref.entity_id                  1 
_struct_ref.pdbx_seq_one_letter_code   
;AVSFIGSTENDVGPSLGSYSRTHAMDNLPFVYDTRNKIGYQNANVWHISKGFCVGLDGKVDLPVVGSLDGQSIYGLTEEV
GLLIWMGDTKYSRGTAMSGNSWENVFSGWCVGANTASTQGLSVRVTPVILKRNSSARYSVQKTSIGSIRMRPYNGSSAGS
VQTTVNFSLNPFTLNDT
;
_struct_ref.pdbx_align_begin           23 
_struct_ref.pdbx_db_isoform            ? 
# 
_struct_ref_seq.align_id                      1 
_struct_ref_seq.ref_id                        1 
_struct_ref_seq.pdbx_PDB_id_code              3F64 
_struct_ref_seq.pdbx_strand_id                A 
_struct_ref_seq.seq_align_beg                 1 
_struct_ref_seq.pdbx_seq_align_beg_ins_code   ? 
_struct_ref_seq.seq_align_end                 177 
_struct_ref_seq.pdbx_seq_align_end_ins_code   ? 
_struct_ref_seq.pdbx_db_accession             Q99003 
_struct_ref_seq.db_align_beg                  23 
_struct_ref_seq.pdbx_db_align_beg_ins_code    ? 
_struct_ref_seq.db_align_end                  199 
_struct_ref_seq.pdbx_db_align_end_ins_code    ? 
_struct_ref_seq.pdbx_auth_seq_align_beg       1 
_struct_ref_seq.pdbx_auth_seq_align_end       177 
# 
_pdbx_struct_assembly.id                   1 
_pdbx_struct_assembly.details              author_and_software_defined_assembly 
_pdbx_struct_assembly.method_details       PISA 
_pdbx_struct_assembly.oligomeric_details   monomeric 
_pdbx_struct_assembly.oligomeric_count     1 
# 
_pdbx_struct_assembly_gen.assembly_id       1 
_pdbx_struct_assembly_gen.oper_expression   1 
_pdbx_struct_assembly_gen.asym_id_list      A,B,C 
# 
_pdbx_struct_oper_list.id                   1 
_pdbx_struct_oper_list.type                 'identity operation' 
_pdbx_struct_oper_list.name                 1_555 
_pdbx_struct_oper_list.symmetry_operation   x,y,z 
_pdbx_struct_oper_list.matrix[1][1]         1.0000000000 
_pdbx_struct_oper_list.matrix[1][2]         0.0000000000 
_pdbx_struct_oper_list.matrix[1][3]         0.0000000000 
_pdbx_struct_oper_list.vector[1]            0.0000000000 
_pdbx_struct_oper_list.matrix[2][1]         0.0000000000 
_pdbx_struct_oper_list.matrix[2][2]         1.0000000000 
_pdbx_struct_oper_list.matrix[2][3]         0.0000000000 
_pdbx_struct_oper_list.vector[2]            0.0000000000 
_pdbx_struct_oper_list.matrix[3][1]         0.0000000000 
_pdbx_struct_oper_list.matrix[3][2]         0.0000000000 
_pdbx_struct_oper_list.matrix[3][3]         1.0000000000 
_pdbx_struct_oper_list.vector[3]            0.0000000000 
# 
_struct_biol.id        1 
_struct_biol.details   ? 
# 
_struct_conf.conf_type_id            HELX_P 
_struct_conf.id                      HELX_P1 
_struct_conf.pdbx_PDB_helix_id       1 
_struct_conf.beg_label_comp_id       LYS 
_struct_conf.beg_label_asym_id       A 
_struct_conf.beg_label_seq_id        90 
_struct_conf.pdbx_beg_PDB_ins_code   ? 
_struct_conf.end_label_comp_id       GLY 
_struct_conf.end_label_asym_id       A 
_struct_conf.end_label_seq_id        94 
_struct_conf.pdbx_end_PDB_ins_code   ? 
_struct_conf.beg_auth_comp_id        LYS 
_struct_conf.beg_auth_asym_id        A 
_struct_conf.beg_auth_seq_id         90 
_struct_conf.end_auth_comp_id        GLY 
_struct_conf.end_auth_asym_id        A 
_struct_conf.end_auth_seq_id         94 
_struct_conf.pdbx_PDB_helix_class    5 
_struct_conf.details                 ? 
_struct_conf.pdbx_PDB_helix_length   5 
# 
_struct_conf_type.id          HELX_P 
_struct_conf_type.criteria    ? 
_struct_conf_type.reference   ? 
# 
_struct_conn.id                            disulf1 
_struct_conn.conn_type_id                  disulf 
_struct_conn.pdbx_leaving_atom_flag        ? 
_struct_conn.pdbx_PDB_id                   ? 
_struct_conn.ptnr1_label_asym_id           A 
_struct_conn.ptnr1_label_comp_id           CYS 
_struct_conn.ptnr1_label_seq_id            53 
_struct_conn.ptnr1_label_atom_id           SG 
_struct_conn.pdbx_ptnr1_label_alt_id       ? 
_struct_conn.pdbx_ptnr1_PDB_ins_code       ? 
_struct_conn.pdbx_ptnr1_standard_comp_id   ? 
_struct_conn.ptnr1_symmetry                1_555 
_struct_conn.ptnr2_label_asym_id           A 
_struct_conn.ptnr2_label_comp_id           CYS 
_struct_conn.ptnr2_label_seq_id            110 
_struct_conn.ptnr2_label_atom_id           SG 
_struct_conn.pdbx_ptnr2_label_alt_id       ? 
_struct_conn.pdbx_ptnr2_PDB_ins_code       ? 
_struct_conn.ptnr1_auth_asym_id            A 
_struct_conn.ptnr1_auth_comp_id            CYS 
_struct_conn.ptnr1_auth_seq_id             53 
_struct_conn.ptnr2_auth_asym_id            A 
_struct_conn.ptnr2_auth_comp_id            CYS 
_struct_conn.ptnr2_auth_seq_id             110 
_struct_conn.ptnr2_symmetry                1_555 
_struct_conn.pdbx_ptnr3_label_atom_id      ? 
_struct_conn.pdbx_ptnr3_label_seq_id       ? 
_struct_conn.pdbx_ptnr3_label_comp_id      ? 
_struct_conn.pdbx_ptnr3_label_asym_id      ? 
_struct_conn.pdbx_ptnr3_label_alt_id       ? 
_struct_conn.pdbx_ptnr3_PDB_ins_code       ? 
_struct_conn.details                       ? 
_struct_conn.pdbx_dist_value               2.043 
_struct_conn.pdbx_value_order              ? 
_struct_conn.pdbx_role                     ? 
# 
_struct_conn_type.id          disulf 
_struct_conn_type.criteria    ? 
_struct_conn_type.reference   ? 
# 
_pdbx_modification_feature.ordinal                            1 
_pdbx_modification_feature.label_comp_id                      CYS 
_pdbx_modification_feature.label_asym_id                      A 
_pdbx_modification_feature.label_seq_id                       53 
_pdbx_modification_feature.label_alt_id                       ? 
_pdbx_modification_feature.modified_residue_label_comp_id     CYS 
_pdbx_modification_feature.modified_residue_label_asym_id     A 
_pdbx_modification_feature.modified_residue_label_seq_id      110 
_pdbx_modification_feature.modified_residue_label_alt_id      ? 
_pdbx_modification_feature.auth_comp_id                       CYS 
_pdbx_modification_feature.auth_asym_id                       A 
_pdbx_modification_feature.auth_seq_id                        53 
_pdbx_modification_feature.PDB_ins_code                       ? 
_pdbx_modification_feature.symmetry                           1_555 
_pdbx_modification_feature.modified_residue_auth_comp_id      CYS 
_pdbx_modification_feature.modified_residue_auth_asym_id      A 
_pdbx_modification_feature.modified_residue_auth_seq_id       110 
_pdbx_modification_feature.modified_residue_PDB_ins_code      ? 
_pdbx_modification_feature.modified_residue_symmetry          1_555 
_pdbx_modification_feature.comp_id_linking_atom               SG 
_pdbx_modification_feature.modified_residue_id_linking_atom   SG 
_pdbx_modification_feature.modified_residue_id                . 
_pdbx_modification_feature.ref_pcm_id                         . 
_pdbx_modification_feature.ref_comp_id                        . 
_pdbx_modification_feature.type                               None 
_pdbx_modification_feature.category                           'Disulfide bridge' 
# 
loop_
_struct_sheet.id 
_struct_sheet.type 
_struct_sheet.number_strands 
_struct_sheet.details 
A ? 6 ? 
B ? 4 ? 
C ? 5 ? 
D ? 3 ? 
# 
loop_
_struct_sheet_order.sheet_id 
_struct_sheet_order.range_id_1 
_struct_sheet_order.range_id_2 
_struct_sheet_order.offset 
_struct_sheet_order.sense 
A 1 2 ? anti-parallel 
A 2 3 ? anti-parallel 
A 3 4 ? anti-parallel 
A 4 5 ? anti-parallel 
A 5 6 ? anti-parallel 
B 1 2 ? anti-parallel 
B 2 3 ? anti-parallel 
B 3 4 ? anti-parallel 
C 1 2 ? parallel      
C 2 3 ? anti-parallel 
C 3 4 ? anti-parallel 
C 4 5 ? anti-parallel 
D 1 2 ? parallel      
D 2 3 ? anti-parallel 
# 
loop_
_struct_sheet_range.sheet_id 
_struct_sheet_range.id 
_struct_sheet_range.beg_label_comp_id 
_struct_sheet_range.beg_label_asym_id 
_struct_sheet_range.beg_label_seq_id 
_struct_sheet_range.pdbx_beg_PDB_ins_code 
_struct_sheet_range.end_label_comp_id 
_struct_sheet_range.end_label_asym_id 
_struct_sheet_range.end_label_seq_id 
_struct_sheet_range.pdbx_end_PDB_ins_code 
_struct_sheet_range.beg_auth_comp_id 
_struct_sheet_range.beg_auth_asym_id 
_struct_sheet_range.beg_auth_seq_id 
_struct_sheet_range.end_auth_comp_id 
_struct_sheet_range.end_auth_asym_id 
_struct_sheet_range.end_auth_seq_id 
A 1 VAL A 2   ? PHE A 4   ? VAL A 2   PHE A 4   
A 2 GLY A 39  ? SER A 49  ? GLY A 39  SER A 49  
A 3 ALA A 116 ? ILE A 129 ? ALA A 116 ILE A 129 
A 4 VAL A 80  ? GLY A 87  ? VAL A 80  GLY A 87  
A 5 GLN A 71  ? GLY A 75  ? GLN A 71  GLY A 75  
A 6 VAL A 64  ? LEU A 68  ? VAL A 64  LEU A 68  
B 1 PHE A 30  ? VAL A 31  ? PHE A 30  VAL A 31  
B 2 ALA A 116 ? ILE A 129 ? ALA A 116 ILE A 129 
B 3 VAL A 80  ? GLY A 87  ? VAL A 80  GLY A 87  
B 4 THR A 95  ? ALA A 96  ? THR A 95  ALA A 96  
C 1 GLU A 9   ? VAL A 12  ? GLU A 9   VAL A 12  
C 2 THR A 164 ? LEU A 169 ? THR A 164 LEU A 169 
C 3 THR A 143 ? TYR A 153 ? THR A 143 TYR A 153 
C 4 CYS A 53  ? VAL A 60  ? CYS A 53  VAL A 60  
C 5 GLU A 103 ? CYS A 110 ? GLU A 103 CYS A 110 
D 1 GLY A 17  ? TYR A 19  ? GLY A 17  TYR A 19  
D 2 PHE A 172 ? LEU A 174 ? PHE A 172 LEU A 174 
D 3 TYR A 138 ? VAL A 140 ? TYR A 138 VAL A 140 
# 
loop_
_pdbx_struct_sheet_hbond.sheet_id 
_pdbx_struct_sheet_hbond.range_id_1 
_pdbx_struct_sheet_hbond.range_id_2 
_pdbx_struct_sheet_hbond.range_1_label_atom_id 
_pdbx_struct_sheet_hbond.range_1_label_comp_id 
_pdbx_struct_sheet_hbond.range_1_label_asym_id 
_pdbx_struct_sheet_hbond.range_1_label_seq_id 
_pdbx_struct_sheet_hbond.range_1_PDB_ins_code 
_pdbx_struct_sheet_hbond.range_1_auth_atom_id 
_pdbx_struct_sheet_hbond.range_1_auth_comp_id 
_pdbx_struct_sheet_hbond.range_1_auth_asym_id 
_pdbx_struct_sheet_hbond.range_1_auth_seq_id 
_pdbx_struct_sheet_hbond.range_2_label_atom_id 
_pdbx_struct_sheet_hbond.range_2_label_comp_id 
_pdbx_struct_sheet_hbond.range_2_label_asym_id 
_pdbx_struct_sheet_hbond.range_2_label_seq_id 
_pdbx_struct_sheet_hbond.range_2_PDB_ins_code 
_pdbx_struct_sheet_hbond.range_2_auth_atom_id 
_pdbx_struct_sheet_hbond.range_2_auth_comp_id 
_pdbx_struct_sheet_hbond.range_2_auth_asym_id 
_pdbx_struct_sheet_hbond.range_2_auth_seq_id 
A 1 2 N SER A 3   ? N SER A 3   O HIS A 47  ? O HIS A 47  
A 2 3 N ILE A 48  ? N ILE A 48  O SER A 117 ? O SER A 117 
A 3 4 O ARG A 124 ? O ARG A 124 N TRP A 85  ? N TRP A 85  
A 4 5 O LEU A 82  ? O LEU A 82  N TYR A 74  ? N TYR A 74  
A 5 6 O ILE A 73  ? O ILE A 73  N VAL A 65  ? N VAL A 65  
B 1 2 N PHE A 30  ? N PHE A 30  O ILE A 129 ? O ILE A 129 
B 2 3 O ARG A 124 ? O ARG A 124 N TRP A 85  ? N TRP A 85  
B 3 4 N MET A 86  ? N MET A 86  O THR A 95  ? O THR A 95  
C 1 2 N VAL A 12  ? N VAL A 12  O SER A 168 ? O SER A 168 
C 2 3 O LEU A 169 ? O LEU A 169 N THR A 143 ? N THR A 143 
C 3 4 O SER A 147 ? O SER A 147 N LYS A 59  ? N LYS A 59  
C 4 5 N GLY A 58  ? N GLY A 58  O GLU A 103 ? O GLU A 103 
D 1 2 N TYR A 19  ? N TYR A 19  O THR A 173 ? O THR A 173 
D 2 3 O LEU A 174 ? O LEU A 174 N TYR A 138 ? N TYR A 138 
# 
_pdbx_entry_details.entry_id                   3F64 
_pdbx_entry_details.compound_details           ? 
_pdbx_entry_details.source_details             ? 
_pdbx_entry_details.nonpolymer_details         ? 
_pdbx_entry_details.sequence_details           ? 
_pdbx_entry_details.has_ligand_of_interest     ? 
_pdbx_entry_details.has_protein_modification   Y 
# 
loop_
_pdbx_validate_torsion.id 
_pdbx_validate_torsion.PDB_model_num 
_pdbx_validate_torsion.auth_comp_id 
_pdbx_validate_torsion.auth_asym_id 
_pdbx_validate_torsion.auth_seq_id 
_pdbx_validate_torsion.PDB_ins_code 
_pdbx_validate_torsion.label_alt_id 
_pdbx_validate_torsion.phi 
_pdbx_validate_torsion.psi 
1 1 ARG A 35  ? ? 57.69   -120.52 
2 1 SER A 117 ? ? -154.47 -159.68 
3 1 ALA A 136 ? ? 49.07   20.26   
# 
loop_
_pdbx_unobs_or_zero_occ_residues.id 
_pdbx_unobs_or_zero_occ_residues.PDB_model_num 
_pdbx_unobs_or_zero_occ_residues.polymer_flag 
_pdbx_unobs_or_zero_occ_residues.occupancy_flag 
_pdbx_unobs_or_zero_occ_residues.auth_asym_id 
_pdbx_unobs_or_zero_occ_residues.auth_comp_id 
_pdbx_unobs_or_zero_occ_residues.auth_seq_id 
_pdbx_unobs_or_zero_occ_residues.PDB_ins_code 
_pdbx_unobs_or_zero_occ_residues.label_asym_id 
_pdbx_unobs_or_zero_occ_residues.label_comp_id 
_pdbx_unobs_or_zero_occ_residues.label_seq_id 
1 1 Y 1 A THR 22  ? A THR 22  
2 1 Y 1 A HIS 23  ? A HIS 23  
3 1 Y 1 A ALA 24  ? A ALA 24  
4 1 Y 1 A MET 25  ? A MET 25  
5 1 Y 1 A ASP 26  ? A ASP 26  
6 1 Y 1 A ASN 27  ? A ASN 27  
7 1 Y 1 A LEU 28  ? A LEU 28  
8 1 Y 1 A ASP 176 ? A ASP 176 
9 1 Y 1 A THR 177 ? A THR 177 
# 
loop_
_chem_comp_atom.comp_id 
_chem_comp_atom.atom_id 
_chem_comp_atom.type_symbol 
_chem_comp_atom.pdbx_aromatic_flag 
_chem_comp_atom.pdbx_stereo_config 
_chem_comp_atom.pdbx_ordinal 
ALA N     N N N 1   
ALA CA    C N S 2   
ALA C     C N N 3   
ALA O     O N N 4   
ALA CB    C N N 5   
ALA OXT   O N N 6   
ALA H     H N N 7   
ALA H2    H N N 8   
ALA HA    H N N 9   
ALA HB1   H N N 10  
ALA HB2   H N N 11  
ALA HB3   H N N 12  
ALA HXT   H N N 13  
ARG N     N N N 14  
ARG CA    C N S 15  
ARG C     C N N 16  
ARG O     O N N 17  
ARG CB    C N N 18  
ARG CG    C N N 19  
ARG CD    C N N 20  
ARG NE    N N N 21  
ARG CZ    C N N 22  
ARG NH1   N N N 23  
ARG NH2   N N N 24  
ARG OXT   O N N 25  
ARG H     H N N 26  
ARG H2    H N N 27  
ARG HA    H N N 28  
ARG HB2   H N N 29  
ARG HB3   H N N 30  
ARG HG2   H N N 31  
ARG HG3   H N N 32  
ARG HD2   H N N 33  
ARG HD3   H N N 34  
ARG HE    H N N 35  
ARG HH11  H N N 36  
ARG HH12  H N N 37  
ARG HH21  H N N 38  
ARG HH22  H N N 39  
ARG HXT   H N N 40  
ASN N     N N N 41  
ASN CA    C N S 42  
ASN C     C N N 43  
ASN O     O N N 44  
ASN CB    C N N 45  
ASN CG    C N N 46  
ASN OD1   O N N 47  
ASN ND2   N N N 48  
ASN OXT   O N N 49  
ASN H     H N N 50  
ASN H2    H N N 51  
ASN HA    H N N 52  
ASN HB2   H N N 53  
ASN HB3   H N N 54  
ASN HD21  H N N 55  
ASN HD22  H N N 56  
ASN HXT   H N N 57  
ASP N     N N N 58  
ASP CA    C N S 59  
ASP C     C N N 60  
ASP O     O N N 61  
ASP CB    C N N 62  
ASP CG    C N N 63  
ASP OD1   O N N 64  
ASP OD2   O N N 65  
ASP OXT   O N N 66  
ASP H     H N N 67  
ASP H2    H N N 68  
ASP HA    H N N 69  
ASP HB2   H N N 70  
ASP HB3   H N N 71  
ASP HD2   H N N 72  
ASP HXT   H N N 73  
CYS N     N N N 74  
CYS CA    C N R 75  
CYS C     C N N 76  
CYS O     O N N 77  
CYS CB    C N N 78  
CYS SG    S N N 79  
CYS OXT   O N N 80  
CYS H     H N N 81  
CYS H2    H N N 82  
CYS HA    H N N 83  
CYS HB2   H N N 84  
CYS HB3   H N N 85  
CYS HG    H N N 86  
CYS HXT   H N N 87  
GLN N     N N N 88  
GLN CA    C N S 89  
GLN C     C N N 90  
GLN O     O N N 91  
GLN CB    C N N 92  
GLN CG    C N N 93  
GLN CD    C N N 94  
GLN OE1   O N N 95  
GLN NE2   N N N 96  
GLN OXT   O N N 97  
GLN H     H N N 98  
GLN H2    H N N 99  
GLN HA    H N N 100 
GLN HB2   H N N 101 
GLN HB3   H N N 102 
GLN HG2   H N N 103 
GLN HG3   H N N 104 
GLN HE21  H N N 105 
GLN HE22  H N N 106 
GLN HXT   H N N 107 
GLU N     N N N 108 
GLU CA    C N S 109 
GLU C     C N N 110 
GLU O     O N N 111 
GLU CB    C N N 112 
GLU CG    C N N 113 
GLU CD    C N N 114 
GLU OE1   O N N 115 
GLU OE2   O N N 116 
GLU OXT   O N N 117 
GLU H     H N N 118 
GLU H2    H N N 119 
GLU HA    H N N 120 
GLU HB2   H N N 121 
GLU HB3   H N N 122 
GLU HG2   H N N 123 
GLU HG3   H N N 124 
GLU HE2   H N N 125 
GLU HXT   H N N 126 
GLY N     N N N 127 
GLY CA    C N N 128 
GLY C     C N N 129 
GLY O     O N N 130 
GLY OXT   O N N 131 
GLY H     H N N 132 
GLY H2    H N N 133 
GLY HA2   H N N 134 
GLY HA3   H N N 135 
GLY HXT   H N N 136 
HIS N     N N N 137 
HIS CA    C N S 138 
HIS C     C N N 139 
HIS O     O N N 140 
HIS CB    C N N 141 
HIS CG    C Y N 142 
HIS ND1   N Y N 143 
HIS CD2   C Y N 144 
HIS CE1   C Y N 145 
HIS NE2   N Y N 146 
HIS OXT   O N N 147 
HIS H     H N N 148 
HIS H2    H N N 149 
HIS HA    H N N 150 
HIS HB2   H N N 151 
HIS HB3   H N N 152 
HIS HD1   H N N 153 
HIS HD2   H N N 154 
HIS HE1   H N N 155 
HIS HE2   H N N 156 
HIS HXT   H N N 157 
HOH O     O N N 158 
HOH H1    H N N 159 
HOH H2    H N N 160 
ILE N     N N N 161 
ILE CA    C N S 162 
ILE C     C N N 163 
ILE O     O N N 164 
ILE CB    C N S 165 
ILE CG1   C N N 166 
ILE CG2   C N N 167 
ILE CD1   C N N 168 
ILE OXT   O N N 169 
ILE H     H N N 170 
ILE H2    H N N 171 
ILE HA    H N N 172 
ILE HB    H N N 173 
ILE HG12  H N N 174 
ILE HG13  H N N 175 
ILE HG21  H N N 176 
ILE HG22  H N N 177 
ILE HG23  H N N 178 
ILE HD11  H N N 179 
ILE HD12  H N N 180 
ILE HD13  H N N 181 
ILE HXT   H N N 182 
LEC C8    C N N 183 
LEC C7    C N N 184 
LEC O7    O N N 185 
LEC N2    N N N 186 
LEC C2    C N R 187 
LEC C3    C N R 188 
LEC O3    O N N 189 
LEC C4    C N S 190 
LEC O4    O N N 191 
LEC C5    C N R 192 
LEC C6    C N N 193 
LEC O6    O N N 194 
LEC O5    O N N 195 
LEC C1    C N S 196 
LEC O1    O N N 197 
LEC "C1'" C Y N 198 
LEC "C2'" C Y N 199 
LEC "C3'" C Y N 200 
LEC "C4'" C Y N 201 
LEC "N1'" N N N 202 
LEC "O2'" O N N 203 
LEC "O1'" O N N 204 
LEC "C5'" C Y N 205 
LEC "C6'" C Y N 206 
LEC H81   H N N 207 
LEC H82   H N N 208 
LEC H83   H N N 209 
LEC HN2   H N N 210 
LEC H2    H N N 211 
LEC H3    H N N 212 
LEC HO3   H N N 213 
LEC H4    H N N 214 
LEC HO4   H N N 215 
LEC H5    H N N 216 
LEC H61   H N N 217 
LEC H62   H N N 218 
LEC HO6   H N N 219 
LEC H1    H N N 220 
LEC "H2'" H N N 221 
LEC "H3'" H N N 222 
LEC "H5'" H N N 223 
LEC "H6'" H N N 224 
LEU N     N N N 225 
LEU CA    C N S 226 
LEU C     C N N 227 
LEU O     O N N 228 
LEU CB    C N N 229 
LEU CG    C N N 230 
LEU CD1   C N N 231 
LEU CD2   C N N 232 
LEU OXT   O N N 233 
LEU H     H N N 234 
LEU H2    H N N 235 
LEU HA    H N N 236 
LEU HB2   H N N 237 
LEU HB3   H N N 238 
LEU HG    H N N 239 
LEU HD11  H N N 240 
LEU HD12  H N N 241 
LEU HD13  H N N 242 
LEU HD21  H N N 243 
LEU HD22  H N N 244 
LEU HD23  H N N 245 
LEU HXT   H N N 246 
LYS N     N N N 247 
LYS CA    C N S 248 
LYS C     C N N 249 
LYS O     O N N 250 
LYS CB    C N N 251 
LYS CG    C N N 252 
LYS CD    C N N 253 
LYS CE    C N N 254 
LYS NZ    N N N 255 
LYS OXT   O N N 256 
LYS H     H N N 257 
LYS H2    H N N 258 
LYS HA    H N N 259 
LYS HB2   H N N 260 
LYS HB3   H N N 261 
LYS HG2   H N N 262 
LYS HG3   H N N 263 
LYS HD2   H N N 264 
LYS HD3   H N N 265 
LYS HE2   H N N 266 
LYS HE3   H N N 267 
LYS HZ1   H N N 268 
LYS HZ2   H N N 269 
LYS HZ3   H N N 270 
LYS HXT   H N N 271 
MET N     N N N 272 
MET CA    C N S 273 
MET C     C N N 274 
MET O     O N N 275 
MET CB    C N N 276 
MET CG    C N N 277 
MET SD    S N N 278 
MET CE    C N N 279 
MET OXT   O N N 280 
MET H     H N N 281 
MET H2    H N N 282 
MET HA    H N N 283 
MET HB2   H N N 284 
MET HB3   H N N 285 
MET HG2   H N N 286 
MET HG3   H N N 287 
MET HE1   H N N 288 
MET HE2   H N N 289 
MET HE3   H N N 290 
MET HXT   H N N 291 
PHE N     N N N 292 
PHE CA    C N S 293 
PHE C     C N N 294 
PHE O     O N N 295 
PHE CB    C N N 296 
PHE CG    C Y N 297 
PHE CD1   C Y N 298 
PHE CD2   C Y N 299 
PHE CE1   C Y N 300 
PHE CE2   C Y N 301 
PHE CZ    C Y N 302 
PHE OXT   O N N 303 
PHE H     H N N 304 
PHE H2    H N N 305 
PHE HA    H N N 306 
PHE HB2   H N N 307 
PHE HB3   H N N 308 
PHE HD1   H N N 309 
PHE HD2   H N N 310 
PHE HE1   H N N 311 
PHE HE2   H N N 312 
PHE HZ    H N N 313 
PHE HXT   H N N 314 
PRO N     N N N 315 
PRO CA    C N S 316 
PRO C     C N N 317 
PRO O     O N N 318 
PRO CB    C N N 319 
PRO CG    C N N 320 
PRO CD    C N N 321 
PRO OXT   O N N 322 
PRO H     H N N 323 
PRO HA    H N N 324 
PRO HB2   H N N 325 
PRO HB3   H N N 326 
PRO HG2   H N N 327 
PRO HG3   H N N 328 
PRO HD2   H N N 329 
PRO HD3   H N N 330 
PRO HXT   H N N 331 
SER N     N N N 332 
SER CA    C N S 333 
SER C     C N N 334 
SER O     O N N 335 
SER CB    C N N 336 
SER OG    O N N 337 
SER OXT   O N N 338 
SER H     H N N 339 
SER H2    H N N 340 
SER HA    H N N 341 
SER HB2   H N N 342 
SER HB3   H N N 343 
SER HG    H N N 344 
SER HXT   H N N 345 
THR N     N N N 346 
THR CA    C N S 347 
THR C     C N N 348 
THR O     O N N 349 
THR CB    C N R 350 
THR OG1   O N N 351 
THR CG2   C N N 352 
THR OXT   O N N 353 
THR H     H N N 354 
THR H2    H N N 355 
THR HA    H N N 356 
THR HB    H N N 357 
THR HG1   H N N 358 
THR HG21  H N N 359 
THR HG22  H N N 360 
THR HG23  H N N 361 
THR HXT   H N N 362 
TRP N     N N N 363 
TRP CA    C N S 364 
TRP C     C N N 365 
TRP O     O N N 366 
TRP CB    C N N 367 
TRP CG    C Y N 368 
TRP CD1   C Y N 369 
TRP CD2   C Y N 370 
TRP NE1   N Y N 371 
TRP CE2   C Y N 372 
TRP CE3   C Y N 373 
TRP CZ2   C Y N 374 
TRP CZ3   C Y N 375 
TRP CH2   C Y N 376 
TRP OXT   O N N 377 
TRP H     H N N 378 
TRP H2    H N N 379 
TRP HA    H N N 380 
TRP HB2   H N N 381 
TRP HB3   H N N 382 
TRP HD1   H N N 383 
TRP HE1   H N N 384 
TRP HE3   H N N 385 
TRP HZ2   H N N 386 
TRP HZ3   H N N 387 
TRP HH2   H N N 388 
TRP HXT   H N N 389 
TYR N     N N N 390 
TYR CA    C N S 391 
TYR C     C N N 392 
TYR O     O N N 393 
TYR CB    C N N 394 
TYR CG    C Y N 395 
TYR CD1   C Y N 396 
TYR CD2   C Y N 397 
TYR CE1   C Y N 398 
TYR CE2   C Y N 399 
TYR CZ    C Y N 400 
TYR OH    O N N 401 
TYR OXT   O N N 402 
TYR H     H N N 403 
TYR H2    H N N 404 
TYR HA    H N N 405 
TYR HB2   H N N 406 
TYR HB3   H N N 407 
TYR HD1   H N N 408 
TYR HD2   H N N 409 
TYR HE1   H N N 410 
TYR HE2   H N N 411 
TYR HH    H N N 412 
TYR HXT   H N N 413 
VAL N     N N N 414 
VAL CA    C N S 415 
VAL C     C N N 416 
VAL O     O N N 417 
VAL CB    C N N 418 
VAL CG1   C N N 419 
VAL CG2   C N N 420 
VAL OXT   O N N 421 
VAL H     H N N 422 
VAL H2    H N N 423 
VAL HA    H N N 424 
VAL HB    H N N 425 
VAL HG11  H N N 426 
VAL HG12  H N N 427 
VAL HG13  H N N 428 
VAL HG21  H N N 429 
VAL HG22  H N N 430 
VAL HG23  H N N 431 
VAL HXT   H N N 432 
# 
loop_
_chem_comp_bond.comp_id 
_chem_comp_bond.atom_id_1 
_chem_comp_bond.atom_id_2 
_chem_comp_bond.value_order 
_chem_comp_bond.pdbx_aromatic_flag 
_chem_comp_bond.pdbx_stereo_config 
_chem_comp_bond.pdbx_ordinal 
ALA N     CA    sing N N 1   
ALA N     H     sing N N 2   
ALA N     H2    sing N N 3   
ALA CA    C     sing N N 4   
ALA CA    CB    sing N N 5   
ALA CA    HA    sing N N 6   
ALA C     O     doub N N 7   
ALA C     OXT   sing N N 8   
ALA CB    HB1   sing N N 9   
ALA CB    HB2   sing N N 10  
ALA CB    HB3   sing N N 11  
ALA OXT   HXT   sing N N 12  
ARG N     CA    sing N N 13  
ARG N     H     sing N N 14  
ARG N     H2    sing N N 15  
ARG CA    C     sing N N 16  
ARG CA    CB    sing N N 17  
ARG CA    HA    sing N N 18  
ARG C     O     doub N N 19  
ARG C     OXT   sing N N 20  
ARG CB    CG    sing N N 21  
ARG CB    HB2   sing N N 22  
ARG CB    HB3   sing N N 23  
ARG CG    CD    sing N N 24  
ARG CG    HG2   sing N N 25  
ARG CG    HG3   sing N N 26  
ARG CD    NE    sing N N 27  
ARG CD    HD2   sing N N 28  
ARG CD    HD3   sing N N 29  
ARG NE    CZ    sing N N 30  
ARG NE    HE    sing N N 31  
ARG CZ    NH1   sing N N 32  
ARG CZ    NH2   doub N N 33  
ARG NH1   HH11  sing N N 34  
ARG NH1   HH12  sing N N 35  
ARG NH2   HH21  sing N N 36  
ARG NH2   HH22  sing N N 37  
ARG OXT   HXT   sing N N 38  
ASN N     CA    sing N N 39  
ASN N     H     sing N N 40  
ASN N     H2    sing N N 41  
ASN CA    C     sing N N 42  
ASN CA    CB    sing N N 43  
ASN CA    HA    sing N N 44  
ASN C     O     doub N N 45  
ASN C     OXT   sing N N 46  
ASN CB    CG    sing N N 47  
ASN CB    HB2   sing N N 48  
ASN CB    HB3   sing N N 49  
ASN CG    OD1   doub N N 50  
ASN CG    ND2   sing N N 51  
ASN ND2   HD21  sing N N 52  
ASN ND2   HD22  sing N N 53  
ASN OXT   HXT   sing N N 54  
ASP N     CA    sing N N 55  
ASP N     H     sing N N 56  
ASP N     H2    sing N N 57  
ASP CA    C     sing N N 58  
ASP CA    CB    sing N N 59  
ASP CA    HA    sing N N 60  
ASP C     O     doub N N 61  
ASP C     OXT   sing N N 62  
ASP CB    CG    sing N N 63  
ASP CB    HB2   sing N N 64  
ASP CB    HB3   sing N N 65  
ASP CG    OD1   doub N N 66  
ASP CG    OD2   sing N N 67  
ASP OD2   HD2   sing N N 68  
ASP OXT   HXT   sing N N 69  
CYS N     CA    sing N N 70  
CYS N     H     sing N N 71  
CYS N     H2    sing N N 72  
CYS CA    C     sing N N 73  
CYS CA    CB    sing N N 74  
CYS CA    HA    sing N N 75  
CYS C     O     doub N N 76  
CYS C     OXT   sing N N 77  
CYS CB    SG    sing N N 78  
CYS CB    HB2   sing N N 79  
CYS CB    HB3   sing N N 80  
CYS SG    HG    sing N N 81  
CYS OXT   HXT   sing N N 82  
GLN N     CA    sing N N 83  
GLN N     H     sing N N 84  
GLN N     H2    sing N N 85  
GLN CA    C     sing N N 86  
GLN CA    CB    sing N N 87  
GLN CA    HA    sing N N 88  
GLN C     O     doub N N 89  
GLN C     OXT   sing N N 90  
GLN CB    CG    sing N N 91  
GLN CB    HB2   sing N N 92  
GLN CB    HB3   sing N N 93  
GLN CG    CD    sing N N 94  
GLN CG    HG2   sing N N 95  
GLN CG    HG3   sing N N 96  
GLN CD    OE1   doub N N 97  
GLN CD    NE2   sing N N 98  
GLN NE2   HE21  sing N N 99  
GLN NE2   HE22  sing N N 100 
GLN OXT   HXT   sing N N 101 
GLU N     CA    sing N N 102 
GLU N     H     sing N N 103 
GLU N     H2    sing N N 104 
GLU CA    C     sing N N 105 
GLU CA    CB    sing N N 106 
GLU CA    HA    sing N N 107 
GLU C     O     doub N N 108 
GLU C     OXT   sing N N 109 
GLU CB    CG    sing N N 110 
GLU CB    HB2   sing N N 111 
GLU CB    HB3   sing N N 112 
GLU CG    CD    sing N N 113 
GLU CG    HG2   sing N N 114 
GLU CG    HG3   sing N N 115 
GLU CD    OE1   doub N N 116 
GLU CD    OE2   sing N N 117 
GLU OE2   HE2   sing N N 118 
GLU OXT   HXT   sing N N 119 
GLY N     CA    sing N N 120 
GLY N     H     sing N N 121 
GLY N     H2    sing N N 122 
GLY CA    C     sing N N 123 
GLY CA    HA2   sing N N 124 
GLY CA    HA3   sing N N 125 
GLY C     O     doub N N 126 
GLY C     OXT   sing N N 127 
GLY OXT   HXT   sing N N 128 
HIS N     CA    sing N N 129 
HIS N     H     sing N N 130 
HIS N     H2    sing N N 131 
HIS CA    C     sing N N 132 
HIS CA    CB    sing N N 133 
HIS CA    HA    sing N N 134 
HIS C     O     doub N N 135 
HIS C     OXT   sing N N 136 
HIS CB    CG    sing N N 137 
HIS CB    HB2   sing N N 138 
HIS CB    HB3   sing N N 139 
HIS CG    ND1   sing Y N 140 
HIS CG    CD2   doub Y N 141 
HIS ND1   CE1   doub Y N 142 
HIS ND1   HD1   sing N N 143 
HIS CD2   NE2   sing Y N 144 
HIS CD2   HD2   sing N N 145 
HIS CE1   NE2   sing Y N 146 
HIS CE1   HE1   sing N N 147 
HIS NE2   HE2   sing N N 148 
HIS OXT   HXT   sing N N 149 
HOH O     H1    sing N N 150 
HOH O     H2    sing N N 151 
ILE N     CA    sing N N 152 
ILE N     H     sing N N 153 
ILE N     H2    sing N N 154 
ILE CA    C     sing N N 155 
ILE CA    CB    sing N N 156 
ILE CA    HA    sing N N 157 
ILE C     O     doub N N 158 
ILE C     OXT   sing N N 159 
ILE CB    CG1   sing N N 160 
ILE CB    CG2   sing N N 161 
ILE CB    HB    sing N N 162 
ILE CG1   CD1   sing N N 163 
ILE CG1   HG12  sing N N 164 
ILE CG1   HG13  sing N N 165 
ILE CG2   HG21  sing N N 166 
ILE CG2   HG22  sing N N 167 
ILE CG2   HG23  sing N N 168 
ILE CD1   HD11  sing N N 169 
ILE CD1   HD12  sing N N 170 
ILE CD1   HD13  sing N N 171 
ILE OXT   HXT   sing N N 172 
LEC C8    C7    sing N N 173 
LEC C7    O7    doub N N 174 
LEC C7    N2    sing N N 175 
LEC N2    C2    sing N N 176 
LEC C2    C3    sing N N 177 
LEC C2    C1    sing N N 178 
LEC C3    O3    sing N N 179 
LEC C3    C4    sing N N 180 
LEC C4    O4    sing N N 181 
LEC C4    C5    sing N N 182 
LEC C5    C6    sing N N 183 
LEC C5    O5    sing N N 184 
LEC C6    O6    sing N N 185 
LEC O5    C1    sing N N 186 
LEC C1    O1    sing N N 187 
LEC O1    "C1'" sing N N 188 
LEC "C1'" "C2'" doub Y N 189 
LEC "C1'" "C6'" sing Y N 190 
LEC "C2'" "C3'" sing Y N 191 
LEC "C3'" "C4'" doub Y N 192 
LEC "C4'" "N1'" sing N N 193 
LEC "C4'" "C5'" sing Y N 194 
LEC "N1'" "O2'" sing N N 195 
LEC "N1'" "O1'" doub N N 196 
LEC "C5'" "C6'" doub Y N 197 
LEC C8    H81   sing N N 198 
LEC C8    H82   sing N N 199 
LEC C8    H83   sing N N 200 
LEC N2    HN2   sing N N 201 
LEC C2    H2    sing N N 202 
LEC C3    H3    sing N N 203 
LEC O3    HO3   sing N N 204 
LEC C4    H4    sing N N 205 
LEC O4    HO4   sing N N 206 
LEC C5    H5    sing N N 207 
LEC C6    H61   sing N N 208 
LEC C6    H62   sing N N 209 
LEC O6    HO6   sing N N 210 
LEC C1    H1    sing N N 211 
LEC "C2'" "H2'" sing N N 212 
LEC "C3'" "H3'" sing N N 213 
LEC "C5'" "H5'" sing N N 214 
LEC "C6'" "H6'" sing N N 215 
LEU N     CA    sing N N 216 
LEU N     H     sing N N 217 
LEU N     H2    sing N N 218 
LEU CA    C     sing N N 219 
LEU CA    CB    sing N N 220 
LEU CA    HA    sing N N 221 
LEU C     O     doub N N 222 
LEU C     OXT   sing N N 223 
LEU CB    CG    sing N N 224 
LEU CB    HB2   sing N N 225 
LEU CB    HB3   sing N N 226 
LEU CG    CD1   sing N N 227 
LEU CG    CD2   sing N N 228 
LEU CG    HG    sing N N 229 
LEU CD1   HD11  sing N N 230 
LEU CD1   HD12  sing N N 231 
LEU CD1   HD13  sing N N 232 
LEU CD2   HD21  sing N N 233 
LEU CD2   HD22  sing N N 234 
LEU CD2   HD23  sing N N 235 
LEU OXT   HXT   sing N N 236 
LYS N     CA    sing N N 237 
LYS N     H     sing N N 238 
LYS N     H2    sing N N 239 
LYS CA    C     sing N N 240 
LYS CA    CB    sing N N 241 
LYS CA    HA    sing N N 242 
LYS C     O     doub N N 243 
LYS C     OXT   sing N N 244 
LYS CB    CG    sing N N 245 
LYS CB    HB2   sing N N 246 
LYS CB    HB3   sing N N 247 
LYS CG    CD    sing N N 248 
LYS CG    HG2   sing N N 249 
LYS CG    HG3   sing N N 250 
LYS CD    CE    sing N N 251 
LYS CD    HD2   sing N N 252 
LYS CD    HD3   sing N N 253 
LYS CE    NZ    sing N N 254 
LYS CE    HE2   sing N N 255 
LYS CE    HE3   sing N N 256 
LYS NZ    HZ1   sing N N 257 
LYS NZ    HZ2   sing N N 258 
LYS NZ    HZ3   sing N N 259 
LYS OXT   HXT   sing N N 260 
MET N     CA    sing N N 261 
MET N     H     sing N N 262 
MET N     H2    sing N N 263 
MET CA    C     sing N N 264 
MET CA    CB    sing N N 265 
MET CA    HA    sing N N 266 
MET C     O     doub N N 267 
MET C     OXT   sing N N 268 
MET CB    CG    sing N N 269 
MET CB    HB2   sing N N 270 
MET CB    HB3   sing N N 271 
MET CG    SD    sing N N 272 
MET CG    HG2   sing N N 273 
MET CG    HG3   sing N N 274 
MET SD    CE    sing N N 275 
MET CE    HE1   sing N N 276 
MET CE    HE2   sing N N 277 
MET CE    HE3   sing N N 278 
MET OXT   HXT   sing N N 279 
PHE N     CA    sing N N 280 
PHE N     H     sing N N 281 
PHE N     H2    sing N N 282 
PHE CA    C     sing N N 283 
PHE CA    CB    sing N N 284 
PHE CA    HA    sing N N 285 
PHE C     O     doub N N 286 
PHE C     OXT   sing N N 287 
PHE CB    CG    sing N N 288 
PHE CB    HB2   sing N N 289 
PHE CB    HB3   sing N N 290 
PHE CG    CD1   doub Y N 291 
PHE CG    CD2   sing Y N 292 
PHE CD1   CE1   sing Y N 293 
PHE CD1   HD1   sing N N 294 
PHE CD2   CE2   doub Y N 295 
PHE CD2   HD2   sing N N 296 
PHE CE1   CZ    doub Y N 297 
PHE CE1   HE1   sing N N 298 
PHE CE2   CZ    sing Y N 299 
PHE CE2   HE2   sing N N 300 
PHE CZ    HZ    sing N N 301 
PHE OXT   HXT   sing N N 302 
PRO N     CA    sing N N 303 
PRO N     CD    sing N N 304 
PRO N     H     sing N N 305 
PRO CA    C     sing N N 306 
PRO CA    CB    sing N N 307 
PRO CA    HA    sing N N 308 
PRO C     O     doub N N 309 
PRO C     OXT   sing N N 310 
PRO CB    CG    sing N N 311 
PRO CB    HB2   sing N N 312 
PRO CB    HB3   sing N N 313 
PRO CG    CD    sing N N 314 
PRO CG    HG2   sing N N 315 
PRO CG    HG3   sing N N 316 
PRO CD    HD2   sing N N 317 
PRO CD    HD3   sing N N 318 
PRO OXT   HXT   sing N N 319 
SER N     CA    sing N N 320 
SER N     H     sing N N 321 
SER N     H2    sing N N 322 
SER CA    C     sing N N 323 
SER CA    CB    sing N N 324 
SER CA    HA    sing N N 325 
SER C     O     doub N N 326 
SER C     OXT   sing N N 327 
SER CB    OG    sing N N 328 
SER CB    HB2   sing N N 329 
SER CB    HB3   sing N N 330 
SER OG    HG    sing N N 331 
SER OXT   HXT   sing N N 332 
THR N     CA    sing N N 333 
THR N     H     sing N N 334 
THR N     H2    sing N N 335 
THR CA    C     sing N N 336 
THR CA    CB    sing N N 337 
THR CA    HA    sing N N 338 
THR C     O     doub N N 339 
THR C     OXT   sing N N 340 
THR CB    OG1   sing N N 341 
THR CB    CG2   sing N N 342 
THR CB    HB    sing N N 343 
THR OG1   HG1   sing N N 344 
THR CG2   HG21  sing N N 345 
THR CG2   HG22  sing N N 346 
THR CG2   HG23  sing N N 347 
THR OXT   HXT   sing N N 348 
TRP N     CA    sing N N 349 
TRP N     H     sing N N 350 
TRP N     H2    sing N N 351 
TRP CA    C     sing N N 352 
TRP CA    CB    sing N N 353 
TRP CA    HA    sing N N 354 
TRP C     O     doub N N 355 
TRP C     OXT   sing N N 356 
TRP CB    CG    sing N N 357 
TRP CB    HB2   sing N N 358 
TRP CB    HB3   sing N N 359 
TRP CG    CD1   doub Y N 360 
TRP CG    CD2   sing Y N 361 
TRP CD1   NE1   sing Y N 362 
TRP CD1   HD1   sing N N 363 
TRP CD2   CE2   doub Y N 364 
TRP CD2   CE3   sing Y N 365 
TRP NE1   CE2   sing Y N 366 
TRP NE1   HE1   sing N N 367 
TRP CE2   CZ2   sing Y N 368 
TRP CE3   CZ3   doub Y N 369 
TRP CE3   HE3   sing N N 370 
TRP CZ2   CH2   doub Y N 371 
TRP CZ2   HZ2   sing N N 372 
TRP CZ3   CH2   sing Y N 373 
TRP CZ3   HZ3   sing N N 374 
TRP CH2   HH2   sing N N 375 
TRP OXT   HXT   sing N N 376 
TYR N     CA    sing N N 377 
TYR N     H     sing N N 378 
TYR N     H2    sing N N 379 
TYR CA    C     sing N N 380 
TYR CA    CB    sing N N 381 
TYR CA    HA    sing N N 382 
TYR C     O     doub N N 383 
TYR C     OXT   sing N N 384 
TYR CB    CG    sing N N 385 
TYR CB    HB2   sing N N 386 
TYR CB    HB3   sing N N 387 
TYR CG    CD1   doub Y N 388 
TYR CG    CD2   sing Y N 389 
TYR CD1   CE1   sing Y N 390 
TYR CD1   HD1   sing N N 391 
TYR CD2   CE2   doub Y N 392 
TYR CD2   HD2   sing N N 393 
TYR CE1   CZ    doub Y N 394 
TYR CE1   HE1   sing N N 395 
TYR CE2   CZ    sing Y N 396 
TYR CE2   HE2   sing N N 397 
TYR CZ    OH    sing N N 398 
TYR OH    HH    sing N N 399 
TYR OXT   HXT   sing N N 400 
VAL N     CA    sing N N 401 
VAL N     H     sing N N 402 
VAL N     H2    sing N N 403 
VAL CA    C     sing N N 404 
VAL CA    CB    sing N N 405 
VAL CA    HA    sing N N 406 
VAL C     O     doub N N 407 
VAL C     OXT   sing N N 408 
VAL CB    CG1   sing N N 409 
VAL CB    CG2   sing N N 410 
VAL CB    HB    sing N N 411 
VAL CG1   HG11  sing N N 412 
VAL CG1   HG12  sing N N 413 
VAL CG1   HG13  sing N N 414 
VAL CG2   HG21  sing N N 415 
VAL CG2   HG22  sing N N 416 
VAL CG2   HG23  sing N N 417 
VAL OXT   HXT   sing N N 418 
# 
_pdbx_initial_refinement_model.id               1 
_pdbx_initial_refinement_model.entity_id_list   ? 
_pdbx_initial_refinement_model.type             'experimental model' 
_pdbx_initial_refinement_model.source_name      PDB 
_pdbx_initial_refinement_model.accession_code   1O9V 
_pdbx_initial_refinement_model.details          'PDB ENTRY 1O9V' 
# 
_atom_sites.entry_id                    3F64 
_atom_sites.fract_transf_matrix[1][1]   0.00494310 
_atom_sites.fract_transf_matrix[1][2]   -0.02591409 
_atom_sites.fract_transf_matrix[1][3]   0.00492806 
_atom_sites.fract_transf_matrix[2][1]   -0.01058169 
_atom_sites.fract_transf_matrix[2][2]   -0.01892387 
_atom_sites.fract_transf_matrix[2][3]   -0.01581749 
_atom_sites.fract_transf_matrix[3][1]   0.00279660 
_atom_sites.fract_transf_matrix[3][2]   0.00014474 
_atom_sites.fract_transf_matrix[3][3]   -0.00204405 
_atom_sites.fract_transf_vector[1]      1.152341 
_atom_sites.fract_transf_vector[2]      0.892463 
_atom_sites.fract_transf_vector[3]      0.041414 
# 
loop_
_atom_type.symbol 
C 
N 
O 
S 
# 
loop_
_atom_site.group_PDB 
_atom_site.id 
_atom_site.type_symbol 
_atom_site.label_atom_id 
_atom_site.label_alt_id 
_atom_site.label_comp_id 
_atom_site.label_asym_id 
_atom_site.label_entity_id 
_atom_site.label_seq_id 
_atom_site.pdbx_PDB_ins_code 
_atom_site.Cartn_x 
_atom_site.Cartn_y 
_atom_site.Cartn_z 
_atom_site.occupancy 
_atom_site.B_iso_or_equiv 
_atom_site.pdbx_formal_charge 
_atom_site.auth_seq_id 
_atom_site.auth_comp_id 
_atom_site.auth_asym_id 
_atom_site.auth_atom_id 
_atom_site.pdbx_PDB_model_num 
ATOM   1    N N     . ALA A 1 1   ? 11.508  -22.973 -0.993  1.00 14.51 ? 1   ALA A N     1 
ATOM   2    C CA    . ALA A 1 1   ? 12.325  -21.835 -1.508  1.00 13.99 ? 1   ALA A CA    1 
ATOM   3    C C     . ALA A 1 1   ? 11.539  -20.529 -1.635  1.00 13.82 ? 1   ALA A C     1 
ATOM   4    O O     . ALA A 1 1   ? 10.306  -20.522 -1.614  1.00 14.14 ? 1   ALA A O     1 
ATOM   5    C CB    . ALA A 1 1   ? 12.983  -22.205 -2.852  1.00 13.97 ? 1   ALA A CB    1 
ATOM   6    N N     . VAL A 1 2   ? 12.279  -19.426 -1.741  1.00 13.32 ? 2   VAL A N     1 
ATOM   7    C CA    . VAL A 1 2   ? 11.718  -18.116 -2.034  1.00 12.77 ? 2   VAL A CA    1 
ATOM   8    C C     . VAL A 1 2   ? 12.672  -17.298 -2.909  1.00 12.75 ? 2   VAL A C     1 
ATOM   9    O O     . VAL A 1 2   ? 13.907  -17.375 -2.746  1.00 13.12 ? 2   VAL A O     1 
ATOM   10   C CB    . VAL A 1 2   ? 11.357  -17.320 -0.727  1.00 13.04 ? 2   VAL A CB    1 
ATOM   11   C CG1   . VAL A 1 2   ? 12.622  -16.981 0.103   1.00 13.13 ? 2   VAL A CG1   1 
ATOM   12   C CG2   . VAL A 1 2   ? 10.591  -16.033 -1.062  1.00 11.26 ? 2   VAL A CG2   1 
ATOM   13   N N     . SER A 1 3   ? 12.111  -16.539 -3.852  1.00 11.98 ? 3   SER A N     1 
ATOM   14   C CA    . SER A 1 3   ? 12.880  -15.560 -4.643  1.00 12.20 ? 3   SER A CA    1 
ATOM   15   C C     . SER A 1 3   ? 12.017  -14.334 -4.899  1.00 12.50 ? 3   SER A C     1 
ATOM   16   O O     . SER A 1 3   ? 10.783  -14.412 -4.849  1.00 12.24 ? 3   SER A O     1 
ATOM   17   C CB    . SER A 1 3   ? 13.379  -16.150 -5.973  1.00 12.74 ? 3   SER A CB    1 
ATOM   18   O OG    . SER A 1 3   ? 12.296  -16.576 -6.809  1.00 13.16 ? 3   SER A OG    1 
ATOM   19   N N     . PHE A 1 4   ? 12.672  -13.204 -5.150  1.00 12.32 ? 4   PHE A N     1 
ATOM   20   C CA    . PHE A 1 4   ? 11.999  -11.942 -5.386  1.00 12.86 ? 4   PHE A CA    1 
ATOM   21   C C     . PHE A 1 4   ? 11.804  -11.707 -6.893  1.00 13.34 ? 4   PHE A C     1 
ATOM   22   O O     . PHE A 1 4   ? 12.790  -11.653 -7.638  1.00 12.50 ? 4   PHE A O     1 
ATOM   23   C CB    . PHE A 1 4   ? 12.833  -10.798 -4.810  1.00 12.57 ? 4   PHE A CB    1 
ATOM   24   C CG    . PHE A 1 4   ? 12.269  -9.442  -5.094  1.00 13.37 ? 4   PHE A CG    1 
ATOM   25   C CD1   . PHE A 1 4   ? 11.070  -9.053  -4.525  1.00 14.07 ? 4   PHE A CD1   1 
ATOM   26   C CD2   . PHE A 1 4   ? 12.924  -8.561  -5.941  1.00 15.69 ? 4   PHE A CD2   1 
ATOM   27   C CE1   . PHE A 1 4   ? 10.532  -7.829  -4.791  1.00 13.69 ? 4   PHE A CE1   1 
ATOM   28   C CE2   . PHE A 1 4   ? 12.396  -7.324  -6.198  1.00 15.43 ? 4   PHE A CE2   1 
ATOM   29   C CZ    . PHE A 1 4   ? 11.201  -6.954  -5.620  1.00 14.60 ? 4   PHE A CZ    1 
ATOM   30   N N     . ILE A 1 5   ? 10.552  -11.529 -7.321  1.00 12.93 ? 5   ILE A N     1 
ATOM   31   C CA    . ILE A 1 5   ? 10.234  -11.400 -8.763  1.00 14.22 ? 5   ILE A CA    1 
ATOM   32   C C     . ILE A 1 5   ? 9.578   -10.064 -9.183  1.00 14.68 ? 5   ILE A C     1 
ATOM   33   O O     . ILE A 1 5   ? 9.463   -9.752  -10.388 1.00 15.12 ? 5   ILE A O     1 
ATOM   34   C CB    . ILE A 1 5   ? 9.391   -12.607 -9.283  1.00 13.55 ? 5   ILE A CB    1 
ATOM   35   C CG1   . ILE A 1 5   ? 8.153   -12.849 -8.401  1.00 14.39 ? 5   ILE A CG1   1 
ATOM   36   C CG2   . ILE A 1 5   ? 10.238  -13.867 -9.335  1.00 14.58 ? 5   ILE A CG2   1 
ATOM   37   C CD1   . ILE A 1 5   ? 7.138   -13.859 -8.984  1.00 13.83 ? 5   ILE A CD1   1 
ATOM   38   N N     . GLY A 1 6   ? 9.147   -9.269  -8.206  1.00 14.58 ? 6   GLY A N     1 
ATOM   39   C CA    . GLY A 1 6   ? 8.484   -8.018  -8.517  1.00 14.28 ? 6   GLY A CA    1 
ATOM   40   C C     . GLY A 1 6   ? 9.466   -6.886  -8.727  1.00 15.25 ? 6   GLY A C     1 
ATOM   41   O O     . GLY A 1 6   ? 10.656  -7.114  -9.032  1.00 15.15 ? 6   GLY A O     1 
ATOM   42   N N     . SER A 1 7   ? 8.970   -5.660  -8.544  1.00 15.19 ? 7   SER A N     1 
ATOM   43   C CA    . SER A 1 7   ? 9.780   -4.443  -8.690  1.00 16.14 ? 7   SER A CA    1 
ATOM   44   C C     . SER A 1 7   ? 9.984   -3.760  -7.346  1.00 15.79 ? 7   SER A C     1 
ATOM   45   O O     . SER A 1 7   ? 9.112   -3.798  -6.475  1.00 15.53 ? 7   SER A O     1 
ATOM   46   C CB    . SER A 1 7   ? 9.140   -3.467  -9.671  1.00 15.77 ? 7   SER A CB    1 
ATOM   47   O OG    . SER A 1 7   ? 8.778   -4.168  -10.846 1.00 19.00 ? 7   SER A OG    1 
ATOM   48   N N     . THR A 1 8   ? 11.156  -3.150  -7.192  1.00 15.28 ? 8   THR A N     1 
ATOM   49   C CA    . THR A 1 8   ? 11.543  -2.503  -5.955  1.00 14.93 ? 8   THR A CA    1 
ATOM   50   C C     . THR A 1 8   ? 10.770  -1.197  -5.744  1.00 14.67 ? 8   THR A C     1 
ATOM   51   O O     . THR A 1 8   ? 10.292  -0.916  -4.636  1.00 14.39 ? 8   THR A O     1 
ATOM   52   C CB    . THR A 1 8   ? 13.069  -2.290  -5.958  1.00 14.95 ? 8   THR A CB    1 
ATOM   53   O OG1   . THR A 1 8   ? 13.698  -3.572  -5.929  1.00 15.06 ? 8   THR A OG1   1 
ATOM   54   C CG2   . THR A 1 8   ? 13.537  -1.477  -4.754  1.00 15.08 ? 8   THR A CG2   1 
ATOM   55   N N     . GLU A 1 9   ? 10.641  -0.419  -6.816  1.00 14.59 ? 9   GLU A N     1 
ATOM   56   C CA    . GLU A 1 9   ? 10.007  0.893   -6.775  1.00 14.34 ? 9   GLU A CA    1 
ATOM   57   C C     . GLU A 1 9   ? 8.717   0.804   -7.588  1.00 14.04 ? 9   GLU A C     1 
ATOM   58   O O     . GLU A 1 9   ? 8.724   0.278   -8.701  1.00 13.75 ? 9   GLU A O     1 
ATOM   59   C CB    . GLU A 1 9   ? 10.953  1.952   -7.368  1.00 15.13 ? 9   GLU A CB    1 
ATOM   60   C CG    . GLU A 1 9   ? 12.327  2.050   -6.646  1.00 15.35 ? 9   GLU A CG    1 
ATOM   61   C CD    . GLU A 1 9   ? 12.196  2.500   -5.190  1.00 17.02 ? 9   GLU A CD    1 
ATOM   62   O OE1   . GLU A 1 9   ? 11.367  3.402   -4.928  1.00 16.57 ? 9   GLU A OE1   1 
ATOM   63   O OE2   . GLU A 1 9   ? 12.915  1.953   -4.307  1.00 17.73 ? 9   GLU A OE2   1 
ATOM   64   N N     . ASN A 1 10  ? 7.616   1.301   -7.030  1.00 12.70 ? 10  ASN A N     1 
ATOM   65   C CA    . ASN A 1 10  ? 6.295   1.079   -7.605  1.00 12.50 ? 10  ASN A CA    1 
ATOM   66   C C     . ASN A 1 10  ? 5.445   2.332   -7.488  1.00 12.88 ? 10  ASN A C     1 
ATOM   67   O O     . ASN A 1 10  ? 5.350   2.905   -6.393  1.00 12.75 ? 10  ASN A O     1 
ATOM   68   C CB    . ASN A 1 10  ? 5.602   -0.069  -6.869  1.00 11.69 ? 10  ASN A CB    1 
ATOM   69   C CG    . ASN A 1 10  ? 6.409   -1.364  -6.915  1.00 10.91 ? 10  ASN A CG    1 
ATOM   70   O OD1   . ASN A 1 10  ? 6.456   -2.047  -7.936  1.00 9.59  ? 10  ASN A OD1   1 
ATOM   71   N ND2   . ASN A 1 10  ? 7.060   -1.700  -5.804  1.00 10.86 ? 10  ASN A ND2   1 
ATOM   72   N N     . ASP A 1 11  ? 4.811   2.742   -8.592  1.00 12.65 ? 11  ASP A N     1 
ATOM   73   C CA    . ASP A 1 11  ? 3.947   3.925   -8.589  1.00 12.79 ? 11  ASP A CA    1 
ATOM   74   C C     . ASP A 1 11  ? 2.482   3.574   -8.321  1.00 12.77 ? 11  ASP A C     1 
ATOM   75   O O     . ASP A 1 11  ? 1.970   2.566   -8.811  1.00 12.64 ? 11  ASP A O     1 
ATOM   76   C CB    . ASP A 1 11  ? 4.039   4.709   -9.911  1.00 12.79 ? 11  ASP A CB    1 
ATOM   77   C CG    . ASP A 1 11  ? 5.426   5.317   -10.152 1.00 16.22 ? 11  ASP A CG    1 
ATOM   78   O OD1   . ASP A 1 11  ? 6.113   5.747   -9.175  1.00 15.44 ? 11  ASP A OD1   1 
ATOM   79   O OD2   . ASP A 1 11  ? 5.803   5.389   -11.341 1.00 18.19 ? 11  ASP A OD2   1 
ATOM   80   N N     . VAL A 1 12  ? 1.814   4.426   -7.542  1.00 12.61 ? 12  VAL A N     1 
ATOM   81   C CA    . VAL A 1 12  ? 0.415   4.205   -7.168  1.00 13.03 ? 12  VAL A CA    1 
ATOM   82   C C     . VAL A 1 12  ? -0.491  5.214   -7.875  1.00 12.76 ? 12  VAL A C     1 
ATOM   83   O O     . VAL A 1 12  ? -0.384  6.423   -7.655  1.00 12.82 ? 12  VAL A O     1 
ATOM   84   C CB    . VAL A 1 12  ? 0.220   4.290   -5.627  1.00 12.91 ? 12  VAL A CB    1 
ATOM   85   C CG1   . VAL A 1 12  ? -1.250  4.090   -5.256  1.00 11.98 ? 12  VAL A CG1   1 
ATOM   86   C CG2   . VAL A 1 12  ? 1.094   3.258   -4.915  1.00 12.90 ? 12  VAL A CG2   1 
ATOM   87   N N     . GLY A 1 13  ? -1.376  4.711   -8.732  1.00 13.36 ? 13  GLY A N     1 
ATOM   88   C CA    . GLY A 1 13  ? -2.309  5.575   -9.486  1.00 13.87 ? 13  GLY A CA    1 
ATOM   89   C C     . GLY A 1 13  ? -1.703  6.075   -10.800 1.00 15.04 ? 13  GLY A C     1 
ATOM   90   O O     . GLY A 1 13  ? -0.467  6.098   -10.953 1.00 14.48 ? 13  GLY A O     1 
ATOM   91   N N     . PRO A 1 14  ? -2.561  6.465   -11.769 1.00 14.97 ? 14  PRO A N     1 
ATOM   92   C CA    . PRO A 1 14  ? -2.062  7.030   -13.030 1.00 15.33 ? 14  PRO A CA    1 
ATOM   93   C C     . PRO A 1 14  ? -1.446  8.421   -12.868 1.00 15.42 ? 14  PRO A C     1 
ATOM   94   O O     . PRO A 1 14  ? -1.920  9.235   -12.071 1.00 15.62 ? 14  PRO A O     1 
ATOM   95   C CB    . PRO A 1 14  ? -3.318  7.081   -13.927 1.00 15.51 ? 14  PRO A CB    1 
ATOM   96   C CG    . PRO A 1 14  ? -4.485  7.117   -12.942 1.00 14.89 ? 14  PRO A CG    1 
ATOM   97   C CD    . PRO A 1 14  ? -4.012  6.207   -11.820 1.00 15.25 ? 14  PRO A CD    1 
ATOM   98   N N     . SER A 1 15  ? -0.374  8.675   -13.621 1.00 15.78 ? 15  SER A N     1 
ATOM   99   C CA    . SER A 1 15  ? 0.299   9.956   -13.590 1.00 16.16 ? 15  SER A CA    1 
ATOM   100  C C     . SER A 1 15  ? -0.607  11.097  -14.045 1.00 16.26 ? 15  SER A C     1 
ATOM   101  O O     . SER A 1 15  ? -1.197  11.049  -15.130 1.00 16.28 ? 15  SER A O     1 
ATOM   102  C CB    . SER A 1 15  ? 1.577   9.918   -14.437 1.00 16.83 ? 15  SER A CB    1 
ATOM   103  O OG    . SER A 1 15  ? 2.346   11.101  -14.237 1.00 18.54 ? 15  SER A OG    1 
ATOM   104  N N     . LEU A 1 16  ? -0.691  12.123  -13.201 1.00 15.83 ? 16  LEU A N     1 
ATOM   105  C CA    . LEU A 1 16  ? -1.551  13.281  -13.419 1.00 16.87 ? 16  LEU A CA    1 
ATOM   106  C C     . LEU A 1 16  ? -3.011  12.908  -13.642 1.00 16.28 ? 16  LEU A C     1 
ATOM   107  O O     . LEU A 1 16  ? -3.719  13.576  -14.381 1.00 16.98 ? 16  LEU A O     1 
ATOM   108  C CB    . LEU A 1 16  ? -1.037  14.138  -14.576 1.00 17.08 ? 16  LEU A CB    1 
ATOM   109  C CG    . LEU A 1 16  ? 0.355   14.740  -14.372 1.00 17.89 ? 16  LEU A CG    1 
ATOM   110  C CD1   . LEU A 1 16  ? 0.731   15.438  -15.643 1.00 19.92 ? 16  LEU A CD1   1 
ATOM   111  C CD2   . LEU A 1 16  ? 0.391   15.739  -13.211 1.00 18.61 ? 16  LEU A CD2   1 
ATOM   112  N N     . GLY A 1 17  ? -3.457  11.831  -13.011 1.00 16.40 ? 17  GLY A N     1 
ATOM   113  C CA    . GLY A 1 17  ? -4.882  11.497  -13.031 1.00 15.43 ? 17  GLY A CA    1 
ATOM   114  C C     . GLY A 1 17  ? -5.677  12.641  -12.416 1.00 15.15 ? 17  GLY A C     1 
ATOM   115  O O     . GLY A 1 17  ? -5.158  13.380  -11.587 1.00 15.43 ? 17  GLY A O     1 
ATOM   116  N N     . SER A 1 18  ? -6.929  12.808  -12.831 1.00 14.96 ? 18  SER A N     1 
ATOM   117  C CA    . SER A 1 18  ? -7.792  13.830  -12.245 1.00 15.09 ? 18  SER A CA    1 
ATOM   118  C C     . SER A 1 18  ? -9.061  13.172  -11.712 1.00 14.71 ? 18  SER A C     1 
ATOM   119  O O     . SER A 1 18  ? -9.598  12.236  -12.325 1.00 14.10 ? 18  SER A O     1 
ATOM   120  C CB    . SER A 1 18  ? -8.158  14.907  -13.279 1.00 15.40 ? 18  SER A CB    1 
ATOM   121  O OG    . SER A 1 18  ? -6.991  15.404  -13.901 1.00 17.09 ? 18  SER A OG    1 
ATOM   122  N N     . TYR A 1 19  ? -9.530  13.667  -10.569 1.00 14.91 ? 19  TYR A N     1 
ATOM   123  C CA    . TYR A 1 19  ? -10.664 13.062  -9.867  1.00 15.17 ? 19  TYR A CA    1 
ATOM   124  C C     . TYR A 1 19  ? -11.672 14.122  -9.418  1.00 16.06 ? 19  TYR A C     1 
ATOM   125  O O     . TYR A 1 19  ? -11.274 15.202  -8.968  1.00 16.66 ? 19  TYR A O     1 
ATOM   126  C CB    . TYR A 1 19  ? -10.157 12.245  -8.661  1.00 14.84 ? 19  TYR A CB    1 
ATOM   127  C CG    . TYR A 1 19  ? -9.109  11.208  -9.046  1.00 13.01 ? 19  TYR A CG    1 
ATOM   128  C CD1   . TYR A 1 19  ? -9.483  9.950   -9.485  1.00 12.55 ? 19  TYR A CD1   1 
ATOM   129  C CD2   . TYR A 1 19  ? -7.747  11.513  -9.006  1.00 13.42 ? 19  TYR A CD2   1 
ATOM   130  C CE1   . TYR A 1 19  ? -8.527  8.998   -9.853  1.00 12.44 ? 19  TYR A CE1   1 
ATOM   131  C CE2   . TYR A 1 19  ? -6.781  10.571  -9.370  1.00 11.35 ? 19  TYR A CE2   1 
ATOM   132  C CZ    . TYR A 1 19  ? -7.179  9.322   -9.794  1.00 11.22 ? 19  TYR A CZ    1 
ATOM   133  O OH    . TYR A 1 19  ? -6.246  8.393   -10.180 1.00 9.99  ? 19  TYR A OH    1 
ATOM   134  N N     . SER A 1 20  ? -12.967 13.804  -9.543  1.00 17.19 ? 20  SER A N     1 
ATOM   135  C CA    . SER A 1 20  ? -14.064 14.697  -9.153  1.00 18.29 ? 20  SER A CA    1 
ATOM   136  C C     . SER A 1 20  ? -14.961 14.078  -8.064  1.00 19.38 ? 20  SER A C     1 
ATOM   137  O O     . SER A 1 20  ? -14.791 12.900  -7.694  1.00 18.34 ? 20  SER A O     1 
ATOM   138  C CB    . SER A 1 20  ? -14.931 15.069  -10.373 1.00 18.55 ? 20  SER A CB    1 
ATOM   139  O OG    . SER A 1 20  ? -14.197 15.794  -11.351 1.00 19.21 ? 20  SER A OG    1 
ATOM   140  N N     . ARG A 1 21  ? -15.892 14.899  -7.557  1.00 20.97 ? 21  ARG A N     1 
ATOM   141  C CA    . ARG A 1 21  ? -16.993 14.499  -6.639  1.00 21.95 ? 21  ARG A CA    1 
ATOM   142  C C     . ARG A 1 21  ? -17.624 15.718  -5.954  1.00 22.77 ? 21  ARG A C     1 
ATOM   143  O O     . ARG A 1 21  ? -16.967 16.447  -5.185  1.00 23.60 ? 21  ARG A O     1 
ATOM   144  C CB    . ARG A 1 21  ? -16.554 13.471  -5.588  1.00 22.57 ? 21  ARG A CB    1 
ATOM   145  N N     . PRO A 1 29  ? -14.162 16.402  7.023   1.00 25.71 ? 29  PRO A N     1 
ATOM   146  C CA    . PRO A 1 29  ? -13.267 16.017  5.933   1.00 25.25 ? 29  PRO A CA    1 
ATOM   147  C C     . PRO A 1 29  ? -14.050 15.382  4.802   1.00 25.10 ? 29  PRO A C     1 
ATOM   148  O O     . PRO A 1 29  ? -14.958 14.593  5.054   1.00 25.22 ? 29  PRO A O     1 
ATOM   149  C CB    . PRO A 1 29  ? -12.343 14.974  6.575   1.00 25.04 ? 29  PRO A CB    1 
ATOM   150  C CG    . PRO A 1 29  ? -13.056 14.527  7.849   1.00 25.66 ? 29  PRO A CG    1 
ATOM   151  C CD    . PRO A 1 29  ? -13.805 15.752  8.298   1.00 25.60 ? 29  PRO A CD    1 
ATOM   152  N N     . PHE A 1 30  ? -13.705 15.717  3.565   1.00 24.46 ? 30  PHE A N     1 
ATOM   153  C CA    . PHE A 1 30  ? -14.423 15.149  2.432   1.00 24.19 ? 30  PHE A CA    1 
ATOM   154  C C     . PHE A 1 30  ? -13.621 14.039  1.766   1.00 23.16 ? 30  PHE A C     1 
ATOM   155  O O     . PHE A 1 30  ? -12.493 14.261  1.322   1.00 22.89 ? 30  PHE A O     1 
ATOM   156  C CB    . PHE A 1 30  ? -14.762 16.215  1.391   1.00 24.82 ? 30  PHE A CB    1 
ATOM   157  C CG    . PHE A 1 30  ? -15.577 15.686  0.234   1.00 26.57 ? 30  PHE A CG    1 
ATOM   158  C CD1   . PHE A 1 30  ? -16.960 15.618  0.316   1.00 28.75 ? 30  PHE A CD1   1 
ATOM   159  C CD2   . PHE A 1 30  ? -14.958 15.243  -0.928  1.00 27.85 ? 30  PHE A CD2   1 
ATOM   160  C CE1   . PHE A 1 30  ? -17.715 15.131  -0.743  1.00 30.39 ? 30  PHE A CE1   1 
ATOM   161  C CE2   . PHE A 1 30  ? -15.708 14.748  -1.992  1.00 30.19 ? 30  PHE A CE2   1 
ATOM   162  C CZ    . PHE A 1 30  ? -17.091 14.699  -1.901  1.00 30.68 ? 30  PHE A CZ    1 
ATOM   163  N N     . VAL A 1 31  ? -14.232 12.859  1.679   1.00 22.46 ? 31  VAL A N     1 
ATOM   164  C CA    . VAL A 1 31  ? -13.586 11.673  1.130   1.00 21.31 ? 31  VAL A CA    1 
ATOM   165  C C     . VAL A 1 31  ? -14.064 11.383  -0.304  1.00 21.47 ? 31  VAL A C     1 
ATOM   166  O O     . VAL A 1 31  ? -15.262 11.217  -0.567  1.00 20.78 ? 31  VAL A O     1 
ATOM   167  C CB    . VAL A 1 31  ? -13.812 10.446  2.051   1.00 21.45 ? 31  VAL A CB    1 
ATOM   168  C CG1   . VAL A 1 31  ? -13.111 9.185   1.499   1.00 20.80 ? 31  VAL A CG1   1 
ATOM   169  C CG2   . VAL A 1 31  ? -13.321 10.757  3.466   1.00 19.69 ? 31  VAL A CG2   1 
ATOM   170  N N     . TYR A 1 32  ? -13.111 11.340  -1.228  1.00 21.39 ? 32  TYR A N     1 
ATOM   171  C CA    . TYR A 1 32  ? -13.384 11.013  -2.628  1.00 21.90 ? 32  TYR A CA    1 
ATOM   172  C C     . TYR A 1 32  ? -13.562 9.513   -2.889  1.00 22.36 ? 32  TYR A C     1 
ATOM   173  O O     . TYR A 1 32  ? -12.753 8.713   -2.445  1.00 22.60 ? 32  TYR A O     1 
ATOM   174  C CB    . TYR A 1 32  ? -12.251 11.552  -3.513  1.00 21.63 ? 32  TYR A CB    1 
ATOM   175  C CG    . TYR A 1 32  ? -12.368 13.031  -3.827  1.00 22.51 ? 32  TYR A CG    1 
ATOM   176  C CD1   . TYR A 1 32  ? -12.331 13.993  -2.823  1.00 24.00 ? 32  TYR A CD1   1 
ATOM   177  C CD2   . TYR A 1 32  ? -12.525 13.463  -5.131  1.00 22.88 ? 32  TYR A CD2   1 
ATOM   178  C CE1   . TYR A 1 32  ? -12.446 15.352  -3.129  1.00 23.49 ? 32  TYR A CE1   1 
ATOM   179  C CE2   . TYR A 1 32  ? -12.640 14.797  -5.435  1.00 23.64 ? 32  TYR A CE2   1 
ATOM   180  C CZ    . TYR A 1 32  ? -12.600 15.736  -4.444  1.00 23.21 ? 32  TYR A CZ    1 
ATOM   181  O OH    . TYR A 1 32  ? -12.721 17.060  -4.802  1.00 23.52 ? 32  TYR A OH    1 
ATOM   182  N N     . ASP A 1 33  ? -14.609 9.166   -3.641  1.00 22.96 ? 33  ASP A N     1 
ATOM   183  C CA    . ASP A 1 33  ? -14.886 7.799   -4.115  1.00 23.37 ? 33  ASP A CA    1 
ATOM   184  C C     . ASP A 1 33  ? -14.011 7.494   -5.319  1.00 22.76 ? 33  ASP A C     1 
ATOM   185  O O     . ASP A 1 33  ? -14.487 7.578   -6.456  1.00 23.96 ? 33  ASP A O     1 
ATOM   186  C CB    . ASP A 1 33  ? -16.363 7.709   -4.558  1.00 23.87 ? 33  ASP A CB    1 
ATOM   187  C CG    . ASP A 1 33  ? -16.785 6.305   -5.066  1.00 25.86 ? 33  ASP A CG    1 
ATOM   188  O OD1   . ASP A 1 33  ? -16.178 5.277   -4.676  1.00 27.35 ? 33  ASP A OD1   1 
ATOM   189  O OD2   . ASP A 1 33  ? -17.770 6.233   -5.845  1.00 26.27 ? 33  ASP A OD2   1 
ATOM   190  N N     . THR A 1 34  ? -12.740 7.163   -5.101  1.00 21.36 ? 34  THR A N     1 
ATOM   191  C CA    . THR A 1 34  ? -11.859 6.854   -6.238  1.00 19.45 ? 34  THR A CA    1 
ATOM   192  C C     . THR A 1 34  ? -11.688 5.342   -6.428  1.00 19.22 ? 34  THR A C     1 
ATOM   193  O O     . THR A 1 34  ? -11.010 4.889   -7.356  1.00 18.35 ? 34  THR A O     1 
ATOM   194  C CB    . THR A 1 34  ? -10.459 7.532   -6.107  1.00 19.14 ? 34  THR A CB    1 
ATOM   195  O OG1   . THR A 1 34  ? -9.818  7.094   -4.901  1.00 18.18 ? 34  THR A OG1   1 
ATOM   196  C CG2   . THR A 1 34  ? -10.588 9.053   -6.107  1.00 17.58 ? 34  THR A CG2   1 
ATOM   197  N N     . ARG A 1 35  ? -12.300 4.562   -5.542  1.00 19.14 ? 35  ARG A N     1 
ATOM   198  C CA    . ARG A 1 35  ? -12.270 3.106   -5.659  1.00 19.30 ? 35  ARG A CA    1 
ATOM   199  C C     . ARG A 1 35  ? -10.841 2.550   -5.674  1.00 19.38 ? 35  ARG A C     1 
ATOM   200  O O     . ARG A 1 35  ? -10.077 2.753   -4.724  1.00 18.98 ? 35  ARG A O     1 
ATOM   201  C CB    . ARG A 1 35  ? -13.020 2.658   -6.917  1.00 19.39 ? 35  ARG A CB    1 
ATOM   202  N N     . ASN A 1 36  ? -10.488 1.855   -6.758  1.00 19.56 ? 36  ASN A N     1 
ATOM   203  C CA    . ASN A 1 36  ? -9.164  1.251   -6.875  1.00 19.48 ? 36  ASN A CA    1 
ATOM   204  C C     . ASN A 1 36  ? -8.271  1.975   -7.863  1.00 19.00 ? 36  ASN A C     1 
ATOM   205  O O     . ASN A 1 36  ? -7.153  1.511   -8.140  1.00 18.74 ? 36  ASN A O     1 
ATOM   206  C CB    . ASN A 1 36  ? -9.263  -0.217  -7.266  1.00 20.15 ? 36  ASN A CB    1 
ATOM   207  C CG    . ASN A 1 36  ? -10.049 -1.039  -6.271  1.00 20.30 ? 36  ASN A CG    1 
ATOM   208  O OD1   . ASN A 1 36  ? -10.023 -0.788  -5.064  1.00 23.18 ? 36  ASN A OD1   1 
ATOM   209  N ND2   . ASN A 1 36  ? -10.759 -2.044  -6.778  1.00 23.09 ? 36  ASN A ND2   1 
ATOM   210  N N     . LYS A 1 37  ? -8.757  3.115   -8.373  1.00 17.53 ? 37  LYS A N     1 
ATOM   211  C CA    . LYS A 1 37  ? -8.023  3.932   -9.335  1.00 17.17 ? 37  LYS A CA    1 
ATOM   212  C C     . LYS A 1 37  ? -6.658  4.378   -8.852  1.00 16.04 ? 37  LYS A C     1 
ATOM   213  O O     . LYS A 1 37  ? -5.690  4.352   -9.625  1.00 15.84 ? 37  LYS A O     1 
ATOM   214  C CB    . LYS A 1 37  ? -8.828  5.179   -9.749  1.00 17.29 ? 37  LYS A CB    1 
ATOM   215  C CG    . LYS A 1 37  ? -10.007 4.876   -10.639 1.00 20.04 ? 37  LYS A CG    1 
ATOM   216  C CD    . LYS A 1 37  ? -9.563  4.687   -12.091 1.00 24.89 ? 37  LYS A CD    1 
ATOM   217  C CE    . LYS A 1 37  ? -10.687 4.120   -12.949 1.00 25.32 ? 37  LYS A CE    1 
ATOM   218  N NZ    . LYS A 1 37  ? -10.178 3.977   -14.337 1.00 27.46 ? 37  LYS A NZ    1 
ATOM   219  N N     . ILE A 1 38  ? -6.584  4.838   -7.605  1.00 14.92 ? 38  ILE A N     1 
ATOM   220  C CA    . ILE A 1 38  ? -5.293  5.249   -7.046  1.00 13.84 ? 38  ILE A CA    1 
ATOM   221  C C     . ILE A 1 38  ? -4.747  4.047   -6.288  1.00 12.90 ? 38  ILE A C     1 
ATOM   222  O O     . ILE A 1 38  ? -4.809  3.976   -5.060  1.00 12.77 ? 38  ILE A O     1 
ATOM   223  C CB    . ILE A 1 38  ? -5.378  6.536   -6.185  1.00 14.34 ? 38  ILE A CB    1 
ATOM   224  C CG1   . ILE A 1 38  ? -6.349  7.543   -6.815  1.00 14.04 ? 38  ILE A CG1   1 
ATOM   225  C CG2   . ILE A 1 38  ? -3.995  7.207   -6.064  1.00 12.48 ? 38  ILE A CG2   1 
ATOM   226  C CD1   . ILE A 1 38  ? -6.458  8.852   -6.051  1.00 14.54 ? 38  ILE A CD1   1 
ATOM   227  N N     . GLY A 1 39  ? -4.253  3.076   -7.045  1.00 12.12 ? 39  GLY A N     1 
ATOM   228  C CA    . GLY A 1 39  ? -3.749  1.837   -6.461  1.00 12.25 ? 39  GLY A CA    1 
ATOM   229  C C     . GLY A 1 39  ? -2.560  1.244   -7.203  1.00 13.01 ? 39  GLY A C     1 
ATOM   230  O O     . GLY A 1 39  ? -2.195  1.712   -8.287  1.00 12.96 ? 39  GLY A O     1 
ATOM   231  N N     . TYR A 1 40  ? -1.943  0.237   -6.585  1.00 12.09 ? 40  TYR A N     1 
ATOM   232  C CA    . TYR A 1 40  ? -0.955  -0.621  -7.217  1.00 11.91 ? 40  TYR A CA    1 
ATOM   233  C C     . TYR A 1 40  ? -1.291  -2.045  -6.768  1.00 11.83 ? 40  TYR A C     1 
ATOM   234  O O     . TYR A 1 40  ? -1.520  -2.289  -5.585  1.00 11.31 ? 40  TYR A O     1 
ATOM   235  C CB    . TYR A 1 40  ? 0.497   -0.251  -6.839  1.00 11.96 ? 40  TYR A CB    1 
ATOM   236  C CG    . TYR A 1 40  ? 1.516   -1.254  -7.384  1.00 12.11 ? 40  TYR A CG    1 
ATOM   237  C CD1   . TYR A 1 40  ? 2.073   -1.102  -8.673  1.00 10.38 ? 40  TYR A CD1   1 
ATOM   238  C CD2   . TYR A 1 40  ? 1.892   -2.361  -6.636  1.00 11.08 ? 40  TYR A CD2   1 
ATOM   239  C CE1   . TYR A 1 40  ? 2.966   -2.051  -9.191  1.00 10.61 ? 40  TYR A CE1   1 
ATOM   240  C CE2   . TYR A 1 40  ? 2.794   -3.300  -7.137  1.00 11.35 ? 40  TYR A CE2   1 
ATOM   241  C CZ    . TYR A 1 40  ? 3.331   -3.137  -8.416  1.00 10.26 ? 40  TYR A CZ    1 
ATOM   242  O OH    . TYR A 1 40  ? 4.225   -4.093  -8.889  1.00 11.21 ? 40  TYR A OH    1 
ATOM   243  N N     . GLN A 1 41  ? -1.342  -2.975  -7.716  1.00 11.56 ? 41  GLN A N     1 
ATOM   244  C CA    . GLN A 1 41  ? -1.595  -4.375  -7.411  1.00 12.89 ? 41  GLN A CA    1 
ATOM   245  C C     . GLN A 1 41  ? -0.641  -5.229  -8.231  1.00 12.64 ? 41  GLN A C     1 
ATOM   246  O O     . GLN A 1 41  ? -0.378  -4.913  -9.402  1.00 13.24 ? 41  GLN A O     1 
ATOM   247  C CB    . GLN A 1 41  ? -3.042  -4.697  -7.800  1.00 13.44 ? 41  GLN A CB    1 
ATOM   248  C CG    . GLN A 1 41  ? -3.506  -6.091  -7.569  1.00 16.21 ? 41  GLN A CG    1 
ATOM   249  C CD    . GLN A 1 41  ? -4.960  -6.247  -7.978  1.00 16.60 ? 41  GLN A CD    1 
ATOM   250  O OE1   . GLN A 1 41  ? -5.328  -5.901  -9.096  1.00 15.06 ? 41  GLN A OE1   1 
ATOM   251  N NE2   . GLN A 1 41  ? -5.791  -6.729  -7.063  1.00 16.11 ? 41  GLN A NE2   1 
ATOM   252  N N     . ASN A 1 42  ? -0.108  -6.284  -7.625  1.00 12.15 ? 42  ASN A N     1 
ATOM   253  C CA    . ASN A 1 42  ? 0.730   -7.252  -8.326  1.00 12.02 ? 42  ASN A CA    1 
ATOM   254  C C     . ASN A 1 42  ? 0.586   -8.607  -7.648  1.00 12.09 ? 42  ASN A C     1 
ATOM   255  O O     . ASN A 1 42  ? 0.943   -8.756  -6.480  1.00 12.37 ? 42  ASN A O     1 
ATOM   256  C CB    . ASN A 1 42  ? 2.193   -6.792  -8.302  1.00 12.23 ? 42  ASN A CB    1 
ATOM   257  C CG    . ASN A 1 42  ? 3.076   -7.589  -9.247  1.00 13.11 ? 42  ASN A CG    1 
ATOM   258  O OD1   . ASN A 1 42  ? 2.787   -8.741  -9.570  1.00 14.53 ? 42  ASN A OD1   1 
ATOM   259  N ND2   . ASN A 1 42  ? 4.167   -6.973  -9.691  1.00 14.45 ? 42  ASN A ND2   1 
ATOM   260  N N     . ALA A 1 43  ? 0.043   -9.595  -8.354  1.00 11.32 ? 43  ALA A N     1 
ATOM   261  C CA    . ALA A 1 43  ? -0.101  -10.924 -7.779  1.00 10.98 ? 43  ALA A CA    1 
ATOM   262  C C     . ALA A 1 43  ? 1.227   -11.695 -7.632  1.00 11.26 ? 43  ALA A C     1 
ATOM   263  O O     . ALA A 1 43  ? 1.277   -12.723 -6.960  1.00 10.10 ? 43  ALA A O     1 
ATOM   264  C CB    . ALA A 1 43  ? -1.096  -11.749 -8.597  1.00 11.56 ? 43  ALA A CB    1 
ATOM   265  N N     . ASN A 1 44  ? 2.296   -11.207 -8.263  1.00 11.51 ? 44  ASN A N     1 
ATOM   266  C CA    . ASN A 1 44  ? 3.536   -11.997 -8.361  1.00 11.82 ? 44  ASN A CA    1 
ATOM   267  C C     . ASN A 1 44  ? 4.780   -11.215 -7.929  1.00 12.02 ? 44  ASN A C     1 
ATOM   268  O O     . ASN A 1 44  ? 5.526   -10.711 -8.772  1.00 12.34 ? 44  ASN A O     1 
ATOM   269  C CB    . ASN A 1 44  ? 3.694   -12.533 -9.798  1.00 11.92 ? 44  ASN A CB    1 
ATOM   270  C CG    . ASN A 1 44  ? 2.405   -13.174 -10.332 1.00 12.04 ? 44  ASN A CG    1 
ATOM   271  O OD1   . ASN A 1 44  ? 1.730   -12.624 -11.229 1.00 14.86 ? 44  ASN A OD1   1 
ATOM   272  N ND2   . ASN A 1 44  ? 2.055   -14.322 -9.784  1.00 7.04  ? 44  ASN A ND2   1 
ATOM   273  N N     . VAL A 1 45  ? 4.986   -11.092 -6.616  1.00 11.73 ? 45  VAL A N     1 
ATOM   274  C CA    . VAL A 1 45  ? 6.103   -10.296 -6.091  1.00 11.78 ? 45  VAL A CA    1 
ATOM   275  C C     . VAL A 1 45  ? 7.220   -11.183 -5.540  1.00 11.76 ? 45  VAL A C     1 
ATOM   276  O O     . VAL A 1 45  ? 8.403   -10.863 -5.706  1.00 12.15 ? 45  VAL A O     1 
ATOM   277  C CB    . VAL A 1 45  ? 5.625   -9.227  -5.050  1.00 11.93 ? 45  VAL A CB    1 
ATOM   278  C CG1   . VAL A 1 45  ? 6.788   -8.373  -4.546  1.00 11.29 ? 45  VAL A CG1   1 
ATOM   279  C CG2   . VAL A 1 45  ? 4.555   -8.323  -5.670  1.00 11.99 ? 45  VAL A CG2   1 
ATOM   280  N N     . TRP A 1 46  ? 6.852   -12.295 -4.901  1.00 12.24 ? 46  TRP A N     1 
ATOM   281  C CA    . TRP A 1 46  ? 7.815   -13.348 -4.541  1.00 13.10 ? 46  TRP A CA    1 
ATOM   282  C C     . TRP A 1 46  ? 7.337   -14.678 -5.098  1.00 13.99 ? 46  TRP A C     1 
ATOM   283  O O     . TRP A 1 46  ? 6.130   -14.983 -5.081  1.00 14.49 ? 46  TRP A O     1 
ATOM   284  C CB    . TRP A 1 46  ? 7.995   -13.496 -3.012  1.00 12.68 ? 46  TRP A CB    1 
ATOM   285  C CG    . TRP A 1 46  ? 8.562   -12.268 -2.356  1.00 11.69 ? 46  TRP A CG    1 
ATOM   286  C CD1   . TRP A 1 46  ? 9.880   -11.997 -2.096  1.00 10.22 ? 46  TRP A CD1   1 
ATOM   287  C CD2   . TRP A 1 46  ? 7.822   -11.130 -1.906  1.00 10.95 ? 46  TRP A CD2   1 
ATOM   288  N NE1   . TRP A 1 46  ? 9.998   -10.750 -1.511  1.00 9.08  ? 46  TRP A NE1   1 
ATOM   289  C CE2   . TRP A 1 46  ? 8.749   -10.204 -1.383  1.00 10.73 ? 46  TRP A CE2   1 
ATOM   290  C CE3   . TRP A 1 46  ? 6.459   -10.803 -1.897  1.00 9.26  ? 46  TRP A CE3   1 
ATOM   291  C CZ2   . TRP A 1 46  ? 8.353   -8.976  -0.851  1.00 10.52 ? 46  TRP A CZ2   1 
ATOM   292  C CZ3   . TRP A 1 46  ? 6.070   -9.592  -1.368  1.00 8.13  ? 46  TRP A CZ3   1 
ATOM   293  C CH2   . TRP A 1 46  ? 7.012   -8.695  -0.844  1.00 9.54  ? 46  TRP A CH2   1 
ATOM   294  N N     . HIS A 1 47  ? 8.281   -15.469 -5.592  1.00 13.89 ? 47  HIS A N     1 
ATOM   295  C CA    . HIS A 1 47  ? 8.000   -16.846 -5.945  1.00 14.42 ? 47  HIS A CA    1 
ATOM   296  C C     . HIS A 1 47  ? 8.280   -17.717 -4.713  1.00 14.29 ? 47  HIS A C     1 
ATOM   297  O O     . HIS A 1 47  ? 9.330   -17.581 -4.077  1.00 14.71 ? 47  HIS A O     1 
ATOM   298  C CB    . HIS A 1 47  ? 8.847   -17.287 -7.152  1.00 14.48 ? 47  HIS A CB    1 
ATOM   299  C CG    . HIS A 1 47  ? 8.411   -18.593 -7.733  1.00 16.08 ? 47  HIS A CG    1 
ATOM   300  N ND1   . HIS A 1 47  ? 8.843   -19.807 -7.240  1.00 18.61 ? 47  HIS A ND1   1 
ATOM   301  C CD2   . HIS A 1 47  ? 7.540   -18.880 -8.732  1.00 18.10 ? 47  HIS A CD2   1 
ATOM   302  C CE1   . HIS A 1 47  ? 8.281   -20.786 -7.927  1.00 18.40 ? 47  HIS A CE1   1 
ATOM   303  N NE2   . HIS A 1 47  ? 7.493   -20.251 -8.844  1.00 18.44 ? 47  HIS A NE2   1 
ATOM   304  N N     . ILE A 1 48  ? 7.329   -18.573 -4.350  1.00 13.66 ? 48  ILE A N     1 
ATOM   305  C CA    . ILE A 1 48  ? 7.476   -19.421 -3.170  1.00 13.60 ? 48  ILE A CA    1 
ATOM   306  C C     . ILE A 1 48  ? 7.154   -20.880 -3.477  1.00 13.86 ? 48  ILE A C     1 
ATOM   307  O O     . ILE A 1 48  ? 6.391   -21.168 -4.390  1.00 14.13 ? 48  ILE A O     1 
ATOM   308  C CB    . ILE A 1 48  ? 6.629   -18.924 -1.966  1.00 13.35 ? 48  ILE A CB    1 
ATOM   309  C CG1   . ILE A 1 48  ? 5.124   -18.955 -2.284  1.00 14.16 ? 48  ILE A CG1   1 
ATOM   310  C CG2   . ILE A 1 48  ? 7.048   -17.528 -1.549  1.00 12.49 ? 48  ILE A CG2   1 
ATOM   311  C CD1   . ILE A 1 48  ? 4.242   -18.764 -1.027  1.00 13.05 ? 48  ILE A CD1   1 
ATOM   312  N N     . SER A 1 49  ? 7.739   -21.807 -2.720  1.00 13.74 ? 49  SER A N     1 
ATOM   313  C CA    . SER A 1 49  ? 7.615   -23.215 -3.085  1.00 14.60 ? 49  SER A CA    1 
ATOM   314  C C     . SER A 1 49  ? 7.876   -24.106 -1.889  1.00 14.77 ? 49  SER A C     1 
ATOM   315  O O     . SER A 1 49  ? 8.489   -23.662 -0.902  1.00 14.52 ? 49  SER A O     1 
ATOM   316  C CB    . SER A 1 49  ? 8.600   -23.540 -4.222  1.00 14.89 ? 49  SER A CB    1 
ATOM   317  O OG    . SER A 1 49  ? 9.944   -23.464 -3.748  1.00 16.98 ? 49  SER A OG    1 
ATOM   318  N N     . LYS A 1 50  ? 7.395   -25.351 -1.971  1.00 14.79 ? 50  LYS A N     1 
ATOM   319  C CA    . LYS A 1 50  ? 7.731   -26.407 -1.011  1.00 14.88 ? 50  LYS A CA    1 
ATOM   320  C C     . LYS A 1 50  ? 7.614   -25.996 0.460   1.00 14.86 ? 50  LYS A C     1 
ATOM   321  O O     . LYS A 1 50  ? 8.608   -26.008 1.193   1.00 14.35 ? 50  LYS A O     1 
ATOM   322  C CB    . LYS A 1 50  ? 9.165   -26.913 -1.251  1.00 15.62 ? 50  LYS A CB    1 
ATOM   323  C CG    . LYS A 1 50  ? 9.402   -27.515 -2.630  1.00 17.24 ? 50  LYS A CG    1 
ATOM   324  C CD    . LYS A 1 50  ? 10.798  -28.120 -2.717  1.00 21.11 ? 50  LYS A CD    1 
ATOM   325  C CE    . LYS A 1 50  ? 11.053  -28.734 -4.089  1.00 24.37 ? 50  LYS A CE    1 
ATOM   326  N N     . GLY A 1 51  ? 6.412   -25.650 0.889   1.00 14.10 ? 51  GLY A N     1 
ATOM   327  C CA    . GLY A 1 51  ? 6.143   -25.460 2.307   1.00 13.87 ? 51  GLY A CA    1 
ATOM   328  C C     . GLY A 1 51  ? 6.381   -24.063 2.864   1.00 14.03 ? 51  GLY A C     1 
ATOM   329  O O     . GLY A 1 51  ? 6.082   -23.815 4.048   1.00 14.34 ? 51  GLY A O     1 
ATOM   330  N N     . PHE A 1 52  ? 6.910   -23.157 2.042   1.00 12.78 ? 52  PHE A N     1 
ATOM   331  C CA    . PHE A 1 52  ? 7.240   -21.816 2.516   1.00 12.42 ? 52  PHE A CA    1 
ATOM   332  C C     . PHE A 1 52  ? 5.976   -21.150 3.056   1.00 12.71 ? 52  PHE A C     1 
ATOM   333  O O     . PHE A 1 52  ? 4.926   -21.206 2.414   1.00 12.45 ? 52  PHE A O     1 
ATOM   334  C CB    . PHE A 1 52  ? 7.843   -20.975 1.397   1.00 12.14 ? 52  PHE A CB    1 
ATOM   335  C CG    . PHE A 1 52  ? 8.620   -19.764 1.883   1.00 13.19 ? 52  PHE A CG    1 
ATOM   336  C CD1   . PHE A 1 52  ? 9.970   -19.864 2.186   1.00 12.21 ? 52  PHE A CD1   1 
ATOM   337  C CD2   . PHE A 1 52  ? 8.003   -18.528 1.997   1.00 13.96 ? 52  PHE A CD2   1 
ATOM   338  C CE1   . PHE A 1 52  ? 10.679  -18.765 2.626   1.00 12.47 ? 52  PHE A CE1   1 
ATOM   339  C CE2   . PHE A 1 52  ? 8.705   -17.409 2.433   1.00 12.98 ? 52  PHE A CE2   1 
ATOM   340  C CZ    . PHE A 1 52  ? 10.048  -17.532 2.747   1.00 12.49 ? 52  PHE A CZ    1 
ATOM   341  N N     . CYS A 1 53  ? 6.074   -20.560 4.251   1.00 12.60 ? 53  CYS A N     1 
ATOM   342  C CA    . CYS A 1 53  ? 4.956   -19.843 4.872   1.00 12.73 ? 53  CYS A CA    1 
ATOM   343  C C     . CYS A 1 53  ? 5.275   -18.356 4.922   1.00 12.60 ? 53  CYS A C     1 
ATOM   344  O O     . CYS A 1 53  ? 6.362   -17.965 5.385   1.00 11.75 ? 53  CYS A O     1 
ATOM   345  C CB    . CYS A 1 53  ? 4.708   -20.344 6.295   1.00 12.68 ? 53  CYS A CB    1 
ATOM   346  S SG    . CYS A 1 53  ? 4.139   -22.067 6.392   1.00 13.97 ? 53  CYS A SG    1 
ATOM   347  N N     . VAL A 1 54  ? 4.338   -17.529 4.461   1.00 12.07 ? 54  VAL A N     1 
ATOM   348  C CA    . VAL A 1 54  ? 4.615   -16.087 4.377   1.00 12.23 ? 54  VAL A CA    1 
ATOM   349  C C     . VAL A 1 54  ? 3.374   -15.171 4.506   1.00 11.77 ? 54  VAL A C     1 
ATOM   350  O O     . VAL A 1 54  ? 2.279   -15.470 3.981   1.00 11.75 ? 54  VAL A O     1 
ATOM   351  C CB    . VAL A 1 54  ? 5.454   -15.768 3.105   1.00 12.19 ? 54  VAL A CB    1 
ATOM   352  C CG1   . VAL A 1 54  ? 4.641   -16.020 1.827   1.00 13.56 ? 54  VAL A CG1   1 
ATOM   353  C CG2   . VAL A 1 54  ? 6.007   -14.337 3.150   1.00 13.94 ? 54  VAL A CG2   1 
ATOM   354  N N     . GLY A 1 55  ? 3.555   -14.076 5.243   1.00 11.23 ? 55  GLY A N     1 
ATOM   355  C CA    . GLY A 1 55  ? 2.587   -12.967 5.316   1.00 10.74 ? 55  GLY A CA    1 
ATOM   356  C C     . GLY A 1 55  ? 3.238   -11.650 4.886   1.00 10.89 ? 55  GLY A C     1 
ATOM   357  O O     . GLY A 1 55  ? 4.323   -11.657 4.290   1.00 10.14 ? 55  GLY A O     1 
ATOM   358  N N     . LEU A 1 56  ? 2.585   -10.517 5.181   1.00 10.08 ? 56  LEU A N     1 
ATOM   359  C CA    . LEU A 1 56  ? 3.103   -9.191  4.809   1.00 10.05 ? 56  LEU A CA    1 
ATOM   360  C C     . LEU A 1 56  ? 2.972   -8.199  5.963   1.00 10.47 ? 56  LEU A C     1 
ATOM   361  O O     . LEU A 1 56  ? 1.963   -8.217  6.689   1.00 9.86  ? 56  LEU A O     1 
ATOM   362  C CB    . LEU A 1 56  ? 2.336   -8.594  3.601   1.00 9.92  ? 56  LEU A CB    1 
ATOM   363  C CG    . LEU A 1 56  ? 2.236   -9.359  2.268   1.00 9.39  ? 56  LEU A CG    1 
ATOM   364  C CD1   . LEU A 1 56  ? 1.095   -8.818  1.387   1.00 7.74  ? 56  LEU A CD1   1 
ATOM   365  C CD2   . LEU A 1 56  ? 3.571   -9.333  1.503   1.00 7.82  ? 56  LEU A CD2   1 
ATOM   366  N N     . ASP A 1 57  ? 3.981   -7.335  6.113   1.00 10.68 ? 57  ASP A N     1 
ATOM   367  C CA    . ASP A 1 57  ? 3.889   -6.142  6.974   1.00 11.02 ? 57  ASP A CA    1 
ATOM   368  C C     . ASP A 1 57  ? 3.866   -4.905  6.078   1.00 11.01 ? 57  ASP A C     1 
ATOM   369  O O     . ASP A 1 57  ? 4.467   -4.901  5.007   1.00 10.34 ? 57  ASP A O     1 
ATOM   370  C CB    . ASP A 1 57  ? 5.073   -6.014  7.939   1.00 10.86 ? 57  ASP A CB    1 
ATOM   371  C CG    . ASP A 1 57  ? 5.228   -7.212  8.861   1.00 13.38 ? 57  ASP A CG    1 
ATOM   372  O OD1   . ASP A 1 57  ? 4.211   -7.751  9.358   1.00 14.90 ? 57  ASP A OD1   1 
ATOM   373  O OD2   . ASP A 1 57  ? 6.389   -7.608  9.098   1.00 13.24 ? 57  ASP A OD2   1 
ATOM   374  N N     . GLY A 1 58  ? 3.161   -3.861  6.502   1.00 10.70 ? 58  GLY A N     1 
ATOM   375  C CA    . GLY A 1 58  ? 3.143   -2.617  5.748   1.00 10.59 ? 58  GLY A CA    1 
ATOM   376  C C     . GLY A 1 58  ? 3.612   -1.481  6.631   1.00 10.80 ? 58  GLY A C     1 
ATOM   377  O O     . GLY A 1 58  ? 3.455   -1.535  7.841   1.00 11.35 ? 58  GLY A O     1 
ATOM   378  N N     . LYS A 1 59  ? 4.184   -0.441  6.038   1.00 11.33 ? 59  LYS A N     1 
ATOM   379  C CA    . LYS A 1 59  ? 4.555   0.757   6.812   1.00 11.49 ? 59  LYS A CA    1 
ATOM   380  C C     . LYS A 1 59  ? 4.312   2.053   6.030   1.00 11.86 ? 59  LYS A C     1 
ATOM   381  O O     . LYS A 1 59  ? 4.738   2.176   4.874   1.00 12.49 ? 59  LYS A O     1 
ATOM   382  C CB    . LYS A 1 59  ? 6.028   0.673   7.245   1.00 11.01 ? 59  LYS A CB    1 
ATOM   383  C CG    . LYS A 1 59  ? 6.520   1.877   8.068   1.00 12.37 ? 59  LYS A CG    1 
ATOM   384  C CD    . LYS A 1 59  ? 7.919   1.621   8.656   1.00 12.11 ? 59  LYS A CD    1 
ATOM   385  C CE    . LYS A 1 59  ? 9.003   1.558   7.575   1.00 16.03 ? 59  LYS A CE    1 
ATOM   386  N NZ    . LYS A 1 59  ? 9.559   2.901   7.169   1.00 16.22 ? 59  LYS A NZ    1 
ATOM   387  N N     . VAL A 1 60  ? 3.642   3.022   6.652   1.00 11.51 ? 60  VAL A N     1 
ATOM   388  C CA    . VAL A 1 60  ? 3.388   4.309   5.999   1.00 12.44 ? 60  VAL A CA    1 
ATOM   389  C C     . VAL A 1 60  ? 4.306   5.384   6.578   1.00 13.19 ? 60  VAL A C     1 
ATOM   390  O O     . VAL A 1 60  ? 4.373   5.560   7.797   1.00 12.86 ? 60  VAL A O     1 
ATOM   391  C CB    . VAL A 1 60  ? 1.896   4.762   6.087   1.00 11.86 ? 60  VAL A CB    1 
ATOM   392  C CG1   . VAL A 1 60  ? 1.712   6.182   5.508   1.00 9.63  ? 60  VAL A CG1   1 
ATOM   393  C CG2   . VAL A 1 60  ? 0.980   3.770   5.375   1.00 11.09 ? 60  VAL A CG2   1 
ATOM   394  N N     . ASP A 1 61  ? 5.015   6.092   5.699   1.00 13.61 ? 61  ASP A N     1 
ATOM   395  C CA    . ASP A 1 61  ? 6.038   7.053   6.130   1.00 14.56 ? 61  ASP A CA    1 
ATOM   396  C C     . ASP A 1 61  ? 5.536   8.489   6.192   1.00 14.63 ? 61  ASP A C     1 
ATOM   397  O O     . ASP A 1 61  ? 6.217   9.361   6.726   1.00 14.54 ? 61  ASP A O     1 
ATOM   398  C CB    . ASP A 1 61  ? 7.267   6.988   5.218   1.00 14.28 ? 61  ASP A CB    1 
ATOM   399  C CG    . ASP A 1 61  ? 7.988   5.674   5.317   1.00 15.33 ? 61  ASP A CG    1 
ATOM   400  O OD1   . ASP A 1 61  ? 7.883   4.992   6.378   1.00 16.70 ? 61  ASP A OD1   1 
ATOM   401  O OD2   . ASP A 1 61  ? 8.669   5.311   4.337   1.00 14.14 ? 61  ASP A OD2   1 
ATOM   402  N N     . LEU A 1 62  ? 4.355   8.727   5.629   1.00 15.11 ? 62  LEU A N     1 
ATOM   403  C CA    . LEU A 1 62  ? 3.709   10.034  5.634   1.00 15.08 ? 62  LEU A CA    1 
ATOM   404  C C     . LEU A 1 62  ? 3.326   10.459  7.065   1.00 15.50 ? 62  LEU A C     1 
ATOM   405  O O     . LEU A 1 62  ? 3.054   9.598   7.905   1.00 16.14 ? 62  LEU A O     1 
ATOM   406  C CB    . LEU A 1 62  ? 2.450   9.963   4.760   1.00 15.53 ? 62  LEU A CB    1 
ATOM   407  C CG    . LEU A 1 62  ? 2.611   9.718   3.249   1.00 15.90 ? 62  LEU A CG    1 
ATOM   408  C CD1   . LEU A 1 62  ? 1.283   9.355   2.595   1.00 15.48 ? 62  LEU A CD1   1 
ATOM   409  C CD2   . LEU A 1 62  ? 3.235   10.927  2.559   1.00 16.79 ? 62  LEU A CD2   1 
ATOM   410  N N     . PRO A 1 63  ? 3.278   11.782  7.341   1.00 15.13 ? 63  PRO A N     1 
ATOM   411  C CA    . PRO A 1 63  ? 2.822   12.288  8.646   1.00 15.01 ? 63  PRO A CA    1 
ATOM   412  C C     . PRO A 1 63  ? 1.342   12.001  8.899   1.00 15.19 ? 63  PRO A C     1 
ATOM   413  O O     . PRO A 1 63  ? 0.526   12.069  7.963   1.00 14.61 ? 63  PRO A O     1 
ATOM   414  C CB    . PRO A 1 63  ? 3.031   13.806  8.520   1.00 14.61 ? 63  PRO A CB    1 
ATOM   415  C CG    . PRO A 1 63  ? 2.907   14.076  7.056   1.00 15.63 ? 63  PRO A CG    1 
ATOM   416  C CD    . PRO A 1 63  ? 3.602   12.888  6.419   1.00 15.00 ? 63  PRO A CD    1 
ATOM   417  N N     . VAL A 1 64  ? 0.992   11.660  10.138  1.00 15.13 ? 64  VAL A N     1 
ATOM   418  C CA    . VAL A 1 64  ? -0.411  11.450  10.489  1.00 15.30 ? 64  VAL A CA    1 
ATOM   419  C C     . VAL A 1 64  ? -0.988  12.797  10.898  1.00 15.84 ? 64  VAL A C     1 
ATOM   420  O O     . VAL A 1 64  ? -0.464  13.459  11.804  1.00 15.85 ? 64  VAL A O     1 
ATOM   421  C CB    . VAL A 1 64  ? -0.595  10.440  11.656  1.00 15.45 ? 64  VAL A CB    1 
ATOM   422  C CG1   . VAL A 1 64  ? -2.052  10.411  12.118  1.00 14.81 ? 64  VAL A CG1   1 
ATOM   423  C CG2   . VAL A 1 64  ? -0.114  9.029   11.253  1.00 14.36 ? 64  VAL A CG2   1 
ATOM   424  N N     . VAL A 1 65  ? -2.071  13.209  10.247  1.00 16.26 ? 65  VAL A N     1 
ATOM   425  C CA    . VAL A 1 65  ? -2.613  14.541  10.488  1.00 16.84 ? 65  VAL A CA    1 
ATOM   426  C C     . VAL A 1 65  ? -4.045  14.494  10.996  1.00 17.31 ? 65  VAL A C     1 
ATOM   427  O O     . VAL A 1 65  ? -4.666  15.528  11.206  1.00 17.70 ? 65  VAL A O     1 
ATOM   428  C CB    . VAL A 1 65  ? -2.537  15.456  9.220   1.00 16.51 ? 65  VAL A CB    1 
ATOM   429  C CG1   . VAL A 1 65  ? -1.105  15.546  8.699   1.00 17.69 ? 65  VAL A CG1   1 
ATOM   430  C CG2   . VAL A 1 65  ? -3.462  14.953  8.133   1.00 17.19 ? 65  VAL A CG2   1 
ATOM   431  N N     . GLY A 1 66  ? -4.581  13.294  11.178  1.00 17.40 ? 66  GLY A N     1 
ATOM   432  C CA    . GLY A 1 66  ? -5.967  13.165  11.603  1.00 17.03 ? 66  GLY A CA    1 
ATOM   433  C C     . GLY A 1 66  ? -6.380  11.711  11.644  1.00 17.56 ? 66  GLY A C     1 
ATOM   434  O O     . GLY A 1 66  ? -5.565  10.816  11.455  1.00 16.98 ? 66  GLY A O     1 
ATOM   435  N N     . SER A 1 67  ? -7.647  11.457  11.914  1.00 18.45 ? 67  SER A N     1 
ATOM   436  C CA    . SER A 1 67  ? -8.124  10.079  11.859  1.00 19.19 ? 67  SER A CA    1 
ATOM   437  C C     . SER A 1 67  ? -9.609  10.035  11.546  1.00 19.36 ? 67  SER A C     1 
ATOM   438  O O     . SER A 1 67  ? -10.339 11.004  11.798  1.00 19.38 ? 67  SER A O     1 
ATOM   439  C CB    . SER A 1 67  ? -7.781  9.311   13.147  1.00 19.68 ? 67  SER A CB    1 
ATOM   440  O OG    . SER A 1 67  ? -8.606  9.694   14.221  1.00 21.47 ? 67  SER A OG    1 
ATOM   441  N N     . LEU A 1 68  ? -10.041 8.918   10.964  1.00 18.97 ? 68  LEU A N     1 
ATOM   442  C CA    . LEU A 1 68  ? -11.427 8.747   10.547  1.00 18.88 ? 68  LEU A CA    1 
ATOM   443  C C     . LEU A 1 68  ? -11.850 7.295   10.758  1.00 18.27 ? 68  LEU A C     1 
ATOM   444  O O     . LEU A 1 68  ? -11.244 6.372   10.200  1.00 17.65 ? 68  LEU A O     1 
ATOM   445  C CB    . LEU A 1 68  ? -11.593 9.131   9.072   1.00 18.97 ? 68  LEU A CB    1 
ATOM   446  C CG    . LEU A 1 68  ? -13.018 9.302   8.525   1.00 20.65 ? 68  LEU A CG    1 
ATOM   447  C CD1   . LEU A 1 68  ? -13.785 10.344  9.345   1.00 22.11 ? 68  LEU A CD1   1 
ATOM   448  C CD2   . LEU A 1 68  ? -12.993 9.699   7.031   1.00 21.97 ? 68  LEU A CD2   1 
ATOM   449  N N     . ASP A 1 69  ? -12.874 7.092   11.577  1.00 18.08 ? 69  ASP A N     1 
ATOM   450  C CA    . ASP A 1 69  ? -13.404 5.745   11.819  1.00 17.86 ? 69  ASP A CA    1 
ATOM   451  C C     . ASP A 1 69  ? -12.314 4.716   12.156  1.00 17.38 ? 69  ASP A C     1 
ATOM   452  O O     . ASP A 1 69  ? -12.396 3.554   11.745  1.00 17.73 ? 69  ASP A O     1 
ATOM   453  C CB    . ASP A 1 69  ? -14.204 5.292   10.599  1.00 18.04 ? 69  ASP A CB    1 
ATOM   454  C CG    . ASP A 1 69  ? -15.476 6.103   10.410  1.00 19.15 ? 69  ASP A CG    1 
ATOM   455  O OD1   . ASP A 1 69  ? -16.339 6.056   11.311  1.00 20.41 ? 69  ASP A OD1   1 
ATOM   456  O OD2   . ASP A 1 69  ? -15.625 6.780   9.365   1.00 19.42 ? 69  ASP A OD2   1 
ATOM   457  N N     . GLY A 1 70  ? -11.285 5.150   12.881  1.00 16.64 ? 70  GLY A N     1 
ATOM   458  C CA    . GLY A 1 70  ? -10.274 4.225   13.373  1.00 16.23 ? 70  GLY A CA    1 
ATOM   459  C C     . GLY A 1 70  ? -8.997  4.049   12.569  1.00 15.97 ? 70  GLY A C     1 
ATOM   460  O O     . GLY A 1 70  ? -8.115  3.275   12.989  1.00 16.52 ? 70  GLY A O     1 
ATOM   461  N N     . GLN A 1 71  ? -8.876  4.733   11.430  1.00 14.27 ? 71  GLN A N     1 
ATOM   462  C CA    . GLN A 1 71  ? -7.634  4.677   10.651  1.00 14.11 ? 71  GLN A CA    1 
ATOM   463  C C     . GLN A 1 71  ? -7.084  6.096   10.457  1.00 13.59 ? 71  GLN A C     1 
ATOM   464  O O     . GLN A 1 71  ? -7.821  7.071   10.598  1.00 13.59 ? 71  GLN A O     1 
ATOM   465  C CB    . GLN A 1 71  ? -7.860  3.997   9.291   1.00 13.84 ? 71  GLN A CB    1 
ATOM   466  C CG    . GLN A 1 71  ? -8.609  4.857   8.252   1.00 13.51 ? 71  GLN A CG    1 
ATOM   467  C CD    . GLN A 1 71  ? -8.855  4.127   6.930   1.00 13.93 ? 71  GLN A CD    1 
ATOM   468  O OE1   . GLN A 1 71  ? -7.930  3.864   6.158   1.00 15.83 ? 71  GLN A OE1   1 
ATOM   469  N NE2   . GLN A 1 71  ? -10.110 3.802   6.669   1.00 13.52 ? 71  GLN A NE2   1 
ATOM   470  N N     . SER A 1 72  ? -5.802  6.205   10.121  1.00 13.45 ? 72  SER A N     1 
ATOM   471  C CA    . SER A 1 72  ? -5.168  7.512   10.029  1.00 13.81 ? 72  SER A CA    1 
ATOM   472  C C     . SER A 1 72  ? -5.567  8.241   8.751   1.00 13.87 ? 72  SER A C     1 
ATOM   473  O O     . SER A 1 72  ? -5.820  7.600   7.705   1.00 13.42 ? 72  SER A O     1 
ATOM   474  C CB    . SER A 1 72  ? -3.643  7.378   10.112  1.00 14.09 ? 72  SER A CB    1 
ATOM   475  O OG    . SER A 1 72  ? -3.237  6.835   11.363  1.00 14.68 ? 72  SER A OG    1 
ATOM   476  N N     . ILE A 1 73  ? -5.681  9.570   8.851   1.00 13.70 ? 73  ILE A N     1 
ATOM   477  C CA    . ILE A 1 73  ? -5.567  10.446  7.683   1.00 13.39 ? 73  ILE A CA    1 
ATOM   478  C C     . ILE A 1 73  ? -4.108  10.904  7.589   1.00 13.71 ? 73  ILE A C     1 
ATOM   479  O O     . ILE A 1 73  ? -3.523  11.440  8.557   1.00 13.59 ? 73  ILE A O     1 
ATOM   480  C CB    . ILE A 1 73  ? -6.521  11.675  7.726   1.00 13.92 ? 73  ILE A CB    1 
ATOM   481  C CG1   . ILE A 1 73  ? -7.967  11.231  8.005   1.00 13.40 ? 73  ILE A CG1   1 
ATOM   482  C CG2   . ILE A 1 73  ? -6.424  12.484  6.385   1.00 13.95 ? 73  ILE A CG2   1 
ATOM   483  C CD1   . ILE A 1 73  ? -8.914  12.355  8.374   1.00 14.23 ? 73  ILE A CD1   1 
ATOM   484  N N     . TYR A 1 74  ? -3.494  10.631  6.451   1.00 12.89 ? 74  TYR A N     1 
ATOM   485  C CA    . TYR A 1 74  ? -2.097  10.949  6.268   1.00 14.11 ? 74  TYR A CA    1 
ATOM   486  C C     . TYR A 1 74  ? -2.003  12.208  5.419   1.00 14.96 ? 74  TYR A C     1 
ATOM   487  O O     . TYR A 1 74  ? -2.765  12.372  4.461   1.00 14.65 ? 74  TYR A O     1 
ATOM   488  C CB    . TYR A 1 74  ? -1.368  9.796   5.590   1.00 13.97 ? 74  TYR A CB    1 
ATOM   489  C CG    . TYR A 1 74  ? -1.258  8.528   6.422   1.00 13.48 ? 74  TYR A CG    1 
ATOM   490  C CD1   . TYR A 1 74  ? -0.280  8.400   7.406   1.00 11.18 ? 74  TYR A CD1   1 
ATOM   491  C CD2   . TYR A 1 74  ? -2.124  7.449   6.205   1.00 13.50 ? 74  TYR A CD2   1 
ATOM   492  C CE1   . TYR A 1 74  ? -0.147  7.242   8.150   1.00 11.05 ? 74  TYR A CE1   1 
ATOM   493  C CE2   . TYR A 1 74  ? -2.005  6.257   6.962   1.00 12.67 ? 74  TYR A CE2   1 
ATOM   494  C CZ    . TYR A 1 74  ? -1.013  6.165   7.922   1.00 12.11 ? 74  TYR A CZ    1 
ATOM   495  O OH    . TYR A 1 74  ? -0.895  5.016   8.684   1.00 11.30 ? 74  TYR A OH    1 
ATOM   496  N N     . GLY A 1 75  ? -1.075  13.089  5.769   1.00 15.80 ? 75  GLY A N     1 
ATOM   497  C CA    . GLY A 1 75  ? -1.049  14.428  5.180   1.00 17.92 ? 75  GLY A CA    1 
ATOM   498  C C     . GLY A 1 75  ? -0.170  14.511  3.948   1.00 19.27 ? 75  GLY A C     1 
ATOM   499  O O     . GLY A 1 75  ? 0.893   13.867  3.870   1.00 19.39 ? 75  GLY A O     1 
ATOM   500  N N     . LEU A 1 76  ? -0.630  15.287  2.965   1.00 20.66 ? 76  LEU A N     1 
ATOM   501  C CA    . LEU A 1 76  ? 0.165   15.552  1.766   1.00 21.99 ? 76  LEU A CA    1 
ATOM   502  C C     . LEU A 1 76  ? 0.480   17.043  1.661   1.00 22.84 ? 76  LEU A C     1 
ATOM   503  O O     . LEU A 1 76  ? 1.640   17.426  1.525   1.00 23.64 ? 76  LEU A O     1 
ATOM   504  C CB    . LEU A 1 76  ? -0.542  15.048  0.504   1.00 21.72 ? 76  LEU A CB    1 
ATOM   505  C CG    . LEU A 1 76  ? -0.573  13.535  0.270   1.00 21.76 ? 76  LEU A CG    1 
ATOM   506  C CD1   . LEU A 1 76  ? -1.532  13.182  -0.860  1.00 20.72 ? 76  LEU A CD1   1 
ATOM   507  C CD2   . LEU A 1 76  ? 0.816   12.975  -0.019  1.00 20.89 ? 76  LEU A CD2   1 
ATOM   508  N N     . THR A 1 77  ? -0.567  17.857  1.746   1.00 23.88 ? 77  THR A N     1 
ATOM   509  C CA    . THR A 1 77  ? -0.493  19.313  1.726   1.00 24.52 ? 77  THR A CA    1 
ATOM   510  C C     . THR A 1 77  ? -1.457  19.744  2.803   1.00 24.65 ? 77  THR A C     1 
ATOM   511  O O     . THR A 1 77  ? -1.971  18.896  3.527   1.00 25.06 ? 77  THR A O     1 
ATOM   512  C CB    . THR A 1 77  ? -0.961  19.887  0.368   1.00 24.43 ? 77  THR A CB    1 
ATOM   513  O OG1   . THR A 1 77  ? -2.371  19.674  0.216   1.00 24.80 ? 77  THR A OG1   1 
ATOM   514  C CG2   . THR A 1 77  ? -0.234  19.214  -0.764  1.00 24.63 ? 77  THR A CG2   1 
ATOM   515  N N     . GLU A 1 78  ? -1.734  21.039  2.929   1.00 24.76 ? 78  GLU A N     1 
ATOM   516  C CA    A GLU A 1 78  ? -2.658  21.504  3.962   0.50 24.89 ? 78  GLU A CA    1 
ATOM   517  C CA    B GLU A 1 78  ? -2.650  21.505  3.967   0.50 24.88 ? 78  GLU A CA    1 
ATOM   518  C C     . GLU A 1 78  ? -4.112  21.298  3.566   1.00 25.08 ? 78  GLU A C     1 
ATOM   519  O O     . GLU A 1 78  ? -4.991  21.164  4.423   1.00 25.04 ? 78  GLU A O     1 
ATOM   520  C CB    A GLU A 1 78  ? -2.399  22.964  4.300   0.50 25.12 ? 78  GLU A CB    1 
ATOM   521  C CB    B GLU A 1 78  ? -2.384  22.970  4.308   0.50 25.12 ? 78  GLU A CB    1 
ATOM   522  C CG    A GLU A 1 78  ? -1.153  23.153  5.119   0.50 25.21 ? 78  GLU A CG    1 
ATOM   523  C CG    B GLU A 1 78  ? -2.854  23.360  5.697   0.50 25.16 ? 78  GLU A CG    1 
ATOM   524  N N     . GLU A 1 79  ? -4.365  21.271  2.260   1.00 24.79 ? 79  GLU A N     1 
ATOM   525  C CA    . GLU A 1 79  ? -5.700  21.000  1.746   1.00 24.39 ? 79  GLU A CA    1 
ATOM   526  C C     . GLU A 1 79  ? -6.036  19.504  1.714   1.00 23.24 ? 79  GLU A C     1 
ATOM   527  O O     . GLU A 1 79  ? -7.190  19.131  1.917   1.00 23.30 ? 79  GLU A O     1 
ATOM   528  C CB    . GLU A 1 79  ? -5.821  21.513  0.311   1.00 24.69 ? 79  GLU A CB    1 
ATOM   529  C CG    . GLU A 1 79  ? -5.709  23.023  0.143   1.00 26.21 ? 79  GLU A CG    1 
ATOM   530  C CD    . GLU A 1 79  ? -4.328  23.554  0.471   1.00 27.43 ? 79  GLU A CD    1 
ATOM   531  O OE1   . GLU A 1 79  ? -3.320  22.998  -0.028  1.00 28.43 ? 79  GLU A OE1   1 
ATOM   532  O OE2   . GLU A 1 79  ? -4.253  24.539  1.230   1.00 28.48 ? 79  GLU A OE2   1 
ATOM   533  N N     . VAL A 1 80  ? -5.029  18.669  1.432   1.00 22.14 ? 80  VAL A N     1 
ATOM   534  C CA    . VAL A 1 80  ? -5.243  17.280  0.982   1.00 21.04 ? 80  VAL A CA    1 
ATOM   535  C C     . VAL A 1 80  ? -4.495  16.219  1.813   1.00 19.97 ? 80  VAL A C     1 
ATOM   536  O O     . VAL A 1 80  ? -3.306  16.358  2.102   1.00 19.93 ? 80  VAL A O     1 
ATOM   537  C CB    . VAL A 1 80  ? -4.863  17.100  -0.530  1.00 20.88 ? 80  VAL A CB    1 
ATOM   538  C CG1   . VAL A 1 80  ? -5.092  15.671  -1.003  1.00 21.07 ? 80  VAL A CG1   1 
ATOM   539  C CG2   . VAL A 1 80  ? -5.635  18.077  -1.427  1.00 21.23 ? 80  VAL A CG2   1 
ATOM   540  N N     . GLY A 1 81  ? -5.222  15.167  2.196   1.00 18.72 ? 81  GLY A N     1 
ATOM   541  C CA    . GLY A 1 81  ? -4.652  13.976  2.840   1.00 16.65 ? 81  GLY A CA    1 
ATOM   542  C C     . GLY A 1 81  ? -5.177  12.690  2.203   1.00 15.80 ? 81  GLY A C     1 
ATOM   543  O O     . GLY A 1 81  ? -5.907  12.731  1.192   1.00 15.02 ? 81  GLY A O     1 
ATOM   544  N N     . LEU A 1 82  ? -4.806  11.550  2.792   1.00 14.46 ? 82  LEU A N     1 
ATOM   545  C CA    . LEU A 1 82  ? -5.143  10.237  2.254   1.00 14.00 ? 82  LEU A CA    1 
ATOM   546  C C     . LEU A 1 82  ? -5.592  9.243   3.317   1.00 13.42 ? 82  LEU A C     1 
ATOM   547  O O     . LEU A 1 82  ? -5.056  9.226   4.430   1.00 13.42 ? 82  LEU A O     1 
ATOM   548  C CB    . LEU A 1 82  ? -3.920  9.605   1.586   1.00 14.21 ? 82  LEU A CB    1 
ATOM   549  C CG    . LEU A 1 82  ? -3.281  10.229  0.349   1.00 14.33 ? 82  LEU A CG    1 
ATOM   550  C CD1   . LEU A 1 82  ? -1.925  9.555   0.145   1.00 14.95 ? 82  LEU A CD1   1 
ATOM   551  C CD2   . LEU A 1 82  ? -4.192  10.073  -0.872  1.00 13.11 ? 82  LEU A CD2   1 
ATOM   552  N N     . LEU A 1 83  ? -6.541  8.392   2.940   1.00 12.26 ? 83  LEU A N     1 
ATOM   553  C CA    . LEU A 1 83  ? -6.797  7.138   3.653   1.00 11.25 ? 83  LEU A CA    1 
ATOM   554  C C     . LEU A 1 83  ? -6.027  6.074   2.877   1.00 11.06 ? 83  LEU A C     1 
ATOM   555  O O     . LEU A 1 83  ? -6.016  6.093   1.636   1.00 11.14 ? 83  LEU A O     1 
ATOM   556  C CB    . LEU A 1 83  ? -8.303  6.821   3.705   1.00 10.75 ? 83  LEU A CB    1 
ATOM   557  C CG    . LEU A 1 83  ? -9.211  7.927   4.238   1.00 10.24 ? 83  LEU A CG    1 
ATOM   558  C CD1   . LEU A 1 83  ? -10.659 7.533   4.031   1.00 10.78 ? 83  LEU A CD1   1 
ATOM   559  C CD2   . LEU A 1 83  ? -8.941  8.178   5.714   1.00 10.58 ? 83  LEU A CD2   1 
ATOM   560  N N     . ILE A 1 84  ? -5.347  5.174   3.593   1.00 10.40 ? 84  ILE A N     1 
ATOM   561  C CA    . ILE A 1 84  ? -4.485  4.187   2.937   1.00 10.20 ? 84  ILE A CA    1 
ATOM   562  C C     . ILE A 1 84  ? -4.757  2.745   3.407   1.00 10.24 ? 84  ILE A C     1 
ATOM   563  O O     . ILE A 1 84  ? -4.957  2.507   4.601   1.00 9.48  ? 84  ILE A O     1 
ATOM   564  C CB    . ILE A 1 84  ? -2.977  4.565   3.081   1.00 9.73  ? 84  ILE A CB    1 
ATOM   565  C CG1   . ILE A 1 84  ? -2.715  5.969   2.510   1.00 10.48 ? 84  ILE A CG1   1 
ATOM   566  C CG2   . ILE A 1 84  ? -2.072  3.520   2.380   1.00 8.59  ? 84  ILE A CG2   1 
ATOM   567  C CD1   . ILE A 1 84  ? -1.366  6.585   2.890   1.00 10.75 ? 84  ILE A CD1   1 
ATOM   568  N N     . TRP A 1 85  ? -4.789  1.806   2.452   1.00 10.16 ? 85  TRP A N     1 
ATOM   569  C CA    . TRP A 1 85  ? -4.890  0.364   2.739   1.00 10.73 ? 85  TRP A CA    1 
ATOM   570  C C     . TRP A 1 85  ? -3.705  -0.381  2.130   1.00 10.58 ? 85  TRP A C     1 
ATOM   571  O O     . TRP A 1 85  ? -3.273  -0.061  1.014   1.00 10.99 ? 85  TRP A O     1 
ATOM   572  C CB    . TRP A 1 85  ? -6.168  -0.225  2.131   1.00 11.17 ? 85  TRP A CB    1 
ATOM   573  C CG    . TRP A 1 85  ? -7.450  0.272   2.765   1.00 11.34 ? 85  TRP A CG    1 
ATOM   574  C CD1   . TRP A 1 85  ? -8.226  -0.383  3.686   1.00 11.50 ? 85  TRP A CD1   1 
ATOM   575  C CD2   . TRP A 1 85  ? -8.093  1.527   2.513   1.00 11.95 ? 85  TRP A CD2   1 
ATOM   576  N NE1   . TRP A 1 85  ? -9.317  0.401   4.026   1.00 12.01 ? 85  TRP A NE1   1 
ATOM   577  C CE2   . TRP A 1 85  ? -9.252  1.578   3.321   1.00 13.23 ? 85  TRP A CE2   1 
ATOM   578  C CE3   . TRP A 1 85  ? -7.807  2.613   1.674   1.00 12.69 ? 85  TRP A CE3   1 
ATOM   579  C CZ2   . TRP A 1 85  ? -10.126 2.671   3.307   1.00 12.09 ? 85  TRP A CZ2   1 
ATOM   580  C CZ3   . TRP A 1 85  ? -8.658  3.702   1.682   1.00 15.39 ? 85  TRP A CZ3   1 
ATOM   581  C CH2   . TRP A 1 85  ? -9.811  3.717   2.489   1.00 14.78 ? 85  TRP A CH2   1 
ATOM   582  N N     . MET A 1 86  ? -3.182  -1.370  2.852   1.00 10.30 ? 86  MET A N     1 
ATOM   583  C CA    . MET A 1 86  ? -2.130  -2.259  2.320   1.00 10.27 ? 86  MET A CA    1 
ATOM   584  C C     . MET A 1 86  ? -2.524  -3.700  2.599   1.00 10.13 ? 86  MET A C     1 
ATOM   585  O O     . MET A 1 86  ? -3.193  -3.972  3.586   1.00 10.35 ? 86  MET A O     1 
ATOM   586  C CB    . MET A 1 86  ? -0.768  -1.960  2.974   1.00 10.48 ? 86  MET A CB    1 
ATOM   587  C CG    . MET A 1 86  ? -0.205  -0.578  2.630   1.00 11.13 ? 86  MET A CG    1 
ATOM   588  S SD    . MET A 1 86  ? 1.285   -0.176  3.558   1.00 12.04 ? 86  MET A SD    1 
ATOM   589  C CE    . MET A 1 86  ? 2.001   1.159   2.554   1.00 10.80 ? 86  MET A CE    1 
ATOM   590  N N     . GLY A 1 87  ? -2.121  -4.640  1.755   1.00 9.39  ? 87  GLY A N     1 
ATOM   591  C CA    . GLY A 1 87  ? -2.466  -6.016  2.056   1.00 9.60  ? 87  GLY A CA    1 
ATOM   592  C C     . GLY A 1 87  ? -2.084  -7.008  0.978   1.00 9.79  ? 87  GLY A C     1 
ATOM   593  O O     . GLY A 1 87  ? -1.184  -6.755  0.177   1.00 9.64  ? 87  GLY A O     1 
ATOM   594  N N     . ASP A 1 88  ? -2.761  -8.152  0.999   1.00 9.94  ? 88  ASP A N     1 
ATOM   595  C CA    . ASP A 1 88  ? -2.623  -9.199  -0.022  1.00 9.84  ? 88  ASP A CA    1 
ATOM   596  C C     . ASP A 1 88  ? -3.103  -8.677  -1.381  1.00 10.24 ? 88  ASP A C     1 
ATOM   597  O O     . ASP A 1 88  ? -3.699  -7.611  -1.478  1.00 9.80  ? 88  ASP A O     1 
ATOM   598  C CB    . ASP A 1 88  ? -3.435  -10.418 0.406   1.00 10.07 ? 88  ASP A CB    1 
ATOM   599  C CG    . ASP A 1 88  ? -3.068  -11.699 -0.349  1.00 10.57 ? 88  ASP A CG    1 
ATOM   600  O OD1   . ASP A 1 88  ? -1.948  -11.786 -0.904  1.00 10.61 ? 88  ASP A OD1   1 
ATOM   601  O OD2   . ASP A 1 88  ? -3.925  -12.624 -0.376  1.00 9.52  ? 88  ASP A OD2   1 
ATOM   602  N N     . THR A 1 89  ? -2.846  -9.454  -2.427  1.00 10.27 ? 89  THR A N     1 
ATOM   603  C CA    . THR A 1 89  ? -3.109  -9.046  -3.797  1.00 10.93 ? 89  THR A CA    1 
ATOM   604  C C     . THR A 1 89  ? -4.491  -8.443  -4.062  1.00 10.86 ? 89  THR A C     1 
ATOM   605  O O     . THR A 1 89  ? -4.594  -7.358  -4.633  1.00 11.02 ? 89  THR A O     1 
ATOM   606  C CB    . THR A 1 89  ? -2.944  -10.260 -4.704  1.00 10.64 ? 89  THR A CB    1 
ATOM   607  O OG1   . THR A 1 89  ? -1.674  -10.859 -4.434  1.00 10.49 ? 89  THR A OG1   1 
ATOM   608  C CG2   . THR A 1 89  ? -3.073  -9.870  -6.166  1.00 11.30 ? 89  THR A CG2   1 
ATOM   609  N N     . LYS A 1 90  ? -5.549  -9.144  -3.663  1.00 11.04 ? 90  LYS A N     1 
ATOM   610  C CA    . LYS A 1 90  ? -6.911  -8.681  -3.972  1.00 11.52 ? 90  LYS A CA    1 
ATOM   611  C C     . LYS A 1 90  ? -7.280  -7.456  -3.128  1.00 11.30 ? 90  LYS A C     1 
ATOM   612  O O     . LYS A 1 90  ? -7.056  -7.438  -1.923  1.00 11.49 ? 90  LYS A O     1 
ATOM   613  C CB    . LYS A 1 90  ? -7.939  -9.812  -3.796  1.00 11.99 ? 90  LYS A CB    1 
ATOM   614  C CG    . LYS A 1 90  ? -7.840  -10.938 -4.816  1.00 13.44 ? 90  LYS A CG    1 
ATOM   615  C CD    . LYS A 1 90  ? -9.042  -11.882 -4.687  1.00 18.92 ? 90  LYS A CD    1 
ATOM   616  C CE    . LYS A 1 90  ? -8.833  -13.224 -5.390  1.00 20.82 ? 90  LYS A CE    1 
ATOM   617  N NZ    . LYS A 1 90  ? -8.050  -13.104 -6.640  1.00 22.95 ? 90  LYS A NZ    1 
ATOM   618  N N     . TYR A 1 91  ? -7.828  -6.428  -3.770  1.00 11.00 ? 91  TYR A N     1 
ATOM   619  C CA    . TYR A 1 91  ? -8.039  -5.133  -3.109  1.00 10.53 ? 91  TYR A CA    1 
ATOM   620  C C     . TYR A 1 91  ? -8.962  -5.215  -1.888  1.00 10.43 ? 91  TYR A C     1 
ATOM   621  O O     . TYR A 1 91  ? -8.779  -4.473  -0.933  1.00 10.60 ? 91  TYR A O     1 
ATOM   622  C CB    . TYR A 1 91  ? -8.560  -4.095  -4.104  1.00 11.01 ? 91  TYR A CB    1 
ATOM   623  C CG    . TYR A 1 91  ? -7.484  -3.408  -4.928  1.00 10.58 ? 91  TYR A CG    1 
ATOM   624  C CD1   . TYR A 1 91  ? -7.450  -3.550  -6.319  1.00 10.35 ? 91  TYR A CD1   1 
ATOM   625  C CD2   . TYR A 1 91  ? -6.503  -2.599  -4.317  1.00 12.04 ? 91  TYR A CD2   1 
ATOM   626  C CE1   . TYR A 1 91  ? -6.469  -2.911  -7.092  1.00 10.80 ? 91  TYR A CE1   1 
ATOM   627  C CE2   . TYR A 1 91  ? -5.492  -1.956  -5.099  1.00 10.25 ? 91  TYR A CE2   1 
ATOM   628  C CZ    . TYR A 1 91  ? -5.504  -2.119  -6.484  1.00 10.45 ? 91  TYR A CZ    1 
ATOM   629  O OH    . TYR A 1 91  ? -4.562  -1.490  -7.277  1.00 10.79 ? 91  TYR A OH    1 
ATOM   630  N N     . SER A 1 92  ? -9.938  -6.118  -1.912  1.00 9.84  ? 92  SER A N     1 
ATOM   631  C CA    . SER A 1 92  ? -10.897 -6.211  -0.808  1.00 10.00 ? 92  SER A CA    1 
ATOM   632  C C     . SER A 1 92  ? -10.250 -6.769  0.469   1.00 10.33 ? 92  SER A C     1 
ATOM   633  O O     . SER A 1 92  ? -10.814 -6.625  1.570   1.00 10.08 ? 92  SER A O     1 
ATOM   634  C CB    . SER A 1 92  ? -12.110 -7.054  -1.204  1.00 9.44  ? 92  SER A CB    1 
ATOM   635  O OG    . SER A 1 92  ? -11.751 -8.425  -1.255  1.00 8.58  ? 92  SER A OG    1 
ATOM   636  N N     . ARG A 1 93  ? -9.065  -7.378  0.328   1.00 10.86 ? 93  ARG A N     1 
ATOM   637  C CA    . ARG A 1 93  ? -8.270  -7.829  1.497   1.00 11.77 ? 93  ARG A CA    1 
ATOM   638  C C     . ARG A 1 93  ? -7.379  -6.748  2.156   1.00 11.70 ? 93  ARG A C     1 
ATOM   639  O O     . ARG A 1 93  ? -6.631  -7.040  3.099   1.00 11.81 ? 93  ARG A O     1 
ATOM   640  C CB    . ARG A 1 93  ? -7.387  -9.014  1.110   1.00 12.71 ? 93  ARG A CB    1 
ATOM   641  C CG    . ARG A 1 93  ? -8.079  -10.064 0.269   1.00 16.12 ? 93  ARG A CG    1 
ATOM   642  C CD    . ARG A 1 93  ? -8.341  -11.317 1.045   1.00 23.07 ? 93  ARG A CD    1 
ATOM   643  N NE    . ARG A 1 93  ? -7.982  -12.452 0.204   1.00 28.83 ? 93  ARG A NE    1 
ATOM   644  C CZ    . ARG A 1 93  ? -8.796  -13.012 -0.688  1.00 31.11 ? 93  ARG A CZ    1 
ATOM   645  N NH1   . ARG A 1 93  ? -10.049 -12.571 -0.837  1.00 31.58 ? 93  ARG A NH1   1 
ATOM   646  N NH2   . ARG A 1 93  ? -8.362  -14.026 -1.415  1.00 31.92 ? 93  ARG A NH2   1 
ATOM   647  N N     . GLY A 1 94  ? -7.434  -5.525  1.645   1.00 11.74 ? 94  GLY A N     1 
ATOM   648  C CA    . GLY A 1 94  ? -6.654  -4.423  2.202   1.00 11.25 ? 94  GLY A CA    1 
ATOM   649  C C     . GLY A 1 94  ? -6.887  -4.180  3.695   1.00 10.88 ? 94  GLY A C     1 
ATOM   650  O O     . GLY A 1 94  ? -8.016  -4.250  4.184   1.00 11.02 ? 94  GLY A O     1 
ATOM   651  N N     . THR A 1 95  ? -5.802  -3.901  4.413   1.00 9.79  ? 95  THR A N     1 
ATOM   652  C CA    . THR A 1 95  ? -5.849  -3.503  5.821   1.00 9.40  ? 95  THR A CA    1 
ATOM   653  C C     . THR A 1 95  ? -5.676  -1.993  5.920   1.00 9.37  ? 95  THR A C     1 
ATOM   654  O O     . THR A 1 95  ? -4.717  -1.424  5.370   1.00 9.29  ? 95  THR A O     1 
ATOM   655  C CB    . THR A 1 95  ? -4.723  -4.188  6.613   1.00 9.04  ? 95  THR A CB    1 
ATOM   656  O OG1   . THR A 1 95  ? -4.813  -5.610  6.427   1.00 7.43  ? 95  THR A OG1   1 
ATOM   657  C CG2   . THR A 1 95  ? -4.794  -3.836  8.127   1.00 9.21  ? 95  THR A CG2   1 
ATOM   658  N N     . ALA A 1 96  ? -6.623  -1.344  6.589   1.00 9.70  ? 96  ALA A N     1 
ATOM   659  C CA    . ALA A 1 96  ? -6.569  0.105   6.800   1.00 10.15 ? 96  ALA A CA    1 
ATOM   660  C C     . ALA A 1 96  ? -5.352  0.437   7.667   1.00 10.39 ? 96  ALA A C     1 
ATOM   661  O O     . ALA A 1 96  ? -5.125  -0.200  8.701   1.00 9.60  ? 96  ALA A O     1 
ATOM   662  C CB    . ALA A 1 96  ? -7.852  0.577   7.469   1.00 10.53 ? 96  ALA A CB    1 
ATOM   663  N N     . MET A 1 97  ? -4.570  1.430   7.245   1.00 10.41 ? 97  MET A N     1 
ATOM   664  C CA    . MET A 1 97  ? -3.307  1.759   7.920   1.00 11.05 ? 97  MET A CA    1 
ATOM   665  C C     . MET A 1 97  ? -3.478  2.883   8.959   1.00 11.91 ? 97  MET A C     1 
ATOM   666  O O     . MET A 1 97  ? -4.255  3.829   8.733   1.00 11.82 ? 97  MET A O     1 
ATOM   667  C CB    . MET A 1 97  ? -2.248  2.142   6.878   1.00 11.02 ? 97  MET A CB    1 
ATOM   668  C CG    . MET A 1 97  ? -1.822  0.979   5.961   1.00 10.40 ? 97  MET A CG    1 
ATOM   669  S SD    . MET A 1 97  ? -1.165  -0.454  6.850   1.00 12.03 ? 97  MET A SD    1 
ATOM   670  C CE    . MET A 1 97  ? 0.430   0.178   7.374   1.00 7.57  ? 97  MET A CE    1 
ATOM   671  N N     . SER A 1 98  ? -2.789  2.740   10.099  1.00 12.28 ? 98  SER A N     1 
ATOM   672  C CA    . SER A 1 98  ? -2.713  3.776   11.143  1.00 13.39 ? 98  SER A CA    1 
ATOM   673  C C     . SER A 1 98  ? -1.261  3.934   11.580  1.00 13.67 ? 98  SER A C     1 
ATOM   674  O O     . SER A 1 98  ? -0.505  2.962   11.567  1.00 14.86 ? 98  SER A O     1 
ATOM   675  C CB    . SER A 1 98  ? -3.579  3.405   12.359  1.00 14.00 ? 98  SER A CB    1 
ATOM   676  O OG    . SER A 1 98  ? -4.959  3.555   12.076  1.00 13.81 ? 98  SER A OG    1 
ATOM   677  N N     . GLY A 1 99  ? -0.872  5.150   11.967  1.00 14.64 ? 99  GLY A N     1 
ATOM   678  C CA    . GLY A 1 99  ? 0.484   5.425   12.466  1.00 14.20 ? 99  GLY A CA    1 
ATOM   679  C C     . GLY A 1 99  ? 1.585   5.171   11.445  1.00 14.00 ? 99  GLY A C     1 
ATOM   680  O O     . GLY A 1 99  ? 1.307   5.028   10.249  1.00 14.88 ? 99  GLY A O     1 
ATOM   681  N N     . ASN A 1 100 ? 2.827   5.090   11.923  1.00 13.73 ? 100 ASN A N     1 
ATOM   682  C CA    . ASN A 1 100 ? 4.027   5.022   11.072  1.00 13.87 ? 100 ASN A CA    1 
ATOM   683  C C     . ASN A 1 100 ? 4.932   3.842   11.388  1.00 13.81 ? 100 ASN A C     1 
ATOM   684  O O     . ASN A 1 100 ? 6.111   3.859   11.019  1.00 13.39 ? 100 ASN A O     1 
ATOM   685  C CB    . ASN A 1 100 ? 4.875   6.298   11.232  1.00 14.41 ? 100 ASN A CB    1 
ATOM   686  C CG    . ASN A 1 100 ? 4.138   7.554   10.837  1.00 14.71 ? 100 ASN A CG    1 
ATOM   687  O OD1   . ASN A 1 100 ? 3.908   8.431   11.665  1.00 16.11 ? 100 ASN A OD1   1 
ATOM   688  N ND2   . ASN A 1 100 ? 3.759   7.649   9.572   1.00 16.07 ? 100 ASN A ND2   1 
ATOM   689  N N     . SER A 1 101 ? 4.404   2.839   12.104  1.00 13.71 ? 101 SER A N     1 
ATOM   690  C CA    . SER A 1 101 ? 5.168   1.636   12.449  1.00 13.40 ? 101 SER A CA    1 
ATOM   691  C C     . SER A 1 101 ? 4.874   0.516   11.458  1.00 13.21 ? 101 SER A C     1 
ATOM   692  O O     . SER A 1 101 ? 3.896   0.586   10.712  1.00 12.31 ? 101 SER A O     1 
ATOM   693  C CB    . SER A 1 101 ? 4.810   1.150   13.866  1.00 13.44 ? 101 SER A CB    1 
ATOM   694  O OG    . SER A 1 101 ? 5.186   2.115   14.837  1.00 15.60 ? 101 SER A OG    1 
ATOM   695  N N     . TRP A 1 102 ? 5.714   -0.522  11.466  1.00 12.83 ? 102 TRP A N     1 
ATOM   696  C CA    . TRP A 1 102 ? 5.449   -1.711  10.672  1.00 12.24 ? 102 TRP A CA    1 
ATOM   697  C C     . TRP A 1 102 ? 4.198   -2.366  11.256  1.00 12.84 ? 102 TRP A C     1 
ATOM   698  O O     . TRP A 1 102 ? 4.100   -2.508  12.476  1.00 12.08 ? 102 TRP A O     1 
ATOM   699  C CB    . TRP A 1 102 ? 6.658   -2.653  10.740  1.00 12.54 ? 102 TRP A CB    1 
ATOM   700  C CG    . TRP A 1 102 ? 7.805   -2.277  9.838   1.00 10.81 ? 102 TRP A CG    1 
ATOM   701  C CD1   . TRP A 1 102 ? 9.029   -1.789  10.211  1.00 11.69 ? 102 TRP A CD1   1 
ATOM   702  C CD2   . TRP A 1 102 ? 7.840   -2.403  8.404   1.00 12.11 ? 102 TRP A CD2   1 
ATOM   703  N NE1   . TRP A 1 102 ? 9.829   -1.597  9.095   1.00 13.69 ? 102 TRP A NE1   1 
ATOM   704  C CE2   . TRP A 1 102 ? 9.126   -1.977  7.976   1.00 12.67 ? 102 TRP A CE2   1 
ATOM   705  C CE3   . TRP A 1 102 ? 6.918   -2.853  7.447   1.00 8.69  ? 102 TRP A CE3   1 
ATOM   706  C CZ2   . TRP A 1 102 ? 9.501   -1.959  6.620   1.00 12.75 ? 102 TRP A CZ2   1 
ATOM   707  C CZ3   . TRP A 1 102 ? 7.284   -2.826  6.105   1.00 10.43 ? 102 TRP A CZ3   1 
ATOM   708  C CH2   . TRP A 1 102 ? 8.581   -2.389  5.709   1.00 10.36 ? 102 TRP A CH2   1 
ATOM   709  N N     . GLU A 1 103 ? 3.220   -2.698  10.402  1.00 12.99 ? 103 GLU A N     1 
ATOM   710  C CA    . GLU A 1 103 ? 1.953   -3.332  10.840  1.00 13.37 ? 103 GLU A CA    1 
ATOM   711  C C     . GLU A 1 103 ? 1.667   -4.614  10.040  1.00 13.52 ? 103 GLU A C     1 
ATOM   712  O O     . GLU A 1 103 ? 1.970   -4.684  8.857   1.00 12.61 ? 103 GLU A O     1 
ATOM   713  C CB    . GLU A 1 103 ? 0.765   -2.357  10.703  1.00 13.87 ? 103 GLU A CB    1 
ATOM   714  C CG    . GLU A 1 103 ? 0.848   -1.046  11.538  1.00 15.44 ? 103 GLU A CG    1 
ATOM   715  C CD    . GLU A 1 103 ? 0.919   -1.266  13.065  1.00 19.65 ? 103 GLU A CD    1 
ATOM   716  O OE1   . GLU A 1 103 ? 0.513   -2.343  13.568  1.00 19.82 ? 103 GLU A OE1   1 
ATOM   717  O OE2   . GLU A 1 103 ? 1.379   -0.343  13.768  1.00 19.07 ? 103 GLU A OE2   1 
ATOM   718  N N     . ASN A 1 104 ? 1.094   -5.631  10.691  1.00 13.30 ? 104 ASN A N     1 
ATOM   719  C CA    . ASN A 1 104 ? 0.706   -6.866  9.994   1.00 13.43 ? 104 ASN A CA    1 
ATOM   720  C C     . ASN A 1 104 ? -0.479  -6.517  9.101   1.00 12.90 ? 104 ASN A C     1 
ATOM   721  O O     . ASN A 1 104 ? -1.521  -6.092  9.608   1.00 12.59 ? 104 ASN A O     1 
ATOM   722  C CB    . ASN A 1 104 ? 0.331   -7.929  11.049  1.00 13.53 ? 104 ASN A CB    1 
ATOM   723  C CG    . ASN A 1 104 ? -0.099  -9.282  10.456  1.00 14.29 ? 104 ASN A CG    1 
ATOM   724  O OD1   . ASN A 1 104 ? -0.133  -9.507  9.242   1.00 10.48 ? 104 ASN A OD1   1 
ATOM   725  N ND2   . ASN A 1 104 ? -0.425  -10.202 11.356  1.00 16.60 ? 104 ASN A ND2   1 
ATOM   726  N N     . VAL A 1 105 ? -0.327  -6.663  7.783   1.00 11.86 ? 105 VAL A N     1 
ATOM   727  C CA    . VAL A 1 105 ? -1.403  -6.315  6.851   1.00 11.02 ? 105 VAL A CA    1 
ATOM   728  C C     . VAL A 1 105 ? -1.924  -7.529  6.063   1.00 10.78 ? 105 VAL A C     1 
ATOM   729  O O     . VAL A 1 105 ? -2.871  -7.409  5.276   1.00 10.44 ? 105 VAL A O     1 
ATOM   730  C CB    . VAL A 1 105 ? -1.018  -5.139  5.886   1.00 11.49 ? 105 VAL A CB    1 
ATOM   731  C CG1   . VAL A 1 105 ? -0.716  -3.858  6.671   1.00 11.45 ? 105 VAL A CG1   1 
ATOM   732  C CG2   . VAL A 1 105 ? 0.161   -5.524  4.987   1.00 10.82 ? 105 VAL A CG2   1 
ATOM   733  N N     . PHE A 1 106 ? -1.301  -8.688  6.287   1.00 10.01 ? 106 PHE A N     1 
ATOM   734  C CA    . PHE A 1 106 ? -1.770  -9.973  5.762   1.00 10.71 ? 106 PHE A CA    1 
ATOM   735  C C     . PHE A 1 106 ? -1.251  -11.068 6.667   1.00 10.80 ? 106 PHE A C     1 
ATOM   736  O O     . PHE A 1 106 ? -0.036  -11.293 6.772   1.00 10.24 ? 106 PHE A O     1 
ATOM   737  C CB    . PHE A 1 106 ? -1.324  -10.199 4.298   1.00 10.23 ? 106 PHE A CB    1 
ATOM   738  C CG    . PHE A 1 106 ? -1.659  -11.577 3.740   1.00 10.62 ? 106 PHE A CG    1 
ATOM   739  C CD1   . PHE A 1 106 ? -2.939  -12.124 3.873   1.00 11.78 ? 106 PHE A CD1   1 
ATOM   740  C CD2   . PHE A 1 106 ? -0.702  -12.305 3.032   1.00 10.52 ? 106 PHE A CD2   1 
ATOM   741  C CE1   . PHE A 1 106 ? -3.248  -13.393 3.343   1.00 12.46 ? 106 PHE A CE1   1 
ATOM   742  C CE2   . PHE A 1 106 ? -0.998  -13.568 2.496   1.00 10.04 ? 106 PHE A CE2   1 
ATOM   743  C CZ    . PHE A 1 106 ? -2.277  -14.114 2.637   1.00 9.91  ? 106 PHE A CZ    1 
ATOM   744  N N     . SER A 1 107 ? -2.189  -11.753 7.320   1.00 11.16 ? 107 SER A N     1 
ATOM   745  C CA    A SER A 1 107 ? -1.882  -12.845 8.257   0.50 11.62 ? 107 SER A CA    1 
ATOM   746  C CA    B SER A 1 107 ? -1.843  -12.807 8.262   0.50 11.47 ? 107 SER A CA    1 
ATOM   747  C C     . SER A 1 107 ? -1.023  -13.955 7.652   1.00 11.81 ? 107 SER A C     1 
ATOM   748  O O     . SER A 1 107 ? -0.214  -14.571 8.344   1.00 12.01 ? 107 SER A O     1 
ATOM   749  C CB    A SER A 1 107 ? -3.170  -13.464 8.811   0.50 11.66 ? 107 SER A CB    1 
ATOM   750  C CB    B SER A 1 107 ? -3.112  -13.312 8.939   0.50 11.55 ? 107 SER A CB    1 
ATOM   751  O OG    A SER A 1 107 ? -2.861  -14.497 9.743   0.50 12.29 ? 107 SER A OG    1 
ATOM   752  O OG    B SER A 1 107 ? -3.644  -12.277 9.748   0.50 11.19 ? 107 SER A OG    1 
ATOM   753  N N     . GLY A 1 108 ? -1.223  -14.234 6.364   1.00 12.01 ? 108 GLY A N     1 
ATOM   754  C CA    . GLY A 1 108 ? -0.336  -15.146 5.631   1.00 11.89 ? 108 GLY A CA    1 
ATOM   755  C C     . GLY A 1 108 ? -0.888  -16.522 5.281   1.00 12.69 ? 108 GLY A C     1 
ATOM   756  O O     . GLY A 1 108 ? -1.984  -16.909 5.707   1.00 11.96 ? 108 GLY A O     1 
ATOM   757  N N     . TRP A 1 109 ? -0.112  -17.263 4.495   1.00 13.02 ? 109 TRP A N     1 
ATOM   758  C CA    . TRP A 1 109 ? -0.474  -18.623 4.125   1.00 13.64 ? 109 TRP A CA    1 
ATOM   759  C C     . TRP A 1 109 ? 0.770   -19.442 3.857   1.00 13.79 ? 109 TRP A C     1 
ATOM   760  O O     . TRP A 1 109 ? 1.875   -18.908 3.830   1.00 13.34 ? 109 TRP A O     1 
ATOM   761  C CB    . TRP A 1 109 ? -1.343  -18.606 2.868   1.00 13.25 ? 109 TRP A CB    1 
ATOM   762  C CG    . TRP A 1 109 ? -0.621  -18.228 1.593   1.00 14.03 ? 109 TRP A CG    1 
ATOM   763  C CD1   . TRP A 1 109 ? 0.017   -17.044 1.313   1.00 14.27 ? 109 TRP A CD1   1 
ATOM   764  C CD2   . TRP A 1 109 ? -0.510  -19.029 0.415   1.00 13.22 ? 109 TRP A CD2   1 
ATOM   765  N NE1   . TRP A 1 109 ? 0.532   -17.074 0.036   1.00 13.67 ? 109 TRP A NE1   1 
ATOM   766  C CE2   . TRP A 1 109 ? 0.216   -18.283 -0.534  1.00 14.15 ? 109 TRP A CE2   1 
ATOM   767  C CE3   . TRP A 1 109 ? -0.951  -20.319 0.073   1.00 13.51 ? 109 TRP A CE3   1 
ATOM   768  C CZ2   . TRP A 1 109 ? 0.509   -18.778 -1.805  1.00 13.61 ? 109 TRP A CZ2   1 
ATOM   769  C CZ3   . TRP A 1 109 ? -0.657  -20.806 -1.195  1.00 12.27 ? 109 TRP A CZ3   1 
ATOM   770  C CH2   . TRP A 1 109 ? 0.058   -20.038 -2.114  1.00 12.37 ? 109 TRP A CH2   1 
ATOM   771  N N     . CYS A 1 110 ? 0.573   -20.735 3.626   1.00 14.27 ? 110 CYS A N     1 
ATOM   772  C CA    . CYS A 1 110 ? 1.670   -21.656 3.337   1.00 14.45 ? 110 CYS A CA    1 
ATOM   773  C C     . CYS A 1 110 ? 1.381   -22.396 2.038   1.00 14.79 ? 110 CYS A C     1 
ATOM   774  O O     . CYS A 1 110 ? 0.339   -23.043 1.906   1.00 14.21 ? 110 CYS A O     1 
ATOM   775  C CB    . CYS A 1 110 ? 1.831   -22.680 4.468   1.00 14.69 ? 110 CYS A CB    1 
ATOM   776  S SG    . CYS A 1 110 ? 2.115   -21.979 6.130   1.00 14.37 ? 110 CYS A SG    1 
ATOM   777  N N     . VAL A 1 111 ? 2.301   -22.277 1.085   1.00 14.44 ? 111 VAL A N     1 
ATOM   778  C CA    . VAL A 1 111 ? 2.260   -23.036 -0.157  1.00 14.32 ? 111 VAL A CA    1 
ATOM   779  C C     . VAL A 1 111 ? 2.475   -24.531 0.166   1.00 15.37 ? 111 VAL A C     1 
ATOM   780  O O     . VAL A 1 111 ? 3.067   -24.891 1.200   1.00 15.46 ? 111 VAL A O     1 
ATOM   781  C CB    . VAL A 1 111 ? 3.321   -22.496 -1.156  1.00 14.00 ? 111 VAL A CB    1 
ATOM   782  C CG1   . VAL A 1 111 ? 4.754   -22.806 -0.643  1.00 12.36 ? 111 VAL A CG1   1 
ATOM   783  C CG2   . VAL A 1 111 ? 3.105   -23.070 -2.584  1.00 13.24 ? 111 VAL A CG2   1 
ATOM   784  N N     . GLY A 1 112 ? 1.992   -25.403 -0.711  1.00 16.23 ? 112 GLY A N     1 
ATOM   785  C CA    . GLY A 1 112 ? 2.081   -26.835 -0.461  1.00 17.48 ? 112 GLY A CA    1 
ATOM   786  C C     . GLY A 1 112 ? 3.505   -27.346 -0.416  1.00 18.15 ? 112 GLY A C     1 
ATOM   787  O O     . GLY A 1 112 ? 4.419   -26.738 -0.995  1.00 18.09 ? 112 GLY A O     1 
ATOM   788  N N     . ALA A 1 113 ? 3.686   -28.476 0.259   1.00 18.91 ? 113 ALA A N     1 
ATOM   789  C CA    . ALA A 1 113 ? 5.002   -29.096 0.406   1.00 19.76 ? 113 ALA A CA    1 
ATOM   790  C C     . ALA A 1 113 ? 5.606   -29.498 -0.942  1.00 20.43 ? 113 ALA A C     1 
ATOM   791  O O     . ALA A 1 113 ? 6.836   -29.635 -1.072  1.00 20.95 ? 113 ALA A O     1 
ATOM   792  C CB    . ALA A 1 113 ? 4.922   -30.292 1.362   1.00 19.53 ? 113 ALA A CB    1 
ATOM   793  N N     . ASN A 1 114 ? 4.754   -29.640 -1.961  1.00 20.75 ? 114 ASN A N     1 
ATOM   794  C CA    . ASN A 1 114 ? 5.223   -30.072 -3.275  1.00 21.30 ? 114 ASN A CA    1 
ATOM   795  C C     . ASN A 1 114 ? 4.845   -29.157 -4.409  1.00 20.95 ? 114 ASN A C     1 
ATOM   796  O O     . ASN A 1 114 ? 4.904   -29.551 -5.577  1.00 21.21 ? 114 ASN A O     1 
ATOM   797  C CB    . ASN A 1 114 ? 4.722   -31.487 -3.578  1.00 21.97 ? 114 ASN A CB    1 
ATOM   798  C CG    . ASN A 1 114 ? 5.325   -32.497 -2.655  1.00 23.79 ? 114 ASN A CG    1 
ATOM   799  O OD1   . ASN A 1 114 ? 6.490   -32.855 -2.800  1.00 26.36 ? 114 ASN A OD1   1 
ATOM   800  N ND2   . ASN A 1 114 ? 4.557   -32.932 -1.671  1.00 23.53 ? 114 ASN A ND2   1 
ATOM   801  N N     . THR A 1 115 ? 4.468   -27.928 -4.093  1.00 20.46 ? 115 THR A N     1 
ATOM   802  C CA    . THR A 1 115 ? 4.023   -27.045 -5.152  1.00 20.24 ? 115 THR A CA    1 
ATOM   803  C C     . THR A 1 115 ? 4.735   -25.705 -5.139  1.00 19.42 ? 115 THR A C     1 
ATOM   804  O O     . THR A 1 115 ? 5.448   -25.364 -4.204  1.00 19.01 ? 115 THR A O     1 
ATOM   805  C CB    . THR A 1 115 ? 2.458   -26.868 -5.196  1.00 20.96 ? 115 THR A CB    1 
ATOM   806  O OG1   . THR A 1 115 ? 1.945   -26.671 -3.881  1.00 22.33 ? 115 THR A OG1   1 
ATOM   807  C CG2   . THR A 1 115 ? 1.758   -28.098 -5.816  1.00 21.30 ? 115 THR A CG2   1 
ATOM   808  N N     . ALA A 1 116 ? 4.560   -24.973 -6.225  1.00 18.49 ? 116 ALA A N     1 
ATOM   809  C CA    . ALA A 1 116 ? 5.107   -23.651 -6.366  1.00 18.27 ? 116 ALA A CA    1 
ATOM   810  C C     . ALA A 1 116 ? 3.947   -22.691 -6.601  1.00 18.06 ? 116 ALA A C     1 
ATOM   811  O O     . ALA A 1 116 ? 2.951   -23.040 -7.238  1.00 18.66 ? 116 ALA A O     1 
ATOM   812  C CB    . ALA A 1 116 ? 6.063   -23.606 -7.530  1.00 17.98 ? 116 ALA A CB    1 
ATOM   813  N N     . SER A 1 117 ? 4.074   -21.483 -6.075  1.00 17.71 ? 117 SER A N     1 
ATOM   814  C CA    . SER A 1 117 ? 3.090   -20.442 -6.331  1.00 17.11 ? 117 SER A CA    1 
ATOM   815  C C     . SER A 1 117 ? 3.774   -19.093 -6.168  1.00 16.53 ? 117 SER A C     1 
ATOM   816  O O     . SER A 1 117 ? 5.010   -19.011 -6.243  1.00 16.27 ? 117 SER A O     1 
ATOM   817  C CB    . SER A 1 117 ? 1.890   -20.583 -5.387  1.00 17.09 ? 117 SER A CB    1 
ATOM   818  O OG    . SER A 1 117 ? 0.845   -19.677 -5.742  1.00 18.03 ? 117 SER A OG    1 
ATOM   819  N N     . THR A 1 118 ? 2.979   -18.042 -5.949  1.00 15.18 ? 118 THR A N     1 
ATOM   820  C CA    . THR A 1 118 ? 3.510   -16.700 -5.717  1.00 13.71 ? 118 THR A CA    1 
ATOM   821  C C     . THR A 1 118 ? 2.785   -15.988 -4.560  1.00 12.84 ? 118 THR A C     1 
ATOM   822  O O     . THR A 1 118 ? 1.650   -16.337 -4.203  1.00 12.12 ? 118 THR A O     1 
ATOM   823  C CB    . THR A 1 118 ? 3.412   -15.789 -6.972  1.00 14.02 ? 118 THR A CB    1 
ATOM   824  O OG1   . THR A 1 118 ? 2.041   -15.676 -7.376  1.00 14.24 ? 118 THR A OG1   1 
ATOM   825  C CG2   . THR A 1 118 ? 4.271   -16.309 -8.154  1.00 13.65 ? 118 THR A CG2   1 
ATOM   826  N N     . GLN A 1 119 ? 3.452   -14.989 -3.996  1.00 11.93 ? 119 GLN A N     1 
ATOM   827  C CA    . GLN A 1 119 ? 2.863   -14.075 -3.006  1.00 11.16 ? 119 GLN A CA    1 
ATOM   828  C C     . GLN A 1 119 ? 2.830   -12.681 -3.634  1.00 10.48 ? 119 GLN A C     1 
ATOM   829  O O     . GLN A 1 119 ? 3.820   -12.240 -4.213  1.00 9.44  ? 119 GLN A O     1 
ATOM   830  C CB    . GLN A 1 119 ? 3.718   -14.068 -1.729  1.00 10.78 ? 119 GLN A CB    1 
ATOM   831  C CG    . GLN A 1 119 ? 3.262   -13.063 -0.661  1.00 10.21 ? 119 GLN A CG    1 
ATOM   832  C CD    . GLN A 1 119 ? 1.831   -13.335 -0.178  1.00 10.17 ? 119 GLN A CD    1 
ATOM   833  O OE1   . GLN A 1 119 ? 1.487   -14.459 0.187   1.00 9.18  ? 119 GLN A OE1   1 
ATOM   834  N NE2   . GLN A 1 119 ? 1.011   -12.297 -0.151  1.00 7.97  ? 119 GLN A NE2   1 
ATOM   835  N N     . GLY A 1 120 ? 1.684   -12.009 -3.569  1.00 10.40 ? 120 GLY A N     1 
ATOM   836  C CA    . GLY A 1 120 ? 1.550   -10.698 -4.195  1.00 9.54  ? 120 GLY A CA    1 
ATOM   837  C C     . GLY A 1 120 ? 1.137   -9.690  -3.153  1.00 10.44 ? 120 GLY A C     1 
ATOM   838  O O     . GLY A 1 120 ? 1.242   -9.954  -1.947  1.00 10.21 ? 120 GLY A O     1 
ATOM   839  N N     . LEU A 1 121 ? 0.673   -8.530  -3.600  1.00 10.60 ? 121 LEU A N     1 
ATOM   840  C CA    . LEU A 1 121 ? 0.333   -7.460  -2.674  1.00 10.66 ? 121 LEU A CA    1 
ATOM   841  C C     . LEU A 1 121 ? -0.516  -6.400  -3.351  1.00 10.89 ? 121 LEU A C     1 
ATOM   842  O O     . LEU A 1 121 ? -0.628  -6.364  -4.588  1.00 10.00 ? 121 LEU A O     1 
ATOM   843  C CB    . LEU A 1 121 ? 1.612   -6.824  -2.077  1.00 10.54 ? 121 LEU A CB    1 
ATOM   844  C CG    . LEU A 1 121 ? 2.725   -6.312  -3.016  1.00 11.41 ? 121 LEU A CG    1 
ATOM   845  C CD1   . LEU A 1 121 ? 2.305   -5.055  -3.753  1.00 13.02 ? 121 LEU A CD1   1 
ATOM   846  C CD2   . LEU A 1 121 ? 4.056   -6.067  -2.270  1.00 10.34 ? 121 LEU A CD2   1 
ATOM   847  N N     . SER A 1 122 ? -1.117  -5.539  -2.531  1.00 10.64 ? 122 SER A N     1 
ATOM   848  C CA    . SER A 1 122 ? -1.808  -4.355  -3.038  1.00 11.17 ? 122 SER A CA    1 
ATOM   849  C C     . SER A 1 122 ? -1.673  -3.179  -2.077  1.00 11.52 ? 122 SER A C     1 
ATOM   850  O O     . SER A 1 122 ? -1.562  -3.362  -0.850  1.00 11.07 ? 122 SER A O     1 
ATOM   851  C CB    . SER A 1 122 ? -3.296  -4.626  -3.337  1.00 10.62 ? 122 SER A CB    1 
ATOM   852  O OG    . SER A 1 122 ? -4.053  -4.756  -2.133  1.00 10.89 ? 122 SER A OG    1 
ATOM   853  N N     . VAL A 1 123 ? -1.695  -1.980  -2.667  1.00 11.60 ? 123 VAL A N     1 
ATOM   854  C CA    . VAL A 1 123 ? -1.723  -0.701  -1.972  1.00 12.47 ? 123 VAL A CA    1 
ATOM   855  C C     . VAL A 1 123 ? -2.812  0.140   -2.637  1.00 12.10 ? 123 VAL A C     1 
ATOM   856  O O     . VAL A 1 123 ? -2.906  0.196   -3.870  1.00 12.47 ? 123 VAL A O     1 
ATOM   857  C CB    . VAL A 1 123 ? -0.378  0.063   -2.095  1.00 12.18 ? 123 VAL A CB    1 
ATOM   858  C CG1   . VAL A 1 123 ? -0.469  1.452   -1.442  1.00 13.30 ? 123 VAL A CG1   1 
ATOM   859  C CG2   . VAL A 1 123 ? 0.757   -0.756  -1.492  1.00 14.79 ? 123 VAL A CG2   1 
ATOM   860  N N     . ARG A 1 124 ? -3.625  0.795   -1.828  1.00 11.62 ? 124 ARG A N     1 
ATOM   861  C CA    . ARG A 1 124 ? -4.763  1.553   -2.344  1.00 12.06 ? 124 ARG A CA    1 
ATOM   862  C C     . ARG A 1 124 ? -4.964  2.758   -1.448  1.00 12.08 ? 124 ARG A C     1 
ATOM   863  O O     . ARG A 1 124 ? -4.843  2.631   -0.235  1.00 11.54 ? 124 ARG A O     1 
ATOM   864  C CB    . ARG A 1 124 ? -6.014  0.656   -2.323  1.00 12.08 ? 124 ARG A CB    1 
ATOM   865  C CG    . ARG A 1 124 ? -7.269  1.330   -2.873  1.00 13.72 ? 124 ARG A CG    1 
ATOM   866  C CD    . ARG A 1 124 ? -8.459  0.381   -2.805  1.00 16.39 ? 124 ARG A CD    1 
ATOM   867  N NE    . ARG A 1 124 ? -9.050  0.311   -1.473  1.00 18.51 ? 124 ARG A NE    1 
ATOM   868  C CZ    . ARG A 1 124 ? -9.985  1.145   -1.020  1.00 19.62 ? 124 ARG A CZ    1 
ATOM   869  N NH1   . ARG A 1 124 ? -10.421 2.150   -1.775  1.00 20.69 ? 124 ARG A NH1   1 
ATOM   870  N NH2   . ARG A 1 124 ? -10.480 0.984   0.195   1.00 18.83 ? 124 ARG A NH2   1 
ATOM   871  N N     . VAL A 1 125 ? -5.254  3.915   -2.038  1.00 12.45 ? 125 VAL A N     1 
ATOM   872  C CA    . VAL A 1 125 ? -5.460  5.154   -1.284  1.00 12.59 ? 125 VAL A CA    1 
ATOM   873  C C     . VAL A 1 125 ? -6.701  5.901   -1.763  1.00 12.96 ? 125 VAL A C     1 
ATOM   874  O O     . VAL A 1 125 ? -7.119  5.751   -2.911  1.00 13.27 ? 125 VAL A O     1 
ATOM   875  C CB    . VAL A 1 125 ? -4.247  6.104   -1.381  1.00 13.44 ? 125 VAL A CB    1 
ATOM   876  C CG1   . VAL A 1 125 ? -2.927  5.346   -1.097  1.00 11.99 ? 125 VAL A CG1   1 
ATOM   877  C CG2   . VAL A 1 125 ? -4.202  6.797   -2.723  1.00 12.94 ? 125 VAL A CG2   1 
ATOM   878  N N     . THR A 1 126 ? -7.325  6.674   -0.883  1.00 13.09 ? 126 THR A N     1 
ATOM   879  C CA    . THR A 1 126 ? -8.395  7.556   -1.323  1.00 13.66 ? 126 THR A CA    1 
ATOM   880  C C     . THR A 1 126 ? -8.147  8.966   -0.803  1.00 14.07 ? 126 THR A C     1 
ATOM   881  O O     . THR A 1 126 ? -7.922  9.163   0.384   1.00 13.58 ? 126 THR A O     1 
ATOM   882  C CB    . THR A 1 126 ? -9.808  7.071   -0.879  1.00 14.09 ? 126 THR A CB    1 
ATOM   883  O OG1   . THR A 1 126 ? -9.884  7.069   0.553   1.00 13.86 ? 126 THR A OG1   1 
ATOM   884  C CG2   . THR A 1 126 ? -10.126 5.670   -1.425  1.00 14.54 ? 126 THR A CG2   1 
ATOM   885  N N     . PRO A 1 127 ? -8.218  9.963   -1.700  1.00 14.61 ? 127 PRO A N     1 
ATOM   886  C CA    . PRO A 1 127 ? -7.969  11.375  -1.367  1.00 14.85 ? 127 PRO A CA    1 
ATOM   887  C C     . PRO A 1 127 ? -9.018  11.948  -0.414  1.00 15.62 ? 127 PRO A C     1 
ATOM   888  O O     . PRO A 1 127 ? -10.200 11.550  -0.470  1.00 15.11 ? 127 PRO A O     1 
ATOM   889  C CB    . PRO A 1 127 ? -8.049  12.094  -2.737  1.00 15.00 ? 127 PRO A CB    1 
ATOM   890  C CG    . PRO A 1 127 ? -7.984  10.969  -3.781  1.00 14.93 ? 127 PRO A CG    1 
ATOM   891  C CD    . PRO A 1 127 ? -8.595  9.769   -3.109  1.00 14.40 ? 127 PRO A CD    1 
ATOM   892  N N     . VAL A 1 128 ? -8.581  12.871  0.448   1.00 16.10 ? 128 VAL A N     1 
ATOM   893  C CA    . VAL A 1 128 ? -9.445  13.531  1.431   1.00 17.70 ? 128 VAL A CA    1 
ATOM   894  C C     . VAL A 1 128 ? -9.143  15.038  1.464   1.00 19.19 ? 128 VAL A C     1 
ATOM   895  O O     . VAL A 1 128 ? -7.985  15.435  1.641   1.00 19.08 ? 128 VAL A O     1 
ATOM   896  C CB    . VAL A 1 128 ? -9.200  13.000  2.873   1.00 17.24 ? 128 VAL A CB    1 
ATOM   897  C CG1   . VAL A 1 128 ? -10.189 13.627  3.866   1.00 17.14 ? 128 VAL A CG1   1 
ATOM   898  C CG2   . VAL A 1 128 ? -9.251  11.461  2.922   1.00 17.60 ? 128 VAL A CG2   1 
ATOM   899  N N     . ILE A 1 129 ? -10.170 15.867  1.302   1.00 20.94 ? 129 ILE A N     1 
ATOM   900  C CA    . ILE A 1 129 ? -9.985  17.309  1.441   1.00 23.25 ? 129 ILE A CA    1 
ATOM   901  C C     . ILE A 1 129 ? -10.069 17.706  2.923   1.00 24.37 ? 129 ILE A C     1 
ATOM   902  O O     . ILE A 1 129 ? -11.115 17.572  3.558   1.00 24.17 ? 129 ILE A O     1 
ATOM   903  C CB    . ILE A 1 129 ? -11.002 18.122  0.600   1.00 23.70 ? 129 ILE A CB    1 
ATOM   904  C CG1   . ILE A 1 129 ? -10.894 17.745  -0.883  1.00 23.77 ? 129 ILE A CG1   1 
ATOM   905  C CG2   . ILE A 1 129 ? -10.787 19.642  0.794   1.00 24.00 ? 129 ILE A CG2   1 
ATOM   906  C CD1   . ILE A 1 129 ? -12.154 18.089  -1.668  1.00 26.35 ? 129 ILE A CD1   1 
ATOM   907  N N     . LEU A 1 130 ? -8.953  18.187  3.459   1.00 26.03 ? 130 LEU A N     1 
ATOM   908  C CA    . LEU A 1 130 ? -8.859  18.527  4.876   1.00 27.85 ? 130 LEU A CA    1 
ATOM   909  C C     . LEU A 1 130 ? -9.348  19.956  5.127   1.00 29.44 ? 130 LEU A C     1 
ATOM   910  O O     . LEU A 1 130 ? -10.013 20.243  6.124   1.00 29.96 ? 130 LEU A O     1 
ATOM   911  C CB    . LEU A 1 130 ? -7.411  18.385  5.338   1.00 27.82 ? 130 LEU A CB    1 
ATOM   912  C CG    . LEU A 1 130 ? -6.694  17.070  5.017   1.00 27.42 ? 130 LEU A CG    1 
ATOM   913  C CD1   . LEU A 1 130 ? -5.199  17.246  5.168   1.00 27.88 ? 130 LEU A CD1   1 
ATOM   914  C CD2   . LEU A 1 130 ? -7.208  15.938  5.912   1.00 28.86 ? 130 LEU A CD2   1 
ATOM   915  N N     . LYS A 1 131 ? -9.009  20.856  4.217   1.00 31.47 ? 131 LYS A N     1 
ATOM   916  C CA    . LYS A 1 131 ? -9.495  22.231  4.305   1.00 33.30 ? 131 LYS A CA    1 
ATOM   917  C C     . LYS A 1 131 ? -9.765  22.753  2.894   1.00 34.55 ? 131 LYS A C     1 
ATOM   918  O O     . LYS A 1 131 ? -8.860  22.793  2.049   1.00 34.70 ? 131 LYS A O     1 
ATOM   919  C CB    . LYS A 1 131 ? -8.489  23.112  5.052   1.00 32.99 ? 131 LYS A CB    1 
ATOM   920  N N     . ARG A 1 132 ? -11.024 23.115  2.633   1.00 36.19 ? 132 ARG A N     1 
ATOM   921  C CA    . ARG A 1 132 ? -11.420 23.633  1.323   1.00 37.49 ? 132 ARG A CA    1 
ATOM   922  C C     . ARG A 1 132 ? -10.791 25.000  1.043   1.00 38.35 ? 132 ARG A C     1 
ATOM   923  O O     . ARG A 1 132 ? -10.734 25.877  1.910   1.00 38.66 ? 132 ARG A O     1 
ATOM   924  C CB    . ARG A 1 132 ? -12.946 23.697  1.193   1.00 37.53 ? 132 ARG A CB    1 
ATOM   925  N N     . ASN A 1 133 ? -10.304 25.153  -0.179  1.00 39.33 ? 133 ASN A N     1 
ATOM   926  C CA    . ASN A 1 133 ? -9.607  26.350  -0.614  1.00 40.20 ? 133 ASN A CA    1 
ATOM   927  C C     . ASN A 1 133 ? -10.591 27.318  -1.282  1.00 40.65 ? 133 ASN A C     1 
ATOM   928  O O     . ASN A 1 133 ? -11.811 27.187  -1.122  1.00 40.85 ? 133 ASN A O     1 
ATOM   929  C CB    . ASN A 1 133 ? -8.528  25.938  -1.617  1.00 40.31 ? 133 ASN A CB    1 
ATOM   930  C CG    . ASN A 1 133 ? -7.285  26.775  -1.510  1.00 41.22 ? 133 ASN A CG    1 
ATOM   931  O OD1   . ASN A 1 133 ? -7.186  27.661  -0.655  1.00 42.47 ? 133 ASN A OD1   1 
ATOM   932  N ND2   . ASN A 1 133 ? -6.313  26.493  -2.369  1.00 41.88 ? 133 ASN A ND2   1 
ATOM   933  N N     . SER A 1 134 ? -10.052 28.283  -2.024  1.00 41.01 ? 134 SER A N     1 
ATOM   934  C CA    . SER A 1 134 ? -10.834 29.132  -2.920  1.00 41.49 ? 134 SER A CA    1 
ATOM   935  C C     . SER A 1 134 ? -10.689 28.660  -4.375  1.00 41.59 ? 134 SER A C     1 
ATOM   936  O O     . SER A 1 134 ? -11.624 28.773  -5.169  1.00 41.89 ? 134 SER A O     1 
ATOM   937  C CB    . SER A 1 134 ? -10.397 30.595  -2.797  1.00 41.51 ? 134 SER A CB    1 
ATOM   938  O OG    . SER A 1 134 ? -10.873 31.172  -1.589  1.00 41.74 ? 134 SER A OG    1 
ATOM   939  N N     . SER A 1 135 ? -9.510  28.141  -4.712  1.00 41.54 ? 135 SER A N     1 
ATOM   940  C CA    . SER A 1 135 ? -9.242  27.553  -6.034  1.00 41.31 ? 135 SER A CA    1 
ATOM   941  C C     . SER A 1 135 ? -10.197 26.418  -6.446  1.00 41.18 ? 135 SER A C     1 
ATOM   942  O O     . SER A 1 135 ? -10.494 26.250  -7.636  1.00 41.63 ? 135 SER A O     1 
ATOM   943  C CB    . SER A 1 135 ? -7.797  27.045  -6.100  1.00 41.28 ? 135 SER A CB    1 
ATOM   944  N N     . ALA A 1 136 ? -10.669 25.638  -5.471  1.00 40.55 ? 136 ALA A N     1 
ATOM   945  C CA    . ALA A 1 136 ? -11.474 24.421  -5.715  1.00 39.82 ? 136 ALA A CA    1 
ATOM   946  C C     . ALA A 1 136 ? -10.906 23.432  -6.759  1.00 39.22 ? 136 ALA A C     1 
ATOM   947  O O     . ALA A 1 136 ? -11.640 22.602  -7.310  1.00 39.32 ? 136 ALA A O     1 
ATOM   948  C CB    . ALA A 1 136 ? -12.960 24.766  -6.002  1.00 39.80 ? 136 ALA A CB    1 
ATOM   949  N N     . ARG A 1 137 ? -9.604  23.537  -7.017  1.00 38.28 ? 137 ARG A N     1 
ATOM   950  C CA    . ARG A 1 137 ? -8.825  22.526  -7.720  1.00 37.37 ? 137 ARG A CA    1 
ATOM   951  C C     . ARG A 1 137 ? -7.599  22.374  -6.812  1.00 36.46 ? 137 ARG A C     1 
ATOM   952  O O     . ARG A 1 137 ? -7.142  23.361  -6.222  1.00 36.86 ? 137 ARG A O     1 
ATOM   953  C CB    . ARG A 1 137 ? -8.428  23.031  -9.114  1.00 37.69 ? 137 ARG A CB    1 
ATOM   954  C CG    . ARG A 1 137 ? -8.209  21.970  -10.194 1.00 37.86 ? 137 ARG A CG    1 
ATOM   955  C CD    . ARG A 1 137 ? -7.510  22.587  -11.418 1.00 39.61 ? 137 ARG A CD    1 
ATOM   956  N NE    . ARG A 1 137 ? -7.647  21.818  -12.662 1.00 40.19 ? 137 ARG A NE    1 
ATOM   957  N N     . TYR A 1 138 ? -7.091  21.154  -6.669  1.00 34.82 ? 138 TYR A N     1 
ATOM   958  C CA    . TYR A 1 138 ? -6.002  20.874  -5.746  1.00 33.56 ? 138 TYR A CA    1 
ATOM   959  C C     . TYR A 1 138 ? -5.042  19.913  -6.404  1.00 32.78 ? 138 TYR A C     1 
ATOM   960  O O     . TYR A 1 138 ? -5.452  18.835  -6.842  1.00 31.97 ? 138 TYR A O     1 
ATOM   961  C CB    . TYR A 1 138 ? -6.522  20.207  -4.466  1.00 33.72 ? 138 TYR A CB    1 
ATOM   962  C CG    . TYR A 1 138 ? -7.645  20.944  -3.766  1.00 34.37 ? 138 TYR A CG    1 
ATOM   963  C CD1   . TYR A 1 138 ? -7.373  21.948  -2.845  1.00 35.31 ? 138 TYR A CD1   1 
ATOM   964  C CD2   . TYR A 1 138 ? -8.973  20.616  -4.008  1.00 34.35 ? 138 TYR A CD2   1 
ATOM   965  C CE1   . TYR A 1 138 ? -8.391  22.613  -2.192  1.00 36.91 ? 138 TYR A CE1   1 
ATOM   966  C CE2   . TYR A 1 138 ? -9.998  21.280  -3.369  1.00 36.77 ? 138 TYR A CE2   1 
ATOM   967  C CZ    . TYR A 1 138 ? -9.704  22.277  -2.460  1.00 37.90 ? 138 TYR A CZ    1 
ATOM   968  O OH    . TYR A 1 138 ? -10.734 22.933  -1.814  1.00 39.77 ? 138 TYR A OH    1 
ATOM   969  N N     . SER A 1 139 ? -3.767  20.289  -6.451  1.00 31.65 ? 139 SER A N     1 
ATOM   970  C CA    . SER A 1 139 ? -2.743  19.428  -7.019  1.00 31.14 ? 139 SER A CA    1 
ATOM   971  C C     . SER A 1 139 ? -1.895  18.798  -5.936  1.00 30.17 ? 139 SER A C     1 
ATOM   972  O O     . SER A 1 139 ? -1.724  19.363  -4.857  1.00 30.45 ? 139 SER A O     1 
ATOM   973  C CB    . SER A 1 139 ? -1.832  20.204  -7.967  1.00 30.99 ? 139 SER A CB    1 
ATOM   974  O OG    . SER A 1 139 ? -2.484  20.433  -9.195  1.00 32.75 ? 139 SER A OG    1 
ATOM   975  N N     . VAL A 1 140 ? -1.358  17.629  -6.251  1.00 28.83 ? 140 VAL A N     1 
ATOM   976  C CA    . VAL A 1 140 ? -0.480  16.901  -5.364  1.00 27.91 ? 140 VAL A CA    1 
ATOM   977  C C     . VAL A 1 140 ? 0.663   16.403  -6.232  1.00 27.36 ? 140 VAL A C     1 
ATOM   978  O O     . VAL A 1 140 ? 0.422   15.930  -7.345  1.00 26.54 ? 140 VAL A O     1 
ATOM   979  C CB    . VAL A 1 140 ? -1.249  15.714  -4.710  1.00 28.04 ? 140 VAL A CB    1 
ATOM   980  C CG1   . VAL A 1 140 ? -0.339  14.568  -4.395  1.00 28.22 ? 140 VAL A CG1   1 
ATOM   981  C CG2   . VAL A 1 140 ? -2.006  16.172  -3.452  1.00 27.90 ? 140 VAL A CG2   1 
ATOM   982  N N     . GLN A 1 141 ? 1.905   16.532  -5.756  1.00 26.77 ? 141 GLN A N     1 
ATOM   983  C CA    . GLN A 1 141 ? 3.053   16.019  -6.511  1.00 26.09 ? 141 GLN A CA    1 
ATOM   984  C C     . GLN A 1 141 ? 3.435   14.623  -6.064  1.00 25.40 ? 141 GLN A C     1 
ATOM   985  O O     . GLN A 1 141 ? 2.938   14.129  -5.044  1.00 25.49 ? 141 GLN A O     1 
ATOM   986  C CB    . GLN A 1 141 ? 4.284   16.935  -6.391  1.00 26.85 ? 141 GLN A CB    1 
ATOM   987  C CG    . GLN A 1 141 ? 4.068   18.376  -6.812  1.00 27.22 ? 141 GLN A CG    1 
ATOM   988  C CD    . GLN A 1 141 ? 3.417   18.525  -8.176  1.00 28.09 ? 141 GLN A CD    1 
ATOM   989  O OE1   . GLN A 1 141 ? 2.408   19.224  -8.311  1.00 29.75 ? 141 GLN A OE1   1 
ATOM   990  N NE2   . GLN A 1 141 ? 3.986   17.876  -9.197  1.00 29.97 ? 141 GLN A NE2   1 
ATOM   991  N N     . LYS A 1 142 ? 4.319   14.002  -6.844  1.00 24.54 ? 142 LYS A N     1 
ATOM   992  C CA    . LYS A 1 142 ? 4.859   12.675  -6.554  1.00 23.82 ? 142 LYS A CA    1 
ATOM   993  C C     . LYS A 1 142 ? 5.490   12.623  -5.165  1.00 23.01 ? 142 LYS A C     1 
ATOM   994  O O     . LYS A 1 142 ? 6.404   13.388  -4.867  1.00 23.33 ? 142 LYS A O     1 
ATOM   995  C CB    . LYS A 1 142 ? 5.889   12.286  -7.600  1.00 23.91 ? 142 LYS A CB    1 
ATOM   996  C CG    . LYS A 1 142 ? 6.162   10.815  -7.650  1.00 24.66 ? 142 LYS A CG    1 
ATOM   997  C CD    . LYS A 1 142 ? 6.669   10.416  -9.017  1.00 27.77 ? 142 LYS A CD    1 
ATOM   998  C CE    . LYS A 1 142 ? 7.018   8.946   -9.052  1.00 29.07 ? 142 LYS A CE    1 
ATOM   999  N NZ    . LYS A 1 142 ? 5.928   8.168   -8.425  1.00 32.64 ? 142 LYS A NZ    1 
ATOM   1000 N N     . THR A 1 143 ? 4.996   11.718  -4.326  1.00 21.70 ? 143 THR A N     1 
ATOM   1001 C CA    . THR A 1 143 ? 5.374   11.658  -2.917  1.00 20.40 ? 143 THR A CA    1 
ATOM   1002 C C     . THR A 1 143 ? 5.553   10.202  -2.530  1.00 19.60 ? 143 THR A C     1 
ATOM   1003 O O     . THR A 1 143 ? 4.771   9.356   -2.950  1.00 19.33 ? 143 THR A O     1 
ATOM   1004 C CB    . THR A 1 143 ? 4.253   12.230  -2.023  1.00 20.76 ? 143 THR A CB    1 
ATOM   1005 O OG1   . THR A 1 143 ? 3.801   13.486  -2.547  1.00 21.22 ? 143 THR A OG1   1 
ATOM   1006 C CG2   . THR A 1 143 ? 4.730   12.425  -0.583  1.00 20.67 ? 143 THR A CG2   1 
ATOM   1007 N N     . SER A 1 144 ? 6.578   9.898   -1.738  1.00 18.12 ? 144 SER A N     1 
ATOM   1008 C CA    . SER A 1 144 ? 6.725   8.551   -1.207  1.00 16.68 ? 144 SER A CA    1 
ATOM   1009 C C     . SER A 1 144 ? 5.629   8.280   -0.169  1.00 15.33 ? 144 SER A C     1 
ATOM   1010 O O     . SER A 1 144 ? 5.314   9.134   0.673   1.00 13.84 ? 144 SER A O     1 
ATOM   1011 C CB    . SER A 1 144 ? 8.108   8.361   -0.576  1.00 17.57 ? 144 SER A CB    1 
ATOM   1012 O OG    . SER A 1 144 ? 8.160   7.141   0.143   1.00 18.90 ? 144 SER A OG    1 
ATOM   1013 N N     . ILE A 1 145 ? 5.050   7.086   -0.247  1.00 13.69 ? 145 ILE A N     1 
ATOM   1014 C CA    . ILE A 1 145 ? 4.049   6.629   0.722   1.00 12.91 ? 145 ILE A CA    1 
ATOM   1015 C C     . ILE A 1 145 ? 4.637   5.788   1.868   1.00 12.36 ? 145 ILE A C     1 
ATOM   1016 O O     . ILE A 1 145 ? 4.355   6.038   3.043   1.00 12.37 ? 145 ILE A O     1 
ATOM   1017 C CB    . ILE A 1 145 ? 2.956   5.782   0.003   1.00 12.58 ? 145 ILE A CB    1 
ATOM   1018 C CG1   . ILE A 1 145 ? 2.198   6.644   -1.015  1.00 12.66 ? 145 ILE A CG1   1 
ATOM   1019 C CG2   . ILE A 1 145 ? 2.021   5.133   1.035   1.00 13.65 ? 145 ILE A CG2   1 
ATOM   1020 C CD1   . ILE A 1 145 ? 1.421   5.844   -2.106  1.00 14.20 ? 145 ILE A CD1   1 
ATOM   1021 N N     . GLY A 1 146 ? 5.449   4.789   1.524   1.00 11.93 ? 146 GLY A N     1 
ATOM   1022 C CA    . GLY A 1 146 ? 5.989   3.862   2.504   1.00 11.39 ? 146 GLY A CA    1 
ATOM   1023 C C     . GLY A 1 146 ? 6.415   2.586   1.809   1.00 11.81 ? 146 GLY A C     1 
ATOM   1024 O O     . GLY A 1 146 ? 6.859   2.628   0.649   1.00 11.48 ? 146 GLY A O     1 
ATOM   1025 N N     . SER A 1 147 ? 6.251   1.453   2.498   1.00 11.38 ? 147 SER A N     1 
ATOM   1026 C CA    . SER A 1 147 ? 6.799   0.164   2.050   1.00 11.43 ? 147 SER A CA    1 
ATOM   1027 C C     . SER A 1 147 ? 6.004   -1.033  2.539   1.00 10.67 ? 147 SER A C     1 
ATOM   1028 O O     . SER A 1 147 ? 5.179   -0.908  3.448   1.00 10.06 ? 147 SER A O     1 
ATOM   1029 C CB    . SER A 1 147 ? 8.231   -0.010  2.562   1.00 11.48 ? 147 SER A CB    1 
ATOM   1030 O OG    . SER A 1 147 ? 9.045   1.103   2.234   1.00 14.12 ? 147 SER A OG    1 
ATOM   1031 N N     . ILE A 1 148 ? 6.272   -2.182  1.919   1.00 10.24 ? 148 ILE A N     1 
ATOM   1032 C CA    . ILE A 1 148 ? 5.725   -3.482  2.317   1.00 10.86 ? 148 ILE A CA    1 
ATOM   1033 C C     . ILE A 1 148 ? 6.860   -4.495  2.303   1.00 11.48 ? 148 ILE A C     1 
ATOM   1034 O O     . ILE A 1 148 ? 7.664   -4.534  1.362   1.00 12.10 ? 148 ILE A O     1 
ATOM   1035 C CB    . ILE A 1 148 ? 4.577   -3.961  1.354   1.00 10.08 ? 148 ILE A CB    1 
ATOM   1036 C CG1   . ILE A 1 148 ? 3.308   -3.144  1.585   1.00 10.67 ? 148 ILE A CG1   1 
ATOM   1037 C CG2   . ILE A 1 148 ? 4.258   -5.444  1.540   1.00 10.90 ? 148 ILE A CG2   1 
ATOM   1038 C CD1   . ILE A 1 148 ? 2.185   -3.481  0.625   1.00 10.20 ? 148 ILE A CD1   1 
ATOM   1039 N N     . ARG A 1 149 ? 6.938   -5.305  3.351   1.00 12.43 ? 149 ARG A N     1 
ATOM   1040 C CA    . ARG A 1 149 ? 7.913   -6.396  3.414   1.00 12.18 ? 149 ARG A CA    1 
ATOM   1041 C C     . ARG A 1 149 ? 7.173   -7.722  3.593   1.00 12.78 ? 149 ARG A C     1 
ATOM   1042 O O     . ARG A 1 149 ? 6.081   -7.764  4.188   1.00 13.38 ? 149 ARG A O     1 
ATOM   1043 C CB    . ARG A 1 149 ? 8.933   -6.180  4.547   1.00 12.64 ? 149 ARG A CB    1 
ATOM   1044 C CG    . ARG A 1 149 ? 8.357   -6.252  5.981   1.00 12.67 ? 149 ARG A CG    1 
ATOM   1045 C CD    . ARG A 1 149 ? 9.407   -5.866  7.067   1.00 12.36 ? 149 ARG A CD    1 
ATOM   1046 N NE    . ARG A 1 149 ? 8.798   -5.957  8.393   1.00 14.59 ? 149 ARG A NE    1 
ATOM   1047 C CZ    . ARG A 1 149 ? 9.330   -5.473  9.514   1.00 15.54 ? 149 ARG A CZ    1 
ATOM   1048 N NH1   . ARG A 1 149 ? 10.515  -4.881  9.494   1.00 15.50 ? 149 ARG A NH1   1 
ATOM   1049 N NH2   . ARG A 1 149 ? 8.686   -5.610  10.660  1.00 15.84 ? 149 ARG A NH2   1 
ATOM   1050 N N     . MET A 1 150 ? 7.733   -8.791  3.036   1.00 11.96 ? 150 MET A N     1 
ATOM   1051 C CA    . MET A 1 150 ? 7.245   -10.129 3.308   1.00 12.41 ? 150 MET A CA    1 
ATOM   1052 C C     . MET A 1 150 ? 7.693   -10.537 4.702   1.00 12.30 ? 150 MET A C     1 
ATOM   1053 O O     . MET A 1 150 ? 8.776   -10.096 5.162   1.00 11.63 ? 150 MET A O     1 
ATOM   1054 C CB    . MET A 1 150 ? 7.787   -11.134 2.277   1.00 12.53 ? 150 MET A CB    1 
ATOM   1055 C CG    . MET A 1 150 ? 9.334   -11.356 2.303   1.00 14.68 ? 150 MET A CG    1 
ATOM   1056 S SD    . MET A 1 150 ? 9.811   -12.952 1.593   1.00 16.63 ? 150 MET A SD    1 
ATOM   1057 C CE    . MET A 1 150 ? 11.593  -12.762 1.345   1.00 17.41 ? 150 MET A CE    1 
ATOM   1058 N N     . ARG A 1 151 ? 6.859   -11.354 5.360   1.00 11.60 ? 151 ARG A N     1 
ATOM   1059 C CA    A ARG A 1 151 ? 7.134   -11.882 6.687   0.50 11.89 ? 151 ARG A CA    1 
ATOM   1060 C CA    B ARG A 1 151 ? 7.166   -11.911 6.690   0.50 11.82 ? 151 ARG A CA    1 
ATOM   1061 C C     . ARG A 1 151 ? 7.042   -13.414 6.656   1.00 11.88 ? 151 ARG A C     1 
ATOM   1062 O O     . ARG A 1 151 ? 5.946   -13.952 6.791   1.00 12.22 ? 151 ARG A O     1 
ATOM   1063 C CB    A ARG A 1 151 ? 6.098   -11.310 7.678   0.50 12.02 ? 151 ARG A CB    1 
ATOM   1064 C CB    B ARG A 1 151 ? 6.207   -11.414 7.786   0.50 12.02 ? 151 ARG A CB    1 
ATOM   1065 C CG    A ARG A 1 151 ? 6.346   -11.663 9.143   0.50 12.45 ? 151 ARG A CG    1 
ATOM   1066 C CG    B ARG A 1 151 ? 6.393   -12.169 9.147   0.50 11.87 ? 151 ARG A CG    1 
ATOM   1067 C CD    A ARG A 1 151 ? 5.459   -10.871 10.095  0.50 12.55 ? 151 ARG A CD    1 
ATOM   1068 C CD    B ARG A 1 151 ? 5.053   -12.294 9.874   0.50 11.46 ? 151 ARG A CD    1 
ATOM   1069 N NE    A ARG A 1 151 ? 4.086   -10.742 9.622   0.50 17.12 ? 151 ARG A NE    1 
ATOM   1070 N NE    B ARG A 1 151 ? 4.292   -11.142 9.475   0.50 12.89 ? 151 ARG A NE    1 
ATOM   1071 C CZ    A ARG A 1 151 ? 3.255   -11.762 9.488   0.50 14.20 ? 151 ARG A CZ    1 
ATOM   1072 C CZ    B ARG A 1 151 ? 3.014   -11.117 9.113   0.50 10.34 ? 151 ARG A CZ    1 
ATOM   1073 N NH1   A ARG A 1 151 ? 3.683   -12.966 9.785   0.50 13.33 ? 151 ARG A NH1   1 
ATOM   1074 N NH1   B ARG A 1 151 ? 2.253   -12.209 9.115   0.50 11.27 ? 151 ARG A NH1   1 
ATOM   1075 N NH2   A ARG A 1 151 ? 2.011   -11.578 9.044   0.50 14.76 ? 151 ARG A NH2   1 
ATOM   1076 N NH2   B ARG A 1 151 ? 2.509   -9.959  8.743   0.50 5.69  ? 151 ARG A NH2   1 
ATOM   1077 N N     . PRO A 1 152 ? 8.176   -14.108 6.468   1.00 11.99 ? 152 PRO A N     1 
ATOM   1078 C CA    . PRO A 1 152 ? 8.200   -15.568 6.559   1.00 12.09 ? 152 PRO A CA    1 
ATOM   1079 C C     . PRO A 1 152 ? 7.736   -15.993 7.953   1.00 12.36 ? 152 PRO A C     1 
ATOM   1080 O O     . PRO A 1 152 ? 7.930   -15.239 8.929   1.00 11.38 ? 152 PRO A O     1 
ATOM   1081 C CB    . PRO A 1 152 ? 9.697   -15.908 6.395   1.00 11.79 ? 152 PRO A CB    1 
ATOM   1082 C CG    . PRO A 1 152 ? 10.275  -14.766 5.636   1.00 12.53 ? 152 PRO A CG    1 
ATOM   1083 C CD    . PRO A 1 152 ? 9.504   -13.551 6.125   1.00 12.51 ? 152 PRO A CD    1 
ATOM   1084 N N     . TYR A 1 153 ? 7.129   -17.170 8.059   1.00 12.46 ? 153 TYR A N     1 
ATOM   1085 C CA    . TYR A 1 153 ? 6.811   -17.705 9.369   1.00 12.67 ? 153 TYR A CA    1 
ATOM   1086 C C     . TYR A 1 153 ? 6.933   -19.237 9.411   1.00 13.62 ? 153 TYR A C     1 
ATOM   1087 O O     . TYR A 1 153 ? 7.398   -19.855 8.449   1.00 13.46 ? 153 TYR A O     1 
ATOM   1088 C CB    . TYR A 1 153 ? 5.447   -17.172 9.896   1.00 12.75 ? 153 TYR A CB    1 
ATOM   1089 C CG    . TYR A 1 153 ? 4.176   -17.610 9.163   1.00 12.41 ? 153 TYR A CG    1 
ATOM   1090 C CD1   . TYR A 1 153 ? 3.400   -18.665 9.639   1.00 14.86 ? 153 TYR A CD1   1 
ATOM   1091 C CD2   . TYR A 1 153 ? 3.717   -16.926 8.046   1.00 12.94 ? 153 TYR A CD2   1 
ATOM   1092 C CE1   . TYR A 1 153 ? 2.232   -19.048 8.994   1.00 14.04 ? 153 TYR A CE1   1 
ATOM   1093 C CE2   . TYR A 1 153 ? 2.556   -17.295 7.404   1.00 12.88 ? 153 TYR A CE2   1 
ATOM   1094 C CZ    . TYR A 1 153 ? 1.817   -18.350 7.879   1.00 14.22 ? 153 TYR A CZ    1 
ATOM   1095 O OH    . TYR A 1 153 ? 0.670   -18.716 7.217   1.00 13.11 ? 153 TYR A OH    1 
ATOM   1096 N N     . ASN A 1 154 ? 6.573   -19.832 10.548  1.00 13.89 ? 154 ASN A N     1 
ATOM   1097 C CA    . ASN A 1 154 ? 6.642   -21.281 10.717  1.00 15.12 ? 154 ASN A CA    1 
ATOM   1098 C C     . ASN A 1 154 ? 8.081   -21.794 10.565  1.00 14.50 ? 154 ASN A C     1 
ATOM   1099 O O     . ASN A 1 154 ? 8.307   -22.955 10.204  1.00 15.28 ? 154 ASN A O     1 
ATOM   1100 C CB    . ASN A 1 154 ? 5.694   -21.965 9.719   1.00 15.04 ? 154 ASN A CB    1 
ATOM   1101 C CG    . ASN A 1 154 ? 5.470   -23.439 10.029  1.00 17.72 ? 154 ASN A CG    1 
ATOM   1102 O OD1   . ASN A 1 154 ? 5.083   -23.784 11.129  1.00 19.98 ? 154 ASN A OD1   1 
ATOM   1103 N ND2   . ASN A 1 154 ? 5.704   -24.310 9.041   1.00 18.86 ? 154 ASN A ND2   1 
ATOM   1104 N N     . GLY A 1 155 ? 9.054   -20.923 10.816  1.00 13.89 ? 155 GLY A N     1 
ATOM   1105 C CA    . GLY A 1 155 ? 10.460  -21.294 10.621  1.00 13.41 ? 155 GLY A CA    1 
ATOM   1106 C C     . GLY A 1 155 ? 11.044  -21.080 9.229   1.00 13.41 ? 155 GLY A C     1 
ATOM   1107 O O     . GLY A 1 155 ? 12.227  -21.379 8.991   1.00 12.81 ? 155 GLY A O     1 
ATOM   1108 N N     . SER A 1 156 ? 10.230  -20.590 8.297   1.00 12.98 ? 156 SER A N     1 
ATOM   1109 C CA    . SER A 1 156 ? 10.743  -20.239 6.970   1.00 12.54 ? 156 SER A CA    1 
ATOM   1110 C C     . SER A 1 156 ? 11.760  -19.105 7.101   1.00 12.77 ? 156 SER A C     1 
ATOM   1111 O O     . SER A 1 156 ? 11.737  -18.361 8.077   1.00 11.07 ? 156 SER A O     1 
ATOM   1112 C CB    . SER A 1 156 ? 9.609   -19.854 6.011   1.00 12.63 ? 156 SER A CB    1 
ATOM   1113 O OG    . SER A 1 156 ? 8.786   -20.968 5.722   1.00 12.47 ? 156 SER A OG    1 
ATOM   1114 N N     . SER A 1 157 ? 12.668  -19.013 6.135   1.00 13.26 ? 157 SER A N     1 
ATOM   1115 C CA    . SER A 1 157 ? 13.703  -17.990 6.133   1.00 14.92 ? 157 SER A CA    1 
ATOM   1116 C C     . SER A 1 157 ? 13.786  -17.306 4.786   1.00 15.05 ? 157 SER A C     1 
ATOM   1117 O O     . SER A 1 157 ? 13.709  -17.963 3.739   1.00 14.96 ? 157 SER A O     1 
ATOM   1118 C CB    . SER A 1 157 ? 15.076  -18.588 6.420   1.00 15.30 ? 157 SER A CB    1 
ATOM   1119 O OG    . SER A 1 157 ? 16.067  -17.562 6.398   1.00 17.55 ? 157 SER A OG    1 
ATOM   1120 N N     . ALA A 1 158 ? 13.983  -15.996 4.840   1.00 15.31 ? 158 ALA A N     1 
ATOM   1121 C CA    . ALA A 1 158 ? 14.251  -15.163 3.674   1.00 15.81 ? 158 ALA A CA    1 
ATOM   1122 C C     . ALA A 1 158 ? 15.668  -15.333 3.121   1.00 15.80 ? 158 ALA A C     1 
ATOM   1123 O O     . ALA A 1 158 ? 15.958  -14.893 1.998   1.00 16.13 ? 158 ALA A O     1 
ATOM   1124 C CB    . ALA A 1 158 ? 14.029  -13.703 4.036   1.00 15.56 ? 158 ALA A CB    1 
ATOM   1125 N N     . GLY A 1 159 ? 16.573  -15.931 3.897   1.00 15.45 ? 159 GLY A N     1 
ATOM   1126 C CA    . GLY A 1 159 ? 17.971  -15.991 3.465   1.00 14.72 ? 159 GLY A CA    1 
ATOM   1127 C C     . GLY A 1 159 ? 18.453  -14.580 3.166   1.00 14.64 ? 159 GLY A C     1 
ATOM   1128 O O     . GLY A 1 159 ? 18.252  -13.682 3.957   1.00 15.00 ? 159 GLY A O     1 
ATOM   1129 N N     . SER A 1 160 ? 19.052  -14.351 2.011   1.00 14.62 ? 160 SER A N     1 
ATOM   1130 C CA    . SER A 1 160 ? 19.379  -12.985 1.651   1.00 15.06 ? 160 SER A CA    1 
ATOM   1131 C C     . SER A 1 160 ? 18.454  -12.494 0.537   1.00 14.68 ? 160 SER A C     1 
ATOM   1132 O O     . SER A 1 160 ? 18.785  -11.551 -0.180  1.00 15.48 ? 160 SER A O     1 
ATOM   1133 C CB    . SER A 1 160 ? 20.843  -12.851 1.224   1.00 15.43 ? 160 SER A CB    1 
ATOM   1134 O OG    . SER A 1 160 ? 21.100  -13.688 0.116   1.00 17.24 ? 160 SER A OG    1 
ATOM   1135 N N     . VAL A 1 161 ? 17.302  -13.131 0.380   1.00 13.72 ? 161 VAL A N     1 
ATOM   1136 C CA    . VAL A 1 161 ? 16.354  -12.652 -0.619  1.00 13.00 ? 161 VAL A CA    1 
ATOM   1137 C C     . VAL A 1 161 ? 15.839  -11.264 -0.213  1.00 12.55 ? 161 VAL A C     1 
ATOM   1138 O O     . VAL A 1 161 ? 15.596  -11.006 0.955   1.00 11.68 ? 161 VAL A O     1 
ATOM   1139 C CB    . VAL A 1 161 ? 15.216  -13.682 -0.864  1.00 13.10 ? 161 VAL A CB    1 
ATOM   1140 C CG1   . VAL A 1 161 ? 14.106  -13.129 -1.783  1.00 11.82 ? 161 VAL A CG1   1 
ATOM   1141 C CG2   . VAL A 1 161 ? 15.795  -14.944 -1.463  1.00 13.59 ? 161 VAL A CG2   1 
ATOM   1142 N N     . GLN A 1 162 ? 15.694  -10.368 -1.184  1.00 12.87 ? 162 GLN A N     1 
ATOM   1143 C CA    . GLN A 1 162 ? 15.117  -9.052  -0.942  1.00 12.86 ? 162 GLN A CA    1 
ATOM   1144 C C     . GLN A 1 162 ? 13.724  -9.186  -0.304  1.00 13.00 ? 162 GLN A C     1 
ATOM   1145 O O     . GLN A 1 162 ? 12.852  -9.902  -0.824  1.00 12.17 ? 162 GLN A O     1 
ATOM   1146 C CB    . GLN A 1 162 ? 15.004  -8.270  -2.268  1.00 13.35 ? 162 GLN A CB    1 
ATOM   1147 C CG    . GLN A 1 162 ? 14.283  -6.944  -2.123  1.00 14.28 ? 162 GLN A CG    1 
ATOM   1148 C CD    . GLN A 1 162 ? 14.386  -6.078  -3.361  1.00 17.47 ? 162 GLN A CD    1 
ATOM   1149 O OE1   . GLN A 1 162 ? 15.307  -6.243  -4.168  1.00 16.55 ? 162 GLN A OE1   1 
ATOM   1150 N NE2   . GLN A 1 162 ? 13.445  -5.142  -3.522  1.00 17.63 ? 162 GLN A NE2   1 
ATOM   1151 N N     . THR A 1 163 ? 13.517  -8.495  0.817   1.00 12.55 ? 163 THR A N     1 
ATOM   1152 C CA    . THR A 1 163 ? 12.274  -8.625  1.569   1.00 12.88 ? 163 THR A CA    1 
ATOM   1153 C C     . THR A 1 163 ? 11.311  -7.474  1.334   1.00 12.39 ? 163 THR A C     1 
ATOM   1154 O O     . THR A 1 163 ? 10.116  -7.623  1.582   1.00 12.69 ? 163 THR A O     1 
ATOM   1155 C CB    . THR A 1 163 ? 12.569  -8.620  3.085   1.00 12.60 ? 163 THR A CB    1 
ATOM   1156 O OG1   . THR A 1 163 ? 13.087  -7.330  3.433   1.00 14.70 ? 163 THR A OG1   1 
ATOM   1157 C CG2   . THR A 1 163 ? 13.606  -9.682  3.433   1.00 13.51 ? 163 THR A CG2   1 
ATOM   1158 N N     . THR A 1 164 ? 11.824  -6.327  0.877   1.00 12.29 ? 164 THR A N     1 
ATOM   1159 C CA    . THR A 1 164 ? 11.062  -5.069  0.910   1.00 12.72 ? 164 THR A CA    1 
ATOM   1160 C C     . THR A 1 164 ? 10.901  -4.366  -0.444  1.00 13.30 ? 164 THR A C     1 
ATOM   1161 O O     . THR A 1 164 ? 11.845  -4.325  -1.246  1.00 13.66 ? 164 THR A O     1 
ATOM   1162 C CB    . THR A 1 164 ? 11.712  -4.047  1.887   1.00 12.31 ? 164 THR A CB    1 
ATOM   1163 O OG1   . THR A 1 164 ? 11.912  -4.667  3.159   1.00 12.67 ? 164 THR A OG1   1 
ATOM   1164 C CG2   . THR A 1 164 ? 10.824  -2.830  2.078   1.00 11.08 ? 164 THR A CG2   1 
ATOM   1165 N N     . VAL A 1 165 ? 9.713   -3.799  -0.667  1.00 13.31 ? 165 VAL A N     1 
ATOM   1166 C CA    . VAL A 1 165 ? 9.425   -2.980  -1.852  1.00 13.59 ? 165 VAL A CA    1 
ATOM   1167 C C     . VAL A 1 165 ? 8.774   -1.671  -1.421  1.00 13.84 ? 165 VAL A C     1 
ATOM   1168 O O     . VAL A 1 165 ? 8.138   -1.618  -0.359  1.00 14.31 ? 165 VAL A O     1 
ATOM   1169 C CB    . VAL A 1 165 ? 8.497   -3.701  -2.870  1.00 13.64 ? 165 VAL A CB    1 
ATOM   1170 C CG1   . VAL A 1 165 ? 9.128   -5.009  -3.336  1.00 12.76 ? 165 VAL A CG1   1 
ATOM   1171 C CG2   . VAL A 1 165 ? 7.079   -3.918  -2.292  1.00 13.59 ? 165 VAL A CG2   1 
ATOM   1172 N N     . ASN A 1 166 ? 8.936   -0.624  -2.237  1.00 13.56 ? 166 ASN A N     1 
ATOM   1173 C CA    . ASN A 1 166 ? 8.521   0.728   -1.882  1.00 13.78 ? 166 ASN A CA    1 
ATOM   1174 C C     . ASN A 1 166 ? 7.451   1.270   -2.823  1.00 13.64 ? 166 ASN A C     1 
ATOM   1175 O O     . ASN A 1 166 ? 7.327   0.814   -3.974  1.00 13.40 ? 166 ASN A O     1 
ATOM   1176 C CB    . ASN A 1 166 ? 9.730   1.670   -1.880  1.00 13.98 ? 166 ASN A CB    1 
ATOM   1177 C CG    . ASN A 1 166 ? 10.903  1.097   -1.123  1.00 16.51 ? 166 ASN A CG    1 
ATOM   1178 O OD1   . ASN A 1 166 ? 10.768  0.694   0.047   1.00 16.31 ? 166 ASN A OD1   1 
ATOM   1179 N ND2   . ASN A 1 166 ? 12.069  1.029   -1.787  1.00 16.50 ? 166 ASN A ND2   1 
ATOM   1180 N N     . PHE A 1 167 ? 6.686   2.241   -2.331  1.00 13.49 ? 167 PHE A N     1 
ATOM   1181 C CA    . PHE A 1 167 ? 5.587   2.838   -3.102  1.00 13.32 ? 167 PHE A CA    1 
ATOM   1182 C C     . PHE A 1 167 ? 5.636   4.353   -3.095  1.00 13.56 ? 167 PHE A C     1 
ATOM   1183 O O     . PHE A 1 167 ? 5.916   4.998   -2.061  1.00 13.52 ? 167 PHE A O     1 
ATOM   1184 C CB    . PHE A 1 167 ? 4.197   2.314   -2.641  1.00 12.53 ? 167 PHE A CB    1 
ATOM   1185 C CG    . PHE A 1 167 ? 4.117   0.803   -2.592  1.00 13.24 ? 167 PHE A CG    1 
ATOM   1186 C CD1   . PHE A 1 167 ? 3.685   0.078   -3.694  1.00 11.27 ? 167 PHE A CD1   1 
ATOM   1187 C CD2   . PHE A 1 167 ? 4.529   0.112   -1.450  1.00 11.73 ? 167 PHE A CD2   1 
ATOM   1188 C CE1   . PHE A 1 167 ? 3.643   -1.309  -3.665  1.00 12.77 ? 167 PHE A CE1   1 
ATOM   1189 C CE2   . PHE A 1 167 ? 4.525   -1.262  -1.411  1.00 11.21 ? 167 PHE A CE2   1 
ATOM   1190 C CZ    . PHE A 1 167 ? 4.066   -1.993  -2.532  1.00 12.91 ? 167 PHE A CZ    1 
ATOM   1191 N N     . SER A 1 168 ? 5.381   4.900   -4.281  1.00 13.33 ? 168 SER A N     1 
ATOM   1192 C CA    A SER A 1 168 ? 5.289   6.335   -4.478  0.50 13.54 ? 168 SER A CA    1 
ATOM   1193 C CA    B SER A 1 168 ? 5.297   6.334   -4.489  0.50 13.30 ? 168 SER A CA    1 
ATOM   1194 C C     . SER A 1 168 ? 3.936   6.707   -5.066  1.00 13.58 ? 168 SER A C     1 
ATOM   1195 O O     . SER A 1 168 ? 3.460   6.074   -6.016  1.00 13.47 ? 168 SER A O     1 
ATOM   1196 C CB    A SER A 1 168 ? 6.405   6.825   -5.406  0.50 13.74 ? 168 SER A CB    1 
ATOM   1197 C CB    B SER A 1 168 ? 6.393   6.795   -5.453  0.50 13.44 ? 168 SER A CB    1 
ATOM   1198 O OG    A SER A 1 168 ? 7.659   6.788   -4.745  0.50 14.41 ? 168 SER A OG    1 
ATOM   1199 O OG    B SER A 1 168 ? 6.339   8.196   -5.644  0.50 12.69 ? 168 SER A OG    1 
ATOM   1200 N N     . LEU A 1 169 ? 3.319   7.733   -4.502  1.00 13.29 ? 169 LEU A N     1 
ATOM   1201 C CA    . LEU A 1 169 ? 2.075   8.246   -5.054  1.00 14.41 ? 169 LEU A CA    1 
ATOM   1202 C C     . LEU A 1 169 ? 2.369   9.057   -6.321  1.00 14.63 ? 169 LEU A C     1 
ATOM   1203 O O     . LEU A 1 169 ? 3.136   10.022  -6.263  1.00 15.15 ? 169 LEU A O     1 
ATOM   1204 C CB    . LEU A 1 169 ? 1.421   9.168   -4.045  1.00 14.06 ? 169 LEU A CB    1 
ATOM   1205 C CG    . LEU A 1 169 ? 0.067   9.777   -4.391  1.00 14.87 ? 169 LEU A CG    1 
ATOM   1206 C CD1   . LEU A 1 169 ? -1.063  8.718   -4.254  1.00 13.04 ? 169 LEU A CD1   1 
ATOM   1207 C CD2   . LEU A 1 169 ? -0.180  10.995  -3.494  1.00 13.26 ? 169 LEU A CD2   1 
ATOM   1208 N N     . ASN A 1 170 ? 1.777   8.674   -7.457  1.00 14.93 ? 170 ASN A N     1 
ATOM   1209 C CA    . ASN A 1 170 ? 1.856   9.512   -8.678  1.00 14.61 ? 170 ASN A CA    1 
ATOM   1210 C C     . ASN A 1 170 ? 1.132   10.837  -8.468  1.00 14.34 ? 170 ASN A C     1 
ATOM   1211 O O     . ASN A 1 170 ? 0.218   10.913  -7.651  1.00 13.54 ? 170 ASN A O     1 
ATOM   1212 C CB    . ASN A 1 170 ? 1.320   8.770   -9.907  1.00 14.44 ? 170 ASN A CB    1 
ATOM   1213 C CG    . ASN A 1 170 ? 2.434   8.137   -10.734 1.00 14.77 ? 170 ASN A CG    1 
ATOM   1214 O OD1   . ASN A 1 170 ? 3.594   8.473   -10.555 1.00 15.29 ? 170 ASN A OD1   1 
ATOM   1215 N ND2   . ASN A 1 170 ? 2.085   7.226   -11.637 1.00 10.81 ? 170 ASN A ND2   1 
ATOM   1216 N N     . PRO A 1 171 ? 1.547   11.903  -9.181  1.00 14.80 ? 171 PRO A N     1 
ATOM   1217 C CA    . PRO A 1 171 ? 0.881   13.168  -8.899  1.00 15.02 ? 171 PRO A CA    1 
ATOM   1218 C C     . PRO A 1 171 ? -0.561  13.085  -9.400  1.00 15.22 ? 171 PRO A C     1 
ATOM   1219 O O     . PRO A 1 171 ? -0.828  12.343  -10.348 1.00 15.08 ? 171 PRO A O     1 
ATOM   1220 C CB    . PRO A 1 171 ? 1.685   14.179  -9.725  1.00 14.85 ? 171 PRO A CB    1 
ATOM   1221 C CG    . PRO A 1 171 ? 2.233   13.390  -10.845 1.00 15.22 ? 171 PRO A CG    1 
ATOM   1222 C CD    . PRO A 1 171 ? 2.455   11.995  -10.342 1.00 14.44 ? 171 PRO A CD    1 
ATOM   1223 N N     . PHE A 1 172 ? -1.477  13.821  -8.771  1.00 15.86 ? 172 PHE A N     1 
ATOM   1224 C CA    . PHE A 1 172 ? -2.871  13.846  -9.233  1.00 16.65 ? 172 PHE A CA    1 
ATOM   1225 C C     . PHE A 1 172 ? -3.505  15.198  -8.992  1.00 16.92 ? 172 PHE A C     1 
ATOM   1226 O O     . PHE A 1 172 ? -2.944  16.036  -8.280  1.00 17.93 ? 172 PHE A O     1 
ATOM   1227 C CB    . PHE A 1 172 ? -3.715  12.696  -8.636  1.00 16.18 ? 172 PHE A CB    1 
ATOM   1228 C CG    . PHE A 1 172 ? -3.890  12.744  -7.123  1.00 16.79 ? 172 PHE A CG    1 
ATOM   1229 C CD1   . PHE A 1 172 ? -4.640  13.746  -6.519  1.00 17.72 ? 172 PHE A CD1   1 
ATOM   1230 C CD2   . PHE A 1 172 ? -3.357  11.740  -6.316  1.00 17.30 ? 172 PHE A CD2   1 
ATOM   1231 C CE1   . PHE A 1 172 ? -4.812  13.780  -5.143  1.00 16.92 ? 172 PHE A CE1   1 
ATOM   1232 C CE2   . PHE A 1 172 ? -3.537  11.753  -4.930  1.00 16.69 ? 172 PHE A CE2   1 
ATOM   1233 C CZ    . PHE A 1 172 ? -4.266  12.775  -4.341  1.00 17.37 ? 172 PHE A CZ    1 
ATOM   1234 N N     . THR A 1 173 ? -4.670  15.406  -9.585  1.00 17.18 ? 173 THR A N     1 
ATOM   1235 C CA    . THR A 1 173 ? -5.455  16.596  -9.343  1.00 18.17 ? 173 THR A CA    1 
ATOM   1236 C C     . THR A 1 173 ? -6.878  16.264  -8.878  1.00 18.25 ? 173 THR A C     1 
ATOM   1237 O O     . THR A 1 173 ? -7.536  15.373  -9.445  1.00 17.84 ? 173 THR A O     1 
ATOM   1238 C CB    . THR A 1 173 ? -5.550  17.457  -10.616 1.00 18.53 ? 173 THR A CB    1 
ATOM   1239 O OG1   . THR A 1 173 ? -4.227  17.754  -11.078 1.00 20.75 ? 173 THR A OG1   1 
ATOM   1240 C CG2   . THR A 1 173 ? -6.245  18.734  -10.317 1.00 18.49 ? 173 THR A CG2   1 
ATOM   1241 N N     . LEU A 1 174 ? -7.331  16.998  -7.859  1.00 18.17 ? 174 LEU A N     1 
ATOM   1242 C CA    . LEU A 1 174 ? -8.699  16.965  -7.387  1.00 18.21 ? 174 LEU A CA    1 
ATOM   1243 C C     . LEU A 1 174 ? -9.488  18.194  -7.816  1.00 18.95 ? 174 LEU A C     1 
ATOM   1244 O O     . LEU A 1 174 ? -9.047  19.337  -7.616  1.00 18.64 ? 174 LEU A O     1 
ATOM   1245 C CB    . LEU A 1 174 ? -8.742  16.896  -5.858  1.00 18.13 ? 174 LEU A CB    1 
ATOM   1246 C CG    . LEU A 1 174 ? -7.998  15.787  -5.117  1.00 17.89 ? 174 LEU A CG    1 
ATOM   1247 C CD1   . LEU A 1 174 ? -8.389  15.811  -3.628  1.00 17.09 ? 174 LEU A CD1   1 
ATOM   1248 C CD2   . LEU A 1 174 ? -8.305  14.428  -5.740  1.00 18.45 ? 174 LEU A CD2   1 
ATOM   1249 N N     . ASN A 1 175 ? -10.675 17.947  -8.360  1.00 19.40 ? 175 ASN A N     1 
ATOM   1250 C CA    . ASN A 1 175 ? -11.595 19.005  -8.749  1.00 20.59 ? 175 ASN A CA    1 
ATOM   1251 C C     . ASN A 1 175 ? -12.758 19.137  -7.785  1.00 20.50 ? 175 ASN A C     1 
ATOM   1252 O O     . ASN A 1 175 ? -13.449 18.147  -7.525  1.00 21.18 ? 175 ASN A O     1 
ATOM   1253 C CB    . ASN A 1 175 ? -12.108 18.740  -10.160 1.00 21.28 ? 175 ASN A CB    1 
ATOM   1254 C CG    . ASN A 1 175 ? -11.078 19.070  -11.214 1.00 23.47 ? 175 ASN A CG    1 
ATOM   1255 O OD1   . ASN A 1 175 ? -10.909 20.240  -11.577 1.00 29.23 ? 175 ASN A OD1   1 
ATOM   1256 N ND2   . ASN A 1 175 ? -10.368 18.063  -11.695 1.00 21.93 ? 175 ASN A ND2   1 
HETATM 1257 C C8    . LEC B 2 .   ? -2.573  -15.772 -8.178  1.00 11.47 ? 178 LEC A C8    1 
HETATM 1258 C C7    . LEC B 2 .   ? -1.124  -16.178 -7.975  1.00 16.48 ? 178 LEC A C7    1 
HETATM 1259 O O7    . LEC B 2 .   ? -0.404  -16.497 -8.947  1.00 17.93 ? 178 LEC A O7    1 
HETATM 1260 N N2    . LEC B 2 .   ? -0.706  -16.120 -6.702  1.00 13.81 ? 178 LEC A N2    1 
HETATM 1261 C C2    . LEC B 2 .   ? -1.555  -15.729 -5.552  1.00 12.43 ? 178 LEC A C2    1 
HETATM 1262 C C3    . LEC B 2 .   ? -0.875  -14.580 -4.764  1.00 12.54 ? 178 LEC A C3    1 
HETATM 1263 O O3    . LEC B 2 .   ? -0.961  -13.352 -5.519  1.00 9.25  ? 178 LEC A O3    1 
HETATM 1264 C C4    . LEC B 2 .   ? -1.463  -14.380 -3.340  1.00 10.88 ? 178 LEC A C4    1 
HETATM 1265 O O4    . LEC B 2 .   ? -0.651  -13.451 -2.591  1.00 11.78 ? 178 LEC A O4    1 
HETATM 1266 C C5    . LEC B 2 .   ? -1.573  -15.716 -2.583  1.00 11.88 ? 178 LEC A C5    1 
HETATM 1267 C C6    . LEC B 2 .   ? -2.191  -15.553 -1.163  1.00 10.50 ? 178 LEC A C6    1 
HETATM 1268 O O6    . LEC B 2 .   ? -3.570  -15.196 -1.252  1.00 10.34 ? 178 LEC A O6    1 
HETATM 1269 O O5    . LEC B 2 .   ? -2.342  -16.702 -3.336  1.00 12.95 ? 178 LEC A O5    1 
HETATM 1270 C C1    . LEC B 2 .   ? -1.811  -16.986 -4.681  1.00 13.49 ? 178 LEC A C1    1 
HETATM 1271 O O1    . LEC B 2 .   ? -2.794  -17.772 -5.395  1.00 16.11 ? 178 LEC A O1    1 
HETATM 1272 C "C1'" . LEC B 2 .   ? -3.036  -19.070 -5.006  1.00 19.55 ? 178 LEC A "C1'" 1 
HETATM 1273 C "C2'" . LEC B 2 .   ? -3.242  -19.421 -3.677  1.00 22.75 ? 178 LEC A "C2'" 1 
HETATM 1274 C "C3'" . LEC B 2 .   ? -3.519  -20.741 -3.299  1.00 23.90 ? 178 LEC A "C3'" 1 
HETATM 1275 C "C4'" . LEC B 2 .   ? -3.606  -21.732 -4.270  1.00 24.72 ? 178 LEC A "C4'" 1 
HETATM 1276 N "N1'" . LEC B 2 .   ? -3.864  -23.016 -3.960  1.00 24.66 ? 178 LEC A "N1'" 1 
HETATM 1277 O "O2'" . LEC B 2 .   ? -3.936  -23.483 -2.637  1.00 26.47 ? 178 LEC A "O2'" 1 
HETATM 1278 O "O1'" . LEC B 2 .   ? -4.040  -23.939 -4.989  1.00 27.22 ? 178 LEC A "O1'" 1 
HETATM 1279 C "C5'" . LEC B 2 .   ? -3.404  -21.379 -5.600  1.00 22.13 ? 178 LEC A "C5'" 1 
HETATM 1280 C "C6'" . LEC B 2 .   ? -3.132  -20.066 -5.970  1.00 21.42 ? 178 LEC A "C6'" 1 
HETATM 1281 O O     . HOH C 3 .   ? 9.034   2.403   -10.968 1.00 40.85 ? 179 HOH A O     1 
HETATM 1282 O O     . HOH C 3 .   ? 6.482   2.669   -12.480 1.00 37.40 ? 180 HOH A O     1 
HETATM 1283 O O     . HOH C 3 .   ? 6.047   -22.344 -10.605 1.00 34.06 ? 181 HOH A O     1 
HETATM 1284 O O     . HOH C 3 .   ? -5.251  -7.661  8.596   1.00 35.16 ? 182 HOH A O     1 
HETATM 1285 O O     . HOH C 3 .   ? 0.917   -5.202  -11.646 1.00 27.13 ? 183 HOH A O     1 
HETATM 1286 O O     . HOH C 3 .   ? 3.891   -31.521 -7.278  1.00 29.04 ? 184 HOH A O     1 
HETATM 1287 O O     . HOH C 3 .   ? -1.292  -25.964 1.727   1.00 37.03 ? 185 HOH A O     1 
HETATM 1288 O O     . HOH C 3 .   ? 2.152   -1.316  16.195  1.00 46.44 ? 186 HOH A O     1 
HETATM 1289 O O     . HOH C 3 .   ? -0.641  16.966  -10.153 1.00 36.05 ? 187 HOH A O     1 
HETATM 1290 O O     . HOH C 3 .   ? -9.705  -1.506  1.025   1.00 35.47 ? 188 HOH A O     1 
HETATM 1291 O O     . HOH C 3 .   ? -16.637 10.594  -3.905  1.00 45.80 ? 189 HOH A O     1 
HETATM 1292 O O     . HOH C 3 .   ? -11.914 12.869  10.814  1.00 30.72 ? 190 HOH A O     1 
HETATM 1293 O O     . HOH C 3 .   ? -2.406  -4.228  -12.330 1.00 37.74 ? 191 HOH A O     1 
HETATM 1294 O O     . HOH C 3 .   ? -2.523  22.921  -5.260  1.00 38.70 ? 192 HOH A O     1 
HETATM 1295 O O     . HOH C 3 .   ? -5.421  5.296   6.591   1.00 9.72  ? 193 HOH A O     1 
HETATM 1296 O O     . HOH C 3 .   ? 11.445  -24.912 -5.425  1.00 33.04 ? 194 HOH A O     1 
HETATM 1297 O O     . HOH C 3 .   ? 7.371   -27.629 -6.247  1.00 41.26 ? 195 HOH A O     1 
HETATM 1298 O O     . HOH C 3 .   ? 11.090  4.877   -2.811  1.00 31.22 ? 196 HOH A O     1 
HETATM 1299 O O     . HOH C 3 .   ? -2.335  26.412  1.340   1.00 41.94 ? 197 HOH A O     1 
HETATM 1300 O O     . HOH C 3 .   ? -4.418  -8.511  3.487   1.00 10.67 ? 198 HOH A O     1 
HETATM 1301 O O     . HOH C 3 .   ? 5.080   -19.236 13.052  1.00 10.75 ? 199 HOH A O     1 
HETATM 1302 O O     . HOH C 3 .   ? -18.784 11.215  -5.374  1.00 39.21 ? 200 HOH A O     1 
HETATM 1303 O O     . HOH C 3 .   ? -0.115  25.309  2.919   1.00 26.24 ? 201 HOH A O     1 
HETATM 1304 O O     . HOH C 3 .   ? -1.267  25.928  5.124   1.00 40.00 ? 202 HOH A O     1 
HETATM 1305 O O     . HOH C 3 .   ? -8.559  -7.126  -6.699  1.00 11.11 ? 203 HOH A O     1 
HETATM 1306 O O     . HOH C 3 .   ? -9.172  6.509   16.964  1.00 54.55 ? 204 HOH A O     1 
HETATM 1307 O O     . HOH C 3 .   ? -3.790  24.003  -7.489  1.00 40.89 ? 205 HOH A O     1 
HETATM 1308 O O     . HOH C 3 .   ? 1.809   22.779  -8.370  1.00 36.36 ? 206 HOH A O     1 
HETATM 1309 O O     . HOH C 3 .   ? -3.106  25.802  6.665   1.00 38.15 ? 207 HOH A O     1 
HETATM 1310 O O     . HOH C 3 .   ? 1.819   2.073   13.080  1.00 11.14 ? 208 HOH A O     1 
HETATM 1311 O O     . HOH C 3 .   ? -8.321  4.598   -5.177  1.00 10.40 ? 209 HOH A O     1 
HETATM 1312 O O     . HOH C 3 .   ? -3.647  9.248   -9.913  1.00 15.41 ? 210 HOH A O     1 
HETATM 1313 O O     . HOH C 3 .   ? 2.512   2.425   9.257   1.00 13.20 ? 211 HOH A O     1 
HETATM 1314 O O     . HOH C 3 .   ? -0.268  -24.417 -2.316  1.00 15.96 ? 212 HOH A O     1 
HETATM 1315 O O     . HOH C 3 .   ? -8.716  -2.853  8.013   1.00 8.82  ? 213 HOH A O     1 
HETATM 1316 O O     . HOH C 3 .   ? -5.575  -12.075 -2.445  1.00 9.18  ? 214 HOH A O     1 
HETATM 1317 O O     . HOH C 3 .   ? -4.801  -11.086 6.943   1.00 21.34 ? 215 HOH A O     1 
HETATM 1318 O O     . HOH C 3 .   ? -1.729  9.072   -7.859  1.00 11.97 ? 216 HOH A O     1 
HETATM 1319 O O     . HOH C 3 .   ? 16.611  -10.970 -3.969  1.00 12.50 ? 217 HOH A O     1 
HETATM 1320 O O     . HOH C 3 .   ? -7.585  -2.141  -0.619  1.00 12.01 ? 218 HOH A O     1 
HETATM 1321 O O     . HOH C 3 .   ? 5.809   -9.302  -11.045 1.00 14.42 ? 219 HOH A O     1 
HETATM 1322 O O     . HOH C 3 .   ? 10.965  -9.359  6.476   1.00 14.64 ? 220 HOH A O     1 
HETATM 1323 O O     . HOH C 3 .   ? 10.403  -23.678 1.608   1.00 16.45 ? 221 HOH A O     1 
HETATM 1324 O O     . HOH C 3 .   ? -4.818  -2.812  -0.351  1.00 16.07 ? 222 HOH A O     1 
HETATM 1325 O O     . HOH C 3 .   ? 8.519   3.858   -5.329  1.00 17.11 ? 223 HOH A O     1 
HETATM 1326 O O     . HOH C 3 .   ? 12.872  -3.213  5.169   1.00 16.97 ? 224 HOH A O     1 
HETATM 1327 O O     . HOH C 3 .   ? 15.417  1.342   -4.982  1.00 22.62 ? 225 HOH A O     1 
HETATM 1328 O O     . HOH C 3 .   ? 8.312   4.811   -7.795  1.00 16.75 ? 226 HOH A O     1 
HETATM 1329 O O     . HOH C 3 .   ? -7.099  -1.886  10.127  1.00 21.42 ? 227 HOH A O     1 
HETATM 1330 O O     . HOH C 3 .   ? 16.733  -11.164 3.364   1.00 15.09 ? 228 HOH A O     1 
HETATM 1331 O O     . HOH C 3 .   ? 12.811  -21.493 4.389   1.00 9.79  ? 229 HOH A O     1 
HETATM 1332 O O     . HOH C 3 .   ? 3.520   5.476   14.531  1.00 22.72 ? 230 HOH A O     1 
HETATM 1333 O O     . HOH C 3 .   ? 6.211   -1.255  -10.586 1.00 13.83 ? 231 HOH A O     1 
HETATM 1334 O O     . HOH C 3 .   ? -5.889  -13.645 1.126   1.00 21.97 ? 232 HOH A O     1 
HETATM 1335 O O     . HOH C 3 .   ? -4.617  -1.776  -10.054 1.00 22.18 ? 233 HOH A O     1 
HETATM 1336 O O     . HOH C 3 .   ? 12.186  -0.752  -9.456  1.00 19.54 ? 234 HOH A O     1 
HETATM 1337 O O     . HOH C 3 .   ? 12.914  -16.354 -9.351  1.00 22.79 ? 235 HOH A O     1 
HETATM 1338 O O     . HOH C 3 .   ? 7.250   -22.922 6.536   1.00 18.39 ? 236 HOH A O     1 
HETATM 1339 O O     . HOH C 3 .   ? 8.589   11.909  -0.910  1.00 26.90 ? 237 HOH A O     1 
HETATM 1340 O O     . HOH C 3 .   ? 7.914   -0.964  13.689  1.00 21.62 ? 238 HOH A O     1 
HETATM 1341 O O     . HOH C 3 .   ? 13.861  -22.364 6.985   1.00 23.52 ? 239 HOH A O     1 
HETATM 1342 O O     . HOH C 3 .   ? 12.482  0.525   1.984   1.00 17.90 ? 240 HOH A O     1 
HETATM 1343 O O     . HOH C 3 .   ? -9.207  -6.654  5.492   1.00 20.40 ? 241 HOH A O     1 
HETATM 1344 O O     . HOH C 3 .   ? 2.999   11.202  11.914  1.00 20.50 ? 242 HOH A O     1 
HETATM 1345 O O     . HOH C 3 .   ? 9.843   2.886   4.302   1.00 27.71 ? 243 HOH A O     1 
HETATM 1346 O O     . HOH C 3 .   ? 2.320   -9.807  -12.083 1.00 20.96 ? 244 HOH A O     1 
HETATM 1347 O O     . HOH C 3 .   ? 4.867   1.086   -10.999 1.00 19.12 ? 245 HOH A O     1 
HETATM 1348 O O     . HOH C 3 .   ? 2.086   -16.431 -11.669 1.00 19.04 ? 246 HOH A O     1 
HETATM 1349 O O     . HOH C 3 .   ? 6.372   -5.068  -7.283  1.00 16.23 ? 247 HOH A O     1 
HETATM 1350 O O     . HOH C 3 .   ? 10.091  -22.822 4.239   1.00 15.30 ? 248 HOH A O     1 
HETATM 1351 O O     . HOH C 3 .   ? -11.629 15.860  -12.126 1.00 24.58 ? 249 HOH A O     1 
HETATM 1352 O O     . HOH C 3 .   ? -4.784  15.717  -16.181 1.00 25.96 ? 250 HOH A O     1 
HETATM 1353 O O     . HOH C 3 .   ? 12.880  -3.778  -9.541  1.00 19.69 ? 251 HOH A O     1 
HETATM 1354 O O     . HOH C 3 .   ? -11.911 5.461   7.594   1.00 34.50 ? 252 HOH A O     1 
HETATM 1355 O O     . HOH C 3 .   ? 4.012   -7.722  12.138  1.00 21.13 ? 253 HOH A O     1 
HETATM 1356 O O     . HOH C 3 .   ? -16.594 12.696  3.124   1.00 24.46 ? 254 HOH A O     1 
HETATM 1357 O O     . HOH C 3 .   ? 8.781   5.508   -2.712  1.00 27.91 ? 255 HOH A O     1 
HETATM 1358 O O     . HOH C 3 .   ? 6.415   10.337  3.065   1.00 34.99 ? 256 HOH A O     1 
HETATM 1359 O O     . HOH C 3 .   ? -1.540  -1.927  -10.476 1.00 19.65 ? 257 HOH A O     1 
HETATM 1360 O O     . HOH C 3 .   ? -1.929  -22.025 4.452   1.00 21.72 ? 258 HOH A O     1 
HETATM 1361 O O     . HOH C 3 .   ? 0.444   -4.914  13.412  1.00 22.89 ? 259 HOH A O     1 
HETATM 1362 O O     . HOH C 3 .   ? 15.314  -19.164 2.139   1.00 26.06 ? 260 HOH A O     1 
HETATM 1363 O O     . HOH C 3 .   ? -5.991  0.752   -10.633 1.00 31.69 ? 261 HOH A O     1 
HETATM 1364 O O     . HOH C 3 .   ? -11.343 -0.632  5.958   1.00 25.31 ? 262 HOH A O     1 
HETATM 1365 O O     . HOH C 3 .   ? 3.702   14.706  3.221   1.00 14.93 ? 263 HOH A O     1 
HETATM 1366 O O     . HOH C 3 .   ? -3.091  -6.616  -11.470 1.00 34.40 ? 264 HOH A O     1 
HETATM 1367 O O     . HOH C 3 .   ? -9.237  6.318   -15.453 1.00 34.68 ? 265 HOH A O     1 
HETATM 1368 O O     . HOH C 3 .   ? 12.911  -7.217  6.386   1.00 20.52 ? 266 HOH A O     1 
HETATM 1369 O O     . HOH C 3 .   ? 15.628  -13.302 -5.315  1.00 18.28 ? 267 HOH A O     1 
HETATM 1370 O O     . HOH C 3 .   ? 15.814  -6.521  -6.800  1.00 35.10 ? 268 HOH A O     1 
HETATM 1371 O O     . HOH C 3 .   ? 11.329  -4.056  12.041  1.00 23.22 ? 269 HOH A O     1 
HETATM 1372 O O     . HOH C 3 .   ? 7.541   5.428   9.140   1.00 17.25 ? 270 HOH A O     1 
HETATM 1373 O O     . HOH C 3 .   ? 14.207  -2.850  -0.858  1.00 28.08 ? 271 HOH A O     1 
HETATM 1374 O O     . HOH C 3 .   ? -0.699  -9.143  -11.030 1.00 19.73 ? 272 HOH A O     1 
HETATM 1375 O O     . HOH C 3 .   ? 12.803  -25.370 -1.146  1.00 24.91 ? 273 HOH A O     1 
HETATM 1376 O O     . HOH C 3 .   ? -2.877  -4.840  11.394  1.00 31.53 ? 274 HOH A O     1 
HETATM 1377 O O     . HOH C 3 .   ? 7.089   11.767  7.951   1.00 22.16 ? 275 HOH A O     1 
HETATM 1378 O O     . HOH C 3 .   ? -0.125  -20.428 -8.161  1.00 19.01 ? 276 HOH A O     1 
HETATM 1379 O O     . HOH C 3 .   ? -11.143 7.637   14.413  1.00 28.48 ? 277 HOH A O     1 
HETATM 1380 O O     . HOH C 3 .   ? -14.358 6.667   -0.635  1.00 30.88 ? 278 HOH A O     1 
HETATM 1381 O O     . HOH C 3 .   ? 12.396  -19.608 -5.632  1.00 29.57 ? 279 HOH A O     1 
HETATM 1382 O O     . HOH C 3 .   ? 2.437   17.646  -3.224  1.00 27.61 ? 280 HOH A O     1 
HETATM 1383 O O     . HOH C 3 .   ? 18.891  -17.798 6.023   1.00 24.66 ? 281 HOH A O     1 
HETATM 1384 O O     . HOH C 3 .   ? -14.297 8.990   12.949  1.00 22.80 ? 282 HOH A O     1 
HETATM 1385 O O     . HOH C 3 .   ? -4.165  7.891   13.460  1.00 27.65 ? 283 HOH A O     1 
HETATM 1386 O O     . HOH C 3 .   ? 16.409  -3.093  -6.452  1.00 27.01 ? 284 HOH A O     1 
HETATM 1387 O O     . HOH C 3 .   ? -12.015 -10.392 0.766   1.00 21.50 ? 285 HOH A O     1 
HETATM 1388 O O     . HOH C 3 .   ? -2.985  20.636  -2.353  1.00 33.02 ? 286 HOH A O     1 
HETATM 1389 O O     . HOH C 3 .   ? 10.309  -20.803 -5.108  1.00 27.70 ? 287 HOH A O     1 
HETATM 1390 O O     . HOH C 3 .   ? -17.969 7.447   12.737  1.00 27.80 ? 288 HOH A O     1 
HETATM 1391 O O     . HOH C 3 .   ? 0.422   -23.333 -7.281  1.00 25.44 ? 289 HOH A O     1 
HETATM 1392 O O     . HOH C 3 .   ? 8.565   4.776   -0.319  1.00 31.50 ? 290 HOH A O     1 
HETATM 1393 O O     . HOH C 3 .   ? -11.538 1.330   -9.465  1.00 21.43 ? 291 HOH A O     1 
HETATM 1394 O O     . HOH C 3 .   ? -1.380  -24.270 0.255   1.00 21.52 ? 292 HOH A O     1 
HETATM 1395 O O     . HOH C 3 .   ? -2.917  -16.823 8.450   1.00 20.35 ? 293 HOH A O     1 
HETATM 1396 O O     . HOH C 3 .   ? 15.040  -19.698 -0.908  1.00 21.93 ? 294 HOH A O     1 
HETATM 1397 O O     . HOH C 3 .   ? 16.112  -17.714 -4.359  1.00 23.57 ? 295 HOH A O     1 
HETATM 1398 O O     . HOH C 3 .   ? 7.023   -5.949  -11.442 1.00 26.05 ? 296 HOH A O     1 
HETATM 1399 O O     . HOH C 3 .   ? 0.624   -7.646  -12.805 1.00 26.56 ? 297 HOH A O     1 
HETATM 1400 O O     . HOH C 3 .   ? 2.066   3.443   -13.492 1.00 32.38 ? 298 HOH A O     1 
HETATM 1401 O O     . HOH C 3 .   ? 16.777  -12.676 9.466   1.00 28.17 ? 299 HOH A O     1 
HETATM 1402 O O     . HOH C 3 .   ? -13.113 9.139   -9.031  1.00 26.14 ? 300 HOH A O     1 
HETATM 1403 O O     . HOH C 3 .   ? -14.327 4.722   -3.405  1.00 30.51 ? 301 HOH A O     1 
HETATM 1404 O O     . HOH C 3 .   ? -1.050  -14.111 -11.874 1.00 23.47 ? 302 HOH A O     1 
HETATM 1405 O O     . HOH C 3 .   ? -3.263  -14.872 -10.746 1.00 16.78 ? 303 HOH A O     1 
HETATM 1406 O O     . HOH C 3 .   ? -9.146  14.149  12.596  1.00 26.49 ? 304 HOH A O     1 
HETATM 1407 O O     . HOH C 3 .   ? -6.189  5.562   13.801  1.00 30.24 ? 305 HOH A O     1 
HETATM 1408 O O     . HOH C 3 .   ? -4.111  -13.297 -6.737  1.00 30.69 ? 306 HOH A O     1 
HETATM 1409 O O     . HOH C 3 .   ? -5.115  -13.705 -4.383  1.00 18.75 ? 307 HOH A O     1 
HETATM 1410 O O     . HOH C 3 .   ? -1.906  6.816   14.497  1.00 27.68 ? 308 HOH A O     1 
HETATM 1411 O O     . HOH C 3 .   ? -7.228  -23.655 -4.124  1.00 32.57 ? 309 HOH A O     1 
HETATM 1412 O O     . HOH C 3 .   ? 0.562   22.910  1.240   1.00 27.97 ? 310 HOH A O     1 
HETATM 1413 O O     . HOH C 3 .   ? -0.921  23.730  -1.034  1.00 26.55 ? 311 HOH A O     1 
HETATM 1414 O O     . HOH C 3 .   ? -0.740  -24.309 -5.297  1.00 40.06 ? 312 HOH A O     1 
HETATM 1415 O O     . HOH C 3 .   ? 2.483   -25.992 3.464   1.00 30.65 ? 313 HOH A O     1 
HETATM 1416 O O     . HOH C 3 .   ? -0.237  -25.947 4.171   1.00 33.17 ? 314 HOH A O     1 
HETATM 1417 O O     . HOH C 3 .   ? 1.024   -29.800 0.776   1.00 34.08 ? 315 HOH A O     1 
HETATM 1418 O O     . HOH C 3 .   ? -12.551 2.935   0.221   1.00 24.45 ? 316 HOH A O     1 
HETATM 1419 O O     . HOH C 3 .   ? 15.493  -11.024 5.888   1.00 23.11 ? 317 HOH A O     1 
HETATM 1420 O O     . HOH C 3 .   ? 16.770  -13.307 6.603   1.00 34.49 ? 318 HOH A O     1 
HETATM 1421 O O     . HOH C 3 .   ? 15.205  -5.572  1.320   1.00 19.99 ? 319 HOH A O     1 
HETATM 1422 O O     . HOH C 3 .   ? 16.256  -20.840 -2.639  1.00 38.71 ? 320 HOH A O     1 
HETATM 1423 O O     . HOH C 3 .   ? 8.214   -2.545  -13.086 1.00 27.13 ? 321 HOH A O     1 
HETATM 1424 O O     . HOH C 3 .   ? 3.663   5.447   -13.324 1.00 32.50 ? 322 HOH A O     1 
HETATM 1425 O O     . HOH C 3 .   ? -12.470 5.687   1.086   1.00 21.41 ? 323 HOH A O     1 
HETATM 1426 O O     . HOH C 3 .   ? -2.066  -11.224 -12.381 1.00 30.44 ? 324 HOH A O     1 
HETATM 1427 O O     . HOH C 3 .   ? -0.087  -17.471 -13.137 1.00 33.04 ? 325 HOH A O     1 
HETATM 1428 O O     . HOH C 3 .   ? -0.379  -14.799 -14.303 1.00 35.83 ? 326 HOH A O     1 
HETATM 1429 O O     . HOH C 3 .   ? 4.298   -25.558 5.617   1.00 28.19 ? 327 HOH A O     1 
HETATM 1430 O O     . HOH C 3 .   ? -5.570  12.252  14.780  1.00 37.42 ? 328 HOH A O     1 
HETATM 1431 O O     . HOH C 3 .   ? -5.710  1.047   11.456  1.00 29.62 ? 329 HOH A O     1 
HETATM 1432 O O     . HOH C 3 .   ? -6.447  -21.834 -2.236  1.00 32.97 ? 330 HOH A O     1 
HETATM 1433 O O     . HOH C 3 .   ? -4.114  -19.077 0.078   1.00 30.23 ? 331 HOH A O     1 
HETATM 1434 O O     . HOH C 3 .   ? -4.462  -16.938 4.593   1.00 26.52 ? 332 HOH A O     1 
HETATM 1435 O O     . HOH C 3 .   ? -6.061  -14.112 6.096   1.00 31.26 ? 333 HOH A O     1 
HETATM 1436 O O     . HOH C 3 .   ? -5.963  -10.355 4.709   1.00 25.45 ? 334 HOH A O     1 
HETATM 1437 O O     . HOH C 3 .   ? -11.918 -3.757  -3.262  1.00 32.15 ? 335 HOH A O     1 
HETATM 1438 O O     . HOH C 3 .   ? 3.029   -26.450 -8.463  1.00 36.58 ? 336 HOH A O     1 
HETATM 1439 O O     . HOH C 3 .   ? 2.137   20.815  -6.390  1.00 33.79 ? 337 HOH A O     1 
HETATM 1440 O O     . HOH C 3 .   ? 12.750  -4.952  7.628   1.00 27.92 ? 338 HOH A O     1 
HETATM 1441 O O     . HOH C 3 .   ? 12.688  -0.614  9.154   1.00 28.95 ? 339 HOH A O     1 
HETATM 1442 O O     . HOH C 3 .   ? 12.799  -11.259 6.557   1.00 35.14 ? 340 HOH A O     1 
HETATM 1443 O O     . HOH C 3 .   ? 16.826  -21.479 6.842   1.00 26.80 ? 341 HOH A O     1 
HETATM 1444 O O     . HOH C 3 .   ? 18.486  -8.462  0.738   1.00 31.36 ? 342 HOH A O     1 
HETATM 1445 O O     . HOH C 3 .   ? 16.737  -9.225  -6.014  1.00 27.68 ? 343 HOH A O     1 
HETATM 1446 O O     . HOH C 3 .   ? -1.552  13.650  14.453  1.00 36.52 ? 344 HOH A O     1 
HETATM 1447 O O     . HOH C 3 .   ? 13.379  -26.213 -3.666  1.00 28.60 ? 345 HOH A O     1 
HETATM 1448 O O     . HOH C 3 .   ? -2.482  3.070   -11.666 1.00 34.06 ? 346 HOH A O     1 
HETATM 1449 O O     . HOH C 3 .   ? -5.133  3.070   -11.810 1.00 28.54 ? 347 HOH A O     1 
HETATM 1450 O O     . HOH C 3 .   ? 0.721   6.276   -15.017 1.00 21.94 ? 348 HOH A O     1 
HETATM 1451 O O     . HOH C 3 .   ? 5.064   -3.487  -11.327 1.00 25.26 ? 349 HOH A O     1 
HETATM 1452 O O     . HOH C 3 .   ? -7.574  -6.174  -10.039 1.00 26.66 ? 350 HOH A O     1 
HETATM 1453 O O     . HOH C 3 .   ? -17.236 8.805   9.607   1.00 32.01 ? 351 HOH A O     1 
HETATM 1454 O O     . HOH C 3 .   ? -16.560 13.297  7.164   1.00 29.59 ? 352 HOH A O     1 
HETATM 1455 O O     . HOH C 3 .   ? 4.115   8.655   14.659  1.00 33.67 ? 353 HOH A O     1 
HETATM 1456 O O     . HOH C 3 .   ? 5.205   15.503  -9.433  1.00 26.94 ? 354 HOH A O     1 
HETATM 1457 O O     . HOH C 3 .   ? 5.938   13.579  -11.483 1.00 30.80 ? 355 HOH A O     1 
HETATM 1458 O O     . HOH C 3 .   ? 2.355   -19.090 13.281  1.00 23.49 ? 356 HOH A O     1 
HETATM 1459 O O     . HOH C 3 .   ? -20.285 7.453   10.721  1.00 26.05 ? 357 HOH A O     1 
HETATM 1460 O O     . HOH C 3 .   ? 12.939  -8.813  -9.194  1.00 24.33 ? 358 HOH A O     1 
HETATM 1461 O O     . HOH C 3 .   ? -18.152 11.634  -0.101  1.00 33.06 ? 359 HOH A O     1 
# 
